data_3L2A
# 
_entry.id   3L2A 
# 
_audit_conform.dict_name       mmcif_pdbx.dic 
_audit_conform.dict_version    5.378 
_audit_conform.dict_location   http://mmcif.pdb.org/dictionaries/ascii/mmcif_pdbx.dic 
# 
loop_
_database_2.database_id 
_database_2.database_code 
_database_2.pdbx_database_accession 
_database_2.pdbx_DOI 
PDB   3L2A         pdb_00003l2a 10.2210/pdb3l2a/pdb 
RCSB  RCSB056742   ?            ?                   
WWPDB D_1000056742 ?            ?                   
# 
loop_
_pdbx_database_related.db_name 
_pdbx_database_related.db_id 
_pdbx_database_related.details 
_pdbx_database_related.content_type 
PDB 3FKE 'wildtype Zaire Ebola VP35 interferon inhibitory domain' unspecified 
PDB 3L25 .                                                        unspecified 
PDB 3L26 .                                                        unspecified 
PDB 3L27 .                                                        unspecified 
PDB 3L28 .                                                        unspecified 
PDB 3L29 .                                                        unspecified 
# 
_pdbx_database_status.status_code                     REL 
_pdbx_database_status.entry_id                        3L2A 
_pdbx_database_status.recvd_initial_deposition_date   2009-12-14 
_pdbx_database_status.deposit_site                    RCSB 
_pdbx_database_status.process_site                    RCSB 
_pdbx_database_status.status_code_sf                  REL 
_pdbx_database_status.status_code_mr                  ? 
_pdbx_database_status.SG_entry                        ? 
_pdbx_database_status.pdb_format_compatible           Y 
_pdbx_database_status.status_code_cs                  ? 
_pdbx_database_status.status_code_nmr_data            ? 
_pdbx_database_status.methods_development_category    ? 
# 
loop_
_audit_author.name 
_audit_author.pdbx_ordinal 
'Leung, D.W.'       1 
'Farahbakhsh, M.'   2 
'Borek, D.M.'       3 
'Prins, K.C.'       4 
'Basler, C.F.'      5 
'Amarasinghe, G.K.' 6 
# 
_citation.id                        primary 
_citation.title                     
'Structural and Functional Characterization of Reston Ebola Virus VP35 Interferon Inhibitory Domain.' 
_citation.journal_abbrev            J.Mol.Biol. 
_citation.journal_volume            399 
_citation.page_first                347 
_citation.page_last                 357 
_citation.year                      2010 
_citation.journal_id_ASTM           JMOBAK 
_citation.country                   UK 
_citation.journal_id_ISSN           0022-2836 
_citation.journal_id_CSD            0070 
_citation.book_publisher            ? 
_citation.pdbx_database_id_PubMed   20399790 
_citation.pdbx_database_id_DOI      10.1016/j.jmb.2010.04.022 
# 
loop_
_citation_author.citation_id 
_citation_author.name 
_citation_author.ordinal 
_citation_author.identifier_ORCID 
primary 'Leung, D.W.'       1 ? 
primary 'Shabman, R.S.'     2 ? 
primary 'Farahbakhsh, M.'   3 ? 
primary 'Prins, K.C.'       4 ? 
primary 'Borek, D.M.'       5 ? 
primary 'Wang, T.'          6 ? 
primary 'Muhlberger, E.'    7 ? 
primary 'Basler, C.F.'      8 ? 
primary 'Amarasinghe, G.K.' 9 ? 
# 
_cell.entry_id           3L2A 
_cell.length_a           51.551 
_cell.length_b           51.551 
_cell.length_c           50.865 
_cell.angle_alpha        90.00 
_cell.angle_beta         90.00 
_cell.angle_gamma        90.00 
_cell.Z_PDB              4 
_cell.pdbx_unique_axis   ? 
_cell.length_a_esd       ? 
_cell.length_b_esd       ? 
_cell.length_c_esd       ? 
_cell.angle_alpha_esd    ? 
_cell.angle_beta_esd     ? 
_cell.angle_gamma_esd    ? 
# 
_symmetry.entry_id                         3L2A 
_symmetry.space_group_name_H-M             'P 41' 
_symmetry.pdbx_full_space_group_name_H-M   ? 
_symmetry.cell_setting                     ? 
_symmetry.Int_Tables_number                76 
_symmetry.space_group_name_Hall            ? 
# 
loop_
_entity.id 
_entity.type 
_entity.src_method 
_entity.pdbx_description 
_entity.formula_weight 
_entity.pdbx_number_of_molecules 
_entity.pdbx_ec 
_entity.pdbx_mutation 
_entity.pdbx_fragment 
_entity.details 
1 polymer     man 'Polymerase cofactor VP35' 14345.812 1  ? ? 'Reston Ebola VP35 interferon inhibitory domain' ? 
2 non-polymer syn 'ACETIC ACID'              60.052    2  ? ? ?                                                ? 
3 non-polymer syn GLYCEROL                   92.094    1  ? ? ?                                                ? 
4 water       nat water                      18.015    93 ? ? ?                                                ? 
# 
_entity_poly.entity_id                      1 
_entity_poly.type                           'polypeptide(L)' 
_entity_poly.nstd_linkage                   no 
_entity_poly.nstd_monomer                   no 
_entity_poly.pdbx_seq_one_letter_code       
;GHMGKPYISAKDLKEIMYDHLPGFGTAFHQLVQVICKIGKDNNLLDTIHAEFQASLADGDSPQCALIQITKRVPIFQDVP
PPIIHIRSRGDIPRACQKSLRPAPPSPKIDRGWVCLFKMQDGKTLGLKI
;
_entity_poly.pdbx_seq_one_letter_code_can   
;GHMGKPYISAKDLKEIMYDHLPGFGTAFHQLVQVICKIGKDNNLLDTIHAEFQASLADGDSPQCALIQITKRVPIFQDVP
PPIIHIRSRGDIPRACQKSLRPAPPSPKIDRGWVCLFKMQDGKTLGLKI
;
_entity_poly.pdbx_strand_id                 A 
_entity_poly.pdbx_target_identifier         ? 
# 
loop_
_entity_poly_seq.entity_id 
_entity_poly_seq.num 
_entity_poly_seq.mon_id 
_entity_poly_seq.hetero 
1 1   GLY n 
1 2   HIS n 
1 3   MET n 
1 4   GLY n 
1 5   LYS n 
1 6   PRO n 
1 7   TYR n 
1 8   ILE n 
1 9   SER n 
1 10  ALA n 
1 11  LYS n 
1 12  ASP n 
1 13  LEU n 
1 14  LYS n 
1 15  GLU n 
1 16  ILE n 
1 17  MET n 
1 18  TYR n 
1 19  ASP n 
1 20  HIS n 
1 21  LEU n 
1 22  PRO n 
1 23  GLY n 
1 24  PHE n 
1 25  GLY n 
1 26  THR n 
1 27  ALA n 
1 28  PHE n 
1 29  HIS n 
1 30  GLN n 
1 31  LEU n 
1 32  VAL n 
1 33  GLN n 
1 34  VAL n 
1 35  ILE n 
1 36  CYS n 
1 37  LYS n 
1 38  ILE n 
1 39  GLY n 
1 40  LYS n 
1 41  ASP n 
1 42  ASN n 
1 43  ASN n 
1 44  LEU n 
1 45  LEU n 
1 46  ASP n 
1 47  THR n 
1 48  ILE n 
1 49  HIS n 
1 50  ALA n 
1 51  GLU n 
1 52  PHE n 
1 53  GLN n 
1 54  ALA n 
1 55  SER n 
1 56  LEU n 
1 57  ALA n 
1 58  ASP n 
1 59  GLY n 
1 60  ASP n 
1 61  SER n 
1 62  PRO n 
1 63  GLN n 
1 64  CYS n 
1 65  ALA n 
1 66  LEU n 
1 67  ILE n 
1 68  GLN n 
1 69  ILE n 
1 70  THR n 
1 71  LYS n 
1 72  ARG n 
1 73  VAL n 
1 74  PRO n 
1 75  ILE n 
1 76  PHE n 
1 77  GLN n 
1 78  ASP n 
1 79  VAL n 
1 80  PRO n 
1 81  PRO n 
1 82  PRO n 
1 83  ILE n 
1 84  ILE n 
1 85  HIS n 
1 86  ILE n 
1 87  ARG n 
1 88  SER n 
1 89  ARG n 
1 90  GLY n 
1 91  ASP n 
1 92  ILE n 
1 93  PRO n 
1 94  ARG n 
1 95  ALA n 
1 96  CYS n 
1 97  GLN n 
1 98  LYS n 
1 99  SER n 
1 100 LEU n 
1 101 ARG n 
1 102 PRO n 
1 103 ALA n 
1 104 PRO n 
1 105 PRO n 
1 106 SER n 
1 107 PRO n 
1 108 LYS n 
1 109 ILE n 
1 110 ASP n 
1 111 ARG n 
1 112 GLY n 
1 113 TRP n 
1 114 VAL n 
1 115 CYS n 
1 116 LEU n 
1 117 PHE n 
1 118 LYS n 
1 119 MET n 
1 120 GLN n 
1 121 ASP n 
1 122 GLY n 
1 123 LYS n 
1 124 THR n 
1 125 LEU n 
1 126 GLY n 
1 127 LEU n 
1 128 LYS n 
1 129 ILE n 
# 
_entity_src_gen.entity_id                          1 
_entity_src_gen.pdbx_src_id                        1 
_entity_src_gen.pdbx_alt_source_flag               sample 
_entity_src_gen.pdbx_seq_type                      ? 
_entity_src_gen.pdbx_beg_seq_num                   ? 
_entity_src_gen.pdbx_end_seq_num                   ? 
_entity_src_gen.gene_src_common_name               REBOV 
_entity_src_gen.gene_src_genus                     ? 
_entity_src_gen.pdbx_gene_src_gene                 'REBOVgp2, VP35' 
_entity_src_gen.gene_src_species                   ? 
_entity_src_gen.gene_src_strain                    Reston-89 
_entity_src_gen.gene_src_tissue                    ? 
_entity_src_gen.gene_src_tissue_fraction           ? 
_entity_src_gen.gene_src_details                   ? 
_entity_src_gen.pdbx_gene_src_fragment             ? 
_entity_src_gen.pdbx_gene_src_scientific_name      'Reston ebolavirus' 
_entity_src_gen.pdbx_gene_src_ncbi_taxonomy_id     386032 
_entity_src_gen.pdbx_gene_src_variant              ? 
_entity_src_gen.pdbx_gene_src_cell_line            ? 
_entity_src_gen.pdbx_gene_src_atcc                 ? 
_entity_src_gen.pdbx_gene_src_organ                ? 
_entity_src_gen.pdbx_gene_src_organelle            ? 
_entity_src_gen.pdbx_gene_src_cell                 ? 
_entity_src_gen.pdbx_gene_src_cellular_location    ? 
_entity_src_gen.host_org_common_name               ? 
_entity_src_gen.pdbx_host_org_scientific_name      'Escherichia coli' 
_entity_src_gen.pdbx_host_org_ncbi_taxonomy_id     562 
_entity_src_gen.host_org_genus                     ? 
_entity_src_gen.pdbx_host_org_gene                 ? 
_entity_src_gen.pdbx_host_org_organ                ? 
_entity_src_gen.host_org_species                   ? 
_entity_src_gen.pdbx_host_org_tissue               ? 
_entity_src_gen.pdbx_host_org_tissue_fraction      ? 
_entity_src_gen.pdbx_host_org_strain               'BL21(DE3)' 
_entity_src_gen.pdbx_host_org_variant              ? 
_entity_src_gen.pdbx_host_org_cell_line            ? 
_entity_src_gen.pdbx_host_org_atcc                 ? 
_entity_src_gen.pdbx_host_org_culture_collection   ? 
_entity_src_gen.pdbx_host_org_cell                 ? 
_entity_src_gen.pdbx_host_org_organelle            ? 
_entity_src_gen.pdbx_host_org_cellular_location    ? 
_entity_src_gen.pdbx_host_org_vector_type          PLASMID 
_entity_src_gen.pdbx_host_org_vector               ? 
_entity_src_gen.host_org_details                   ? 
_entity_src_gen.expression_system_id               ? 
_entity_src_gen.plasmid_name                       'MODIFIED PET15B' 
_entity_src_gen.plasmid_details                    ? 
_entity_src_gen.pdbx_description                   ? 
# 
_struct_ref.id                         1 
_struct_ref.db_name                    UNP 
_struct_ref.db_code                    VP35_EBORR 
_struct_ref.pdbx_db_accession          Q8JPY0 
_struct_ref.entity_id                  1 
_struct_ref.pdbx_seq_one_letter_code   
;GKPYISAKDLKEIMYDHLPGFGTAFHQLVQVICKIGKDNNLLDTIHAEFQASLADGDSPQCALIQITKRVPIFQDVPPPI
IHIRSRGDIPRACQKSLRPAPPSPKIDRGWVCLFKMQDGKTLGLKI
;
_struct_ref.pdbx_align_begin           204 
_struct_ref.pdbx_db_isoform            ? 
# 
_struct_ref_seq.align_id                      1 
_struct_ref_seq.ref_id                        1 
_struct_ref_seq.pdbx_PDB_id_code              3L2A 
_struct_ref_seq.pdbx_strand_id                A 
_struct_ref_seq.seq_align_beg                 4 
_struct_ref_seq.pdbx_seq_align_beg_ins_code   ? 
_struct_ref_seq.seq_align_end                 129 
_struct_ref_seq.pdbx_seq_align_end_ins_code   ? 
_struct_ref_seq.pdbx_db_accession             Q8JPY0 
_struct_ref_seq.db_align_beg                  204 
_struct_ref_seq.pdbx_db_align_beg_ins_code    ? 
_struct_ref_seq.db_align_end                  329 
_struct_ref_seq.pdbx_db_align_end_ins_code    ? 
_struct_ref_seq.pdbx_auth_seq_align_beg       204 
_struct_ref_seq.pdbx_auth_seq_align_end       329 
# 
loop_
_struct_ref_seq_dif.align_id 
_struct_ref_seq_dif.pdbx_pdb_id_code 
_struct_ref_seq_dif.mon_id 
_struct_ref_seq_dif.pdbx_pdb_strand_id 
_struct_ref_seq_dif.seq_num 
_struct_ref_seq_dif.pdbx_pdb_ins_code 
_struct_ref_seq_dif.pdbx_seq_db_name 
_struct_ref_seq_dif.pdbx_seq_db_accession_code 
_struct_ref_seq_dif.db_mon_id 
_struct_ref_seq_dif.pdbx_seq_db_seq_num 
_struct_ref_seq_dif.details 
_struct_ref_seq_dif.pdbx_auth_seq_num 
_struct_ref_seq_dif.pdbx_ordinal 
1 3L2A GLY A 1 ? UNP Q8JPY0 ? ? 'expression tag' 201 1 
1 3L2A HIS A 2 ? UNP Q8JPY0 ? ? 'expression tag' 202 2 
1 3L2A MET A 3 ? UNP Q8JPY0 ? ? 'expression tag' 203 3 
# 
loop_
_chem_comp.id 
_chem_comp.type 
_chem_comp.mon_nstd_flag 
_chem_comp.name 
_chem_comp.pdbx_synonyms 
_chem_comp.formula 
_chem_comp.formula_weight 
ACY non-polymer         . 'ACETIC ACID'   ?                               'C2 H4 O2'       60.052  
ALA 'L-peptide linking' y ALANINE         ?                               'C3 H7 N O2'     89.093  
ARG 'L-peptide linking' y ARGININE        ?                               'C6 H15 N4 O2 1' 175.209 
ASN 'L-peptide linking' y ASPARAGINE      ?                               'C4 H8 N2 O3'    132.118 
ASP 'L-peptide linking' y 'ASPARTIC ACID' ?                               'C4 H7 N O4'     133.103 
CYS 'L-peptide linking' y CYSTEINE        ?                               'C3 H7 N O2 S'   121.158 
GLN 'L-peptide linking' y GLUTAMINE       ?                               'C5 H10 N2 O3'   146.144 
GLU 'L-peptide linking' y 'GLUTAMIC ACID' ?                               'C5 H9 N O4'     147.129 
GLY 'peptide linking'   y GLYCINE         ?                               'C2 H5 N O2'     75.067  
GOL non-polymer         . GLYCEROL        'GLYCERIN; PROPANE-1,2,3-TRIOL' 'C3 H8 O3'       92.094  
HIS 'L-peptide linking' y HISTIDINE       ?                               'C6 H10 N3 O2 1' 156.162 
HOH non-polymer         . WATER           ?                               'H2 O'           18.015  
ILE 'L-peptide linking' y ISOLEUCINE      ?                               'C6 H13 N O2'    131.173 
LEU 'L-peptide linking' y LEUCINE         ?                               'C6 H13 N O2'    131.173 
LYS 'L-peptide linking' y LYSINE          ?                               'C6 H15 N2 O2 1' 147.195 
MET 'L-peptide linking' y METHIONINE      ?                               'C5 H11 N O2 S'  149.211 
PHE 'L-peptide linking' y PHENYLALANINE   ?                               'C9 H11 N O2'    165.189 
PRO 'L-peptide linking' y PROLINE         ?                               'C5 H9 N O2'     115.130 
SER 'L-peptide linking' y SERINE          ?                               'C3 H7 N O3'     105.093 
THR 'L-peptide linking' y THREONINE       ?                               'C4 H9 N O3'     119.119 
TRP 'L-peptide linking' y TRYPTOPHAN      ?                               'C11 H12 N2 O2'  204.225 
TYR 'L-peptide linking' y TYROSINE        ?                               'C9 H11 N O3'    181.189 
VAL 'L-peptide linking' y VALINE          ?                               'C5 H11 N O2'    117.146 
# 
_exptl.entry_id          3L2A 
_exptl.method            'X-RAY DIFFRACTION' 
_exptl.crystals_number   1 
# 
_exptl_crystal.id                    1 
_exptl_crystal.density_meas          ? 
_exptl_crystal.density_Matthews      2.36 
_exptl_crystal.density_percent_sol   47.78 
_exptl_crystal.description           ? 
_exptl_crystal.F_000                 ? 
_exptl_crystal.preparation           ? 
# 
_exptl_crystal_grow.crystal_id      1 
_exptl_crystal_grow.method          'VAPOR DIFFUSION, HANGING DROP' 
_exptl_crystal_grow.temp            293 
_exptl_crystal_grow.temp_details    ? 
_exptl_crystal_grow.pH              3.0 
_exptl_crystal_grow.pdbx_details    
'16% PEG3350, 0.1M SODIUM ACETATE, 14% TACSIMATE, pH 3.0, VAPOR DIFFUSION, HANGING DROP, temperature 293K' 
_exptl_crystal_grow.pdbx_pH_range   ? 
# 
_diffrn.id                     1 
_diffrn.ambient_temp           100 
_diffrn.ambient_temp_details   ? 
_diffrn.crystal_id             1 
# 
_diffrn_detector.diffrn_id              1 
_diffrn_detector.detector               CCD 
_diffrn_detector.type                   'ADSC QUANTUM 315r' 
_diffrn_detector.pdbx_collection_date   2009-11-22 
_diffrn_detector.details                ? 
# 
_diffrn_radiation.diffrn_id                        1 
_diffrn_radiation.wavelength_id                    1 
_diffrn_radiation.pdbx_monochromatic_or_laue_m_l   M 
_diffrn_radiation.monochromator                    'DOUBLE CRYSTAL' 
_diffrn_radiation.pdbx_diffrn_protocol             'SINGLE WAVELENGTH' 
_diffrn_radiation.pdbx_scattering_type             x-ray 
# 
_diffrn_radiation_wavelength.id           1 
_diffrn_radiation_wavelength.wavelength   0.979 
_diffrn_radiation_wavelength.wt           1.0 
# 
_diffrn_source.diffrn_id                   1 
_diffrn_source.source                      SYNCHROTRON 
_diffrn_source.type                        'APS BEAMLINE 19-ID' 
_diffrn_source.pdbx_synchrotron_site       APS 
_diffrn_source.pdbx_synchrotron_beamline   19-ID 
_diffrn_source.pdbx_wavelength             ? 
_diffrn_source.pdbx_wavelength_list        0.979 
# 
_reflns.entry_id                     3L2A 
_reflns.observed_criterion_sigma_I   -5 
_reflns.observed_criterion_sigma_F   0.0 
_reflns.d_resolution_low             50.0 
_reflns.d_resolution_high            1.71 
_reflns.number_obs                   13734 
_reflns.number_all                   ? 
_reflns.percent_possible_obs         99.8 
_reflns.pdbx_Rmerge_I_obs            0.70 
_reflns.pdbx_Rsym_value              ? 
_reflns.pdbx_netI_over_sigmaI        39.0 
_reflns.B_iso_Wilson_estimate        ? 
_reflns.pdbx_redundancy              7.4 
_reflns.R_free_details               ? 
_reflns.limit_h_max                  ? 
_reflns.limit_h_min                  ? 
_reflns.limit_k_max                  ? 
_reflns.limit_k_min                  ? 
_reflns.limit_l_max                  ? 
_reflns.limit_l_min                  ? 
_reflns.observed_criterion_F_max     ? 
_reflns.observed_criterion_F_min     ? 
_reflns.pdbx_chi_squared             ? 
_reflns.pdbx_scaling_rejects         ? 
_reflns.pdbx_ordinal                 1 
_reflns.pdbx_diffrn_id               1 
# 
_reflns_shell.d_res_high             1.71 
_reflns_shell.d_res_low              1.74 
_reflns_shell.percent_possible_all   100.0 
_reflns_shell.Rmerge_I_obs           0.603 
_reflns_shell.pdbx_Rsym_value        ? 
_reflns_shell.meanI_over_sigI_obs    2.9 
_reflns_shell.pdbx_redundancy        7.3 
_reflns_shell.percent_possible_obs   ? 
_reflns_shell.number_unique_all      ? 
_reflns_shell.number_measured_all    ? 
_reflns_shell.number_measured_obs    ? 
_reflns_shell.number_unique_obs      ? 
_reflns_shell.pdbx_chi_squared       ? 
_reflns_shell.pdbx_ordinal           1 
_reflns_shell.pdbx_diffrn_id         1 
# 
_refine.entry_id                                 3L2A 
_refine.ls_number_reflns_obs                     13734 
_refine.ls_number_reflns_all                     ? 
_refine.pdbx_ls_sigma_I                          ? 
_refine.pdbx_ls_sigma_F                          ? 
_refine.pdbx_data_cutoff_high_absF               ? 
_refine.pdbx_data_cutoff_low_absF                ? 
_refine.pdbx_data_cutoff_high_rms_absF           ? 
_refine.ls_d_res_low                             22.99 
_refine.ls_d_res_high                            1.71 
_refine.ls_percent_reflns_obs                    99.85 
_refine.ls_R_factor_obs                          0.17257 
_refine.ls_R_factor_all                          0.17257 
_refine.ls_R_factor_R_work                       0.17000 
_refine.ls_R_factor_R_free                       0.22528 
_refine.ls_R_factor_R_free_error                 ? 
_refine.ls_R_factor_R_free_error_details         ? 
_refine.ls_percent_reflns_R_free                 5.0 
_refine.ls_number_reflns_R_free                  729 
_refine.ls_number_parameters                     ? 
_refine.ls_number_restraints                     ? 
_refine.occupancy_min                            ? 
_refine.occupancy_max                            ? 
_refine.correlation_coeff_Fo_to_Fc               0.963 
_refine.correlation_coeff_Fo_to_Fc_free          0.939 
_refine.B_iso_mean                               20.753 
_refine.aniso_B[1][1]                            -0.01 
_refine.aniso_B[2][2]                            -0.01 
_refine.aniso_B[3][3]                            0.02 
_refine.aniso_B[1][2]                            0.00 
_refine.aniso_B[1][3]                            0.00 
_refine.aniso_B[2][3]                            0.00 
_refine.solvent_model_details                    MASK 
_refine.solvent_model_param_ksol                 ? 
_refine.solvent_model_param_bsol                 ? 
_refine.pdbx_solvent_vdw_probe_radii             1.20 
_refine.pdbx_solvent_ion_probe_radii             0.80 
_refine.pdbx_solvent_shrinkage_radii             0.80 
_refine.pdbx_ls_cross_valid_method               THROUGHOUT 
_refine.details                                  'HYDROGENS HAVE BEEN ADDED IN THE RIDING POSITIONS' 
_refine.pdbx_starting_model                      'PDB ENTRY 3FKE' 
_refine.pdbx_method_to_determine_struct          'MOLECULAR REPLACEMENT' 
_refine.pdbx_isotropic_thermal_model             ISOTROPIC 
_refine.pdbx_stereochemistry_target_values       'MAXIMUM LIKELIHOOD' 
_refine.pdbx_stereochem_target_val_spec_case     ? 
_refine.pdbx_R_Free_selection_details            RANDOM 
_refine.pdbx_overall_ESU_R                       0.107 
_refine.pdbx_overall_ESU_R_Free                  0.115 
_refine.overall_SU_ML                            0.069 
_refine.overall_SU_B                             4.088 
_refine.ls_redundancy_reflns_obs                 ? 
_refine.B_iso_min                                ? 
_refine.B_iso_max                                ? 
_refine.overall_SU_R_Cruickshank_DPI             ? 
_refine.overall_SU_R_free                        ? 
_refine.ls_wR_factor_R_free                      ? 
_refine.ls_wR_factor_R_work                      ? 
_refine.overall_FOM_free_R_set                   ? 
_refine.overall_FOM_work_R_set                   ? 
_refine.pdbx_overall_phase_error                 ? 
_refine.pdbx_refine_id                           'X-RAY DIFFRACTION' 
_refine.pdbx_TLS_residual_ADP_flag               'LIKELY RESIDUAL' 
_refine.pdbx_diffrn_id                           1 
_refine.pdbx_overall_SU_R_free_Cruickshank_DPI   ? 
_refine.pdbx_overall_SU_R_Blow_DPI               ? 
_refine.pdbx_overall_SU_R_free_Blow_DPI          ? 
# 
_refine_hist.pdbx_refine_id                   'X-RAY DIFFRACTION' 
_refine_hist.cycle_id                         LAST 
_refine_hist.pdbx_number_atoms_protein        984 
_refine_hist.pdbx_number_atoms_nucleic_acid   0 
_refine_hist.pdbx_number_atoms_ligand         14 
_refine_hist.number_atoms_solvent             93 
_refine_hist.number_atoms_total               1091 
_refine_hist.d_res_high                       1.71 
_refine_hist.d_res_low                        22.99 
# 
loop_
_refine_ls_restr.type 
_refine_ls_restr.dev_ideal 
_refine_ls_restr.dev_ideal_target 
_refine_ls_restr.weight 
_refine_ls_restr.number 
_refine_ls_restr.pdbx_refine_id 
_refine_ls_restr.pdbx_restraint_function 
r_bond_refined_d         0.014  0.022  ? 1110 'X-RAY DIFFRACTION' ? 
r_angle_refined_deg      1.313  1.988  ? 1509 'X-RAY DIFFRACTION' ? 
r_dihedral_angle_1_deg   5.424  5.000  ? 141  'X-RAY DIFFRACTION' ? 
r_dihedral_angle_2_deg   30.879 22.609 ? 46   'X-RAY DIFFRACTION' ? 
r_dihedral_angle_3_deg   14.042 15.000 ? 200  'X-RAY DIFFRACTION' ? 
r_dihedral_angle_4_deg   17.986 15.000 ? 10   'X-RAY DIFFRACTION' ? 
r_chiral_restr           0.090  0.200  ? 160  'X-RAY DIFFRACTION' ? 
r_gen_planes_refined     0.006  0.020  ? 864  'X-RAY DIFFRACTION' ? 
r_nbd_refined            0.202  0.200  ? 499  'X-RAY DIFFRACTION' ? 
r_nbtor_refined          0.312  0.200  ? 771  'X-RAY DIFFRACTION' ? 
r_xyhbond_nbd_refined    0.155  0.200  ? 66   'X-RAY DIFFRACTION' ? 
r_symmetry_vdw_refined   0.196  0.200  ? 64   'X-RAY DIFFRACTION' ? 
r_symmetry_hbond_refined 0.094  0.200  ? 13   'X-RAY DIFFRACTION' ? 
r_mcbond_it              0.861  1.500  ? 701  'X-RAY DIFFRACTION' ? 
r_mcangle_it             1.416  2.000  ? 1125 'X-RAY DIFFRACTION' ? 
r_scbond_it              2.149  3.000  ? 443  'X-RAY DIFFRACTION' ? 
r_scangle_it             3.378  4.500  ? 384  'X-RAY DIFFRACTION' ? 
# 
_refine_ls_shell.pdbx_total_number_of_bins_used   20 
_refine_ls_shell.d_res_high                       1.71 
_refine_ls_shell.d_res_low                        1.755 
_refine_ls_shell.number_reflns_R_work             991 
_refine_ls_shell.R_factor_R_work                  0.213 
_refine_ls_shell.percent_reflns_obs               100.00 
_refine_ls_shell.R_factor_R_free                  0.264 
_refine_ls_shell.R_factor_R_free_error            ? 
_refine_ls_shell.percent_reflns_R_free            ? 
_refine_ls_shell.number_reflns_R_free             61 
_refine_ls_shell.number_reflns_all                ? 
_refine_ls_shell.R_factor_all                     ? 
_refine_ls_shell.number_reflns_obs                ? 
_refine_ls_shell.redundancy_reflns_obs            ? 
_refine_ls_shell.pdbx_refine_id                   'X-RAY DIFFRACTION' 
# 
_struct.entry_id                  3L2A 
_struct.title                     'Crystal structure of Reston Ebola VP35 interferon inhibitory domain' 
_struct.pdbx_model_details        ? 
_struct.pdbx_CASP_flag            N 
_struct.pdbx_model_type_details   ? 
# 
_struct_keywords.entry_id        3L2A 
_struct_keywords.pdbx_keywords   'RNA BINDING PROTEIN' 
_struct_keywords.text            
;RNA BINDING DOMAIN, INTERFERON ANTIVIRAL EVASION, RNA REPLICATION, RNA BINDING PROTEIN, TRANSCRIPTION, Host cytoplasm, Interferon antiviral system evasion, RNA-binding, Virion
;
# 
loop_
_struct_asym.id 
_struct_asym.pdbx_blank_PDB_chainid_flag 
_struct_asym.pdbx_modified 
_struct_asym.entity_id 
_struct_asym.details 
A N N 1 ? 
B N N 2 ? 
C N N 2 ? 
D N N 3 ? 
E N N 4 ? 
# 
_struct_biol.id        1 
_struct_biol.details   ? 
# 
loop_
_struct_conf.conf_type_id 
_struct_conf.id 
_struct_conf.pdbx_PDB_helix_id 
_struct_conf.beg_label_comp_id 
_struct_conf.beg_label_asym_id 
_struct_conf.beg_label_seq_id 
_struct_conf.pdbx_beg_PDB_ins_code 
_struct_conf.end_label_comp_id 
_struct_conf.end_label_asym_id 
_struct_conf.end_label_seq_id 
_struct_conf.pdbx_end_PDB_ins_code 
_struct_conf.beg_auth_comp_id 
_struct_conf.beg_auth_asym_id 
_struct_conf.beg_auth_seq_id 
_struct_conf.end_auth_comp_id 
_struct_conf.end_auth_asym_id 
_struct_conf.end_auth_seq_id 
_struct_conf.pdbx_PDB_helix_class 
_struct_conf.details 
_struct_conf.pdbx_PDB_helix_length 
HELX_P HELX_P1 1 SER A 9   ? HIS A 20  ? SER A 209 HIS A 220 1 ? 12 
HELX_P HELX_P2 2 THR A 26  ? ASN A 42  ? THR A 226 ASN A 242 1 ? 17 
HELX_P HELX_P3 3 LEU A 44  ? ASP A 58  ? LEU A 244 ASP A 258 1 ? 15 
HELX_P HELX_P4 4 SER A 61  ? VAL A 73  ? SER A 261 VAL A 273 1 ? 13 
HELX_P HELX_P5 5 PRO A 74  ? VAL A 79  ? PRO A 274 VAL A 279 1 ? 6  
HELX_P HELX_P6 6 PRO A 93  ? GLN A 97  ? PRO A 293 GLN A 297 5 ? 5  
HELX_P HELX_P7 7 LYS A 108 ? ARG A 111 ? LYS A 308 ARG A 311 5 ? 4  
# 
_struct_conf_type.id          HELX_P 
_struct_conf_type.criteria    ? 
_struct_conf_type.reference   ? 
# 
_struct_sheet.id               A 
_struct_sheet.type             ? 
_struct_sheet.number_strands   4 
_struct_sheet.details          ? 
# 
loop_
_struct_sheet_order.sheet_id 
_struct_sheet_order.range_id_1 
_struct_sheet_order.range_id_2 
_struct_sheet_order.offset 
_struct_sheet_order.sense 
A 1 2 ? parallel      
A 2 3 ? anti-parallel 
A 3 4 ? anti-parallel 
# 
loop_
_struct_sheet_range.sheet_id 
_struct_sheet_range.id 
_struct_sheet_range.beg_label_comp_id 
_struct_sheet_range.beg_label_asym_id 
_struct_sheet_range.beg_label_seq_id 
_struct_sheet_range.pdbx_beg_PDB_ins_code 
_struct_sheet_range.end_label_comp_id 
_struct_sheet_range.end_label_asym_id 
_struct_sheet_range.end_label_seq_id 
_struct_sheet_range.pdbx_end_PDB_ins_code 
_struct_sheet_range.beg_auth_comp_id 
_struct_sheet_range.beg_auth_asym_id 
_struct_sheet_range.beg_auth_seq_id 
_struct_sheet_range.end_auth_comp_id 
_struct_sheet_range.end_auth_asym_id 
_struct_sheet_range.end_auth_seq_id 
A 1 ILE A 83  ? HIS A 85  ? ILE A 283 HIS A 285 
A 2 TRP A 113 ? LYS A 118 ? TRP A 313 LYS A 318 
A 3 GLY A 122 ? ILE A 129 ? GLY A 322 ILE A 329 
A 4 LEU A 100 ? PRO A 102 ? LEU A 300 PRO A 302 
# 
loop_
_pdbx_struct_sheet_hbond.sheet_id 
_pdbx_struct_sheet_hbond.range_id_1 
_pdbx_struct_sheet_hbond.range_id_2 
_pdbx_struct_sheet_hbond.range_1_label_atom_id 
_pdbx_struct_sheet_hbond.range_1_label_comp_id 
_pdbx_struct_sheet_hbond.range_1_label_asym_id 
_pdbx_struct_sheet_hbond.range_1_label_seq_id 
_pdbx_struct_sheet_hbond.range_1_PDB_ins_code 
_pdbx_struct_sheet_hbond.range_1_auth_atom_id 
_pdbx_struct_sheet_hbond.range_1_auth_comp_id 
_pdbx_struct_sheet_hbond.range_1_auth_asym_id 
_pdbx_struct_sheet_hbond.range_1_auth_seq_id 
_pdbx_struct_sheet_hbond.range_2_label_atom_id 
_pdbx_struct_sheet_hbond.range_2_label_comp_id 
_pdbx_struct_sheet_hbond.range_2_label_asym_id 
_pdbx_struct_sheet_hbond.range_2_label_seq_id 
_pdbx_struct_sheet_hbond.range_2_PDB_ins_code 
_pdbx_struct_sheet_hbond.range_2_auth_atom_id 
_pdbx_struct_sheet_hbond.range_2_auth_comp_id 
_pdbx_struct_sheet_hbond.range_2_auth_asym_id 
_pdbx_struct_sheet_hbond.range_2_auth_seq_id 
A 1 2 N ILE A 84  ? N ILE A 284 O LEU A 116 ? O LEU A 316 
A 2 3 N GLY A 112 ? N GLY A 312 O MET A 119 ? O MET A 319 
A 3 4 O GLY A 126 ? O GLY A 326 N ARG A 101 ? N ARG A 301 
# 
loop_
_struct_site.id 
_struct_site.pdbx_evidence_code 
_struct_site.pdbx_auth_asym_id 
_struct_site.pdbx_auth_comp_id 
_struct_site.pdbx_auth_seq_id 
_struct_site.pdbx_auth_ins_code 
_struct_site.pdbx_num_residues 
_struct_site.details 
AC1 Software A ACY 1 ? 4 'BINDING SITE FOR RESIDUE ACY A 1' 
AC2 Software A ACY 2 ? 4 'BINDING SITE FOR RESIDUE ACY A 2' 
AC3 Software A GOL 3 ? 6 'BINDING SITE FOR RESIDUE GOL A 3' 
# 
loop_
_struct_site_gen.id 
_struct_site_gen.site_id 
_struct_site_gen.pdbx_num_res 
_struct_site_gen.label_comp_id 
_struct_site_gen.label_asym_id 
_struct_site_gen.label_seq_id 
_struct_site_gen.pdbx_auth_ins_code 
_struct_site_gen.auth_comp_id 
_struct_site_gen.auth_asym_id 
_struct_site_gen.auth_seq_id 
_struct_site_gen.label_atom_id 
_struct_site_gen.label_alt_id 
_struct_site_gen.symmetry 
_struct_site_gen.details 
1  AC1 4 HOH E .  ? HOH A 58  . ? 1_555 ? 
2  AC1 4 GLY A 4  ? GLY A 204 . ? 1_555 ? 
3  AC1 4 LEU A 56 ? LEU A 256 . ? 4_654 ? 
4  AC1 4 GLY A 59 ? GLY A 259 . ? 4_654 ? 
5  AC2 4 ILE A 16 ? ILE A 216 . ? 1_555 ? 
6  AC2 4 HIS A 49 ? HIS A 249 . ? 1_555 ? 
7  AC2 4 PHE A 52 ? PHE A 252 . ? 1_555 ? 
8  AC2 4 GLN A 53 ? GLN A 253 . ? 1_555 ? 
9  AC3 6 HOH E .  ? HOH A 15  . ? 1_555 ? 
10 AC3 6 GLN A 30 ? GLN A 230 . ? 1_555 ? 
11 AC3 6 GLN A 33 ? GLN A 233 . ? 1_555 ? 
12 AC3 6 VAL A 34 ? VAL A 234 . ? 1_555 ? 
13 AC3 6 LYS A 37 ? LYS A 237 . ? 1_555 ? 
14 AC3 6 PRO A 82 ? PRO A 282 . ? 1_555 ? 
# 
_atom_sites.entry_id                    3L2A 
_atom_sites.fract_transf_matrix[1][1]   -0.01018628 
_atom_sites.fract_transf_matrix[1][2]   0.00569034 
_atom_sites.fract_transf_matrix[1][3]   0.01549652 
_atom_sites.fract_transf_matrix[2][1]   0.01481767 
_atom_sites.fract_transf_matrix[2][2]   -0.00487549 
_atom_sites.fract_transf_matrix[2][3]   0.01153033 
_atom_sites.fract_transf_matrix[3][1]   0.00737557 
_atom_sites.fract_transf_matrix[3][2]   0.01813390 
_atom_sites.fract_transf_matrix[3][3]   -0.00181063 
_atom_sites.fract_transf_vector[1]      0.201337 
_atom_sites.fract_transf_vector[2]      -0.365787 
_atom_sites.fract_transf_vector[3]      0.003943 
# 
loop_
_atom_type.symbol 
C 
N 
O 
S 
# 
loop_
_atom_site.group_PDB 
_atom_site.id 
_atom_site.type_symbol 
_atom_site.label_atom_id 
_atom_site.label_alt_id 
_atom_site.label_comp_id 
_atom_site.label_asym_id 
_atom_site.label_entity_id 
_atom_site.label_seq_id 
_atom_site.pdbx_PDB_ins_code 
_atom_site.Cartn_x 
_atom_site.Cartn_y 
_atom_site.Cartn_z 
_atom_site.occupancy 
_atom_site.B_iso_or_equiv 
_atom_site.pdbx_formal_charge 
_atom_site.auth_seq_id 
_atom_site.auth_comp_id 
_atom_site.auth_asym_id 
_atom_site.auth_atom_id 
_atom_site.pdbx_PDB_model_num 
ATOM   1    N N   . GLY A 1 4   ? -12.974 -18.805 8.599   1.00 34.53  ? 204 GLY A N   1 
ATOM   2    C CA  . GLY A 1 4   ? -11.897 -17.839 8.236   1.00 31.34  ? 204 GLY A CA  1 
ATOM   3    C C   . GLY A 1 4   ? -10.571 -18.176 8.893   1.00 26.97  ? 204 GLY A C   1 
ATOM   4    O O   . GLY A 1 4   ? -10.525 -18.604 10.048  1.00 27.32  ? 204 GLY A O   1 
ATOM   5    N N   . LYS A 1 5   ? -9.481  -17.966 8.167   1.00 25.09  ? 205 LYS A N   1 
ATOM   6    C CA  . LYS A 1 5   ? -8.178  -18.452 8.609   1.00 22.57  ? 205 LYS A CA  1 
ATOM   7    C C   . LYS A 1 5   ? -7.659  -17.624 9.765   1.00 20.71  ? 205 LYS A C   1 
ATOM   8    O O   . LYS A 1 5   ? -7.529  -16.414 9.634   1.00 20.88  ? 205 LYS A O   1 
ATOM   9    C CB  . LYS A 1 5   ? -7.170  -18.417 7.455   1.00 23.48  ? 205 LYS A CB  1 
ATOM   10   C CG  . LYS A 1 5   ? -7.337  -19.539 6.435   1.00 28.92  ? 205 LYS A CG  1 
ATOM   11   C CD  . LYS A 1 5   ? -6.610  -19.227 5.139   1.00 37.50  ? 205 LYS A CD  1 
ATOM   12   C CE  . LYS A 1 5   ? -5.203  -18.692 5.396   1.00 37.87  ? 205 LYS A CE  1 
ATOM   13   N NZ  . LYS A 1 5   ? -4.302  -19.690 6.056   1.00 41.79  ? 205 LYS A NZ  1 
ATOM   14   N N   . PRO A 1 6   ? -7.412  -18.265 10.921  1.00 19.81  ? 206 PRO A N   1 
ATOM   15   C CA  . PRO A 1 6   ? -6.815  -17.572 12.061  1.00 19.50  ? 206 PRO A CA  1 
ATOM   16   C C   . PRO A 1 6   ? -5.359  -17.185 11.812  1.00 18.82  ? 206 PRO A C   1 
ATOM   17   O O   . PRO A 1 6   ? -4.823  -16.298 12.498  1.00 18.66  ? 206 PRO A O   1 
ATOM   18   C CB  . PRO A 1 6   ? -6.899  -18.612 13.190  1.00 20.90  ? 206 PRO A CB  1 
ATOM   19   C CG  . PRO A 1 6   ? -7.964  -19.609 12.717  1.00 23.40  ? 206 PRO A CG  1 
ATOM   20   C CD  . PRO A 1 6   ? -7.736  -19.668 11.247  1.00 22.43  ? 206 PRO A CD  1 
ATOM   21   N N   . TYR A 1 7   ? -4.701  -17.892 10.896  1.00 18.67  ? 207 TYR A N   1 
ATOM   22   C CA  . TYR A 1 7   ? -3.289  -17.657 10.664  1.00 19.22  ? 207 TYR A CA  1 
ATOM   23   C C   . TYR A 1 7   ? -3.029  -17.659 9.187   1.00 20.61  ? 207 TYR A C   1 
ATOM   24   O O   . TYR A 1 7   ? -3.175  -18.704 8.520   1.00 23.21  ? 207 TYR A O   1 
ATOM   25   C CB  . TYR A 1 7   ? -2.442  -18.747 11.345  1.00 22.04  ? 207 TYR A CB  1 
ATOM   26   C CG  . TYR A 1 7   ? -0.966  -18.505 11.234  1.00 24.57  ? 207 TYR A CG  1 
ATOM   27   C CD1 . TYR A 1 7   ? -0.339  -17.540 12.029  1.00 26.83  ? 207 TYR A CD1 1 
ATOM   28   C CD2 . TYR A 1 7   ? -0.191  -19.209 10.315  1.00 30.34  ? 207 TYR A CD2 1 
ATOM   29   C CE1 . TYR A 1 7   ? 1.021   -17.277 11.910  1.00 32.16  ? 207 TYR A CE1 1 
ATOM   30   C CE2 . TYR A 1 7   ? 1.175   -18.964 10.193  1.00 34.06  ? 207 TYR A CE2 1 
ATOM   31   C CZ  . TYR A 1 7   ? 1.778   -18.000 10.999  1.00 33.71  ? 207 TYR A CZ  1 
ATOM   32   O OH  . TYR A 1 7   ? 3.142   -17.774 10.910  1.00 40.74  ? 207 TYR A OH  1 
ATOM   33   N N   . ILE A 1 8   ? -2.634  -16.498 8.679   1.00 18.79  ? 208 ILE A N   1 
ATOM   34   C CA  . ILE A 1 8   ? -2.459  -16.349 7.251   1.00 19.01  ? 208 ILE A CA  1 
ATOM   35   C C   . ILE A 1 8   ? -1.050  -15.896 6.881   1.00 21.22  ? 208 ILE A C   1 
ATOM   36   O O   . ILE A 1 8   ? -0.453  -15.081 7.587   1.00 20.66  ? 208 ILE A O   1 
ATOM   37   C CB  . ILE A 1 8   ? -3.524  -15.382 6.674   1.00 19.43  ? 208 ILE A CB  1 
ATOM   38   C CG1 . ILE A 1 8   ? -3.616  -15.563 5.160   1.00 21.10  ? 208 ILE A CG1 1 
ATOM   39   C CG2 . ILE A 1 8   ? -3.226  -13.915 7.063   1.00 18.68  ? 208 ILE A CG2 1 
ATOM   40   C CD1 . ILE A 1 8   ? -4.884  -15.011 4.542   1.00 25.95  ? 208 ILE A CD1 1 
ATOM   41   N N   . SER A 1 9   ? -0.528  -16.441 5.785   1.00 20.62  ? 209 SER A N   1 
ATOM   42   C CA  . SER A 1 9   ? 0.783   -16.046 5.274   1.00 21.05  ? 209 SER A CA  1 
ATOM   43   C C   . SER A 1 9   ? 0.707   -14.730 4.496   1.00 19.26  ? 209 SER A C   1 
ATOM   44   O O   . SER A 1 9   ? -0.386  -14.307 4.058   1.00 18.70  ? 209 SER A O   1 
ATOM   45   C CB  . SER A 1 9   ? 1.372   -17.144 4.375   1.00 21.88  ? 209 SER A CB  1 
ATOM   46   O OG  . SER A 1 9   ? 0.686   -17.210 3.127   1.00 21.77  ? 209 SER A OG  1 
ATOM   47   N N   . ALA A 1 10  ? 1.858   -14.086 4.303   1.00 20.25  ? 210 ALA A N   1 
ATOM   48   C CA  . ALA A 1 10  ? 1.878   -12.842 3.515   1.00 19.90  ? 210 ALA A CA  1 
ATOM   49   C C   . ALA A 1 10  ? 1.432   -13.111 2.075   1.00 20.59  ? 210 ALA A C   1 
ATOM   50   O O   . ALA A 1 10  ? 0.695   -12.312 1.468   1.00 20.50  ? 210 ALA A O   1 
ATOM   51   C CB  . ALA A 1 10  ? 3.277   -12.216 3.543   1.00 21.93  ? 210 ALA A CB  1 
ATOM   52   N N   . LYS A 1 11  ? 1.846   -14.260 1.544   1.00 21.62  ? 211 LYS A N   1 
ATOM   53   C CA  . LYS A 1 11  ? 1.487   -14.638 0.173   1.00 23.95  ? 211 LYS A CA  1 
ATOM   54   C C   . LYS A 1 11  ? -0.032  -14.788 0.065   1.00 21.90  ? 211 LYS A C   1 
ATOM   55   O O   . LYS A 1 11  ? -0.643  -14.276 -0.864  1.00 21.70  ? 211 LYS A O   1 
ATOM   56   C CB  . LYS A 1 11  ? 2.197   -15.948 -0.208  1.00 26.06  ? 211 LYS A CB  1 
ATOM   57   C CG  . LYS A 1 11  ? 1.870   -16.471 -1.598  1.00 30.57  ? 211 LYS A CG  1 
ATOM   58   C CD  . LYS A 1 11  ? 2.466   -17.869 -1.821  1.00 33.66  ? 211 LYS A CD  1 
ATOM   59   C CE  . LYS A 1 11  ? 2.004   -18.445 -3.144  1.00 42.94  ? 211 LYS A CE  1 
ATOM   60   N NZ  . LYS A 1 11  ? 2.467   -17.606 -4.310  1.00 47.77  ? 211 LYS A NZ  1 
ATOM   61   N N   . ASP A 1 12  ? -0.636  -15.493 1.021   1.00 21.16  ? 212 ASP A N   1 
ATOM   62   C CA  . ASP A 1 12  ? -2.086  -15.723 0.970   1.00 21.06  ? 212 ASP A CA  1 
ATOM   63   C C   . ASP A 1 12  ? -2.900  -14.455 1.217   1.00 18.61  ? 212 ASP A C   1 
ATOM   64   O O   . ASP A 1 12  ? -3.960  -14.251 0.587   1.00 19.21  ? 212 ASP A O   1 
ATOM   65   C CB  . ASP A 1 12  ? -2.497  -16.844 1.932   1.00 22.92  ? 212 ASP A CB  1 
ATOM   66   C CG  . ASP A 1 12  ? -2.078  -18.220 1.436   1.00 27.01  ? 212 ASP A CG  1 
ATOM   67   O OD1 . ASP A 1 12  ? -1.532  -18.331 0.304   1.00 28.60  ? 212 ASP A OD1 1 
ATOM   68   O OD2 . ASP A 1 12  ? -2.318  -19.202 2.171   1.00 31.42  ? 212 ASP A OD2 1 
ATOM   69   N N   . LEU A 1 13  ? -2.427  -13.592 2.120   1.00 16.89  ? 213 LEU A N   1 
ATOM   70   C CA  . LEU A 1 13  ? -3.121  -12.312 2.326   1.00 16.02  ? 213 LEU A CA  1 
ATOM   71   C C   . LEU A 1 13  ? -3.084  -11.415 1.091   1.00 16.04  ? 213 LEU A C   1 
ATOM   72   O O   . LEU A 1 13  ? -4.095  -10.808 0.728   1.00 15.77  ? 213 LEU A O   1 
ATOM   73   C CB  . LEU A 1 13  ? -2.579  -11.585 3.565   1.00 16.88  ? 213 LEU A CB  1 
ATOM   74   C CG  . LEU A 1 13  ? -3.363  -10.341 3.938   1.00 15.44  ? 213 LEU A CG  1 
ATOM   75   C CD1 . LEU A 1 13  ? -4.832  -10.638 4.258   1.00 16.79  ? 213 LEU A CD1 1 
ATOM   76   C CD2 . LEU A 1 13  ? -2.648  -9.725  5.132   1.00 19.36  ? 213 LEU A CD2 1 
ATOM   77   N N   . LYS A 1 14  ? -1.918  -11.327 0.445   1.00 16.16  ? 214 LYS A N   1 
ATOM   78   C CA  . LYS A 1 14  ? -1.786  -10.585 -0.811  1.00 18.37  ? 214 LYS A CA  1 
ATOM   79   C C   . LYS A 1 14  ? -2.803  -11.107 -1.829  1.00 19.07  ? 214 LYS A C   1 
ATOM   80   O O   . LYS A 1 14  ? -3.493  -10.332 -2.492  1.00 19.67  ? 214 LYS A O   1 
ATOM   81   C CB  . LYS A 1 14  ? -0.367  -10.694 -1.344  1.00 20.06  ? 214 LYS A CB  1 
ATOM   82   C CG  . LYS A 1 14  ? -0.175  -9.973  -2.682  1.00 24.43  ? 214 LYS A CG  1 
ATOM   83   C CD  . LYS A 1 14  ? 1.166   -10.270 -3.282  1.00 32.77  ? 214 LYS A CD  1 
ATOM   84   C CE  . LYS A 1 14  ? 1.233   -9.744  -4.701  1.00 37.48  ? 214 LYS A CE  1 
ATOM   85   N NZ  . LYS A 1 14  ? 2.649   -9.633  -5.156  1.00 45.50  ? 214 LYS A NZ  1 
ATOM   86   N N   . GLU A 1 15  ? -2.916  -12.432 -1.939  1.00 19.36  ? 215 GLU A N   1 
ATOM   87   C CA  . GLU A 1 15  ? -3.809  -13.047 -2.910  1.00 22.37  ? 215 GLU A CA  1 
ATOM   88   C C   . GLU A 1 15  ? -5.253  -12.708 -2.621  1.00 20.56  ? 215 GLU A C   1 
ATOM   89   O O   . GLU A 1 15  ? -5.987  -12.325 -3.536  1.00 22.82  ? 215 GLU A O   1 
ATOM   90   C CB  . GLU A 1 15  ? -3.590  -14.560 -2.940  1.00 23.15  ? 215 GLU A CB  1 
ATOM   91   C CG  . GLU A 1 15  ? -2.265  -14.947 -3.566  1.00 29.71  ? 215 GLU A CG  1 
ATOM   92   C CD  . GLU A 1 15  ? -2.012  -16.464 -3.538  1.00 31.89  ? 215 GLU A CD  1 
ATOM   93   O OE1 . GLU A 1 15  ? -2.819  -17.194 -2.915  1.00 39.23  ? 215 GLU A OE1 1 
ATOM   94   O OE2 . GLU A 1 15  ? -1.012  -16.915 -4.159  1.00 40.13  ? 215 GLU A OE2 1 
ATOM   95   N N   . ILE A 1 16  ? -5.667  -12.796 -1.354  1.00 18.83  ? 216 ILE A N   1 
ATOM   96   C CA  . ILE A 1 16  ? -7.025  -12.378 -0.960  1.00 20.11  ? 216 ILE A CA  1 
ATOM   97   C C   . ILE A 1 16  ? -7.292  -10.908 -1.335  1.00 18.22  ? 216 ILE A C   1 
ATOM   98   O O   . ILE A 1 16  ? -8.360  -10.557 -1.858  1.00 20.01  ? 216 ILE A O   1 
ATOM   99   C CB  . ILE A 1 16  ? -7.252  -12.562 0.565   1.00 19.81  ? 216 ILE A CB  1 
ATOM   100  C CG1 . ILE A 1 16  ? -7.408  -14.057 0.891   1.00 23.29  ? 216 ILE A CG1 1 
ATOM   101  C CG2 . ILE A 1 16  ? -8.474  -11.775 1.059   1.00 22.56  ? 216 ILE A CG2 1 
ATOM   102  C CD1 . ILE A 1 16  ? -7.368  -14.368 2.379   1.00 23.80  ? 216 ILE A CD1 1 
ATOM   103  N N   . MET A 1 17  ? -6.329  -10.045 -1.037  1.00 16.70  ? 217 MET A N   1 
ATOM   104  C CA  . MET A 1 17  ? -6.531  -8.607  -1.291  1.00 16.60  ? 217 MET A CA  1 
ATOM   105  C C   . MET A 1 17  ? -6.553  -8.321  -2.799  1.00 17.63  ? 217 MET A C   1 
ATOM   106  O O   . MET A 1 17  ? -7.363  -7.505  -3.284  1.00 19.94  ? 217 MET A O   1 
ATOM   107  C CB  . MET A 1 17  ? -5.473  -7.777  -0.561  1.00 16.53  ? 217 MET A CB  1 
ATOM   108  C CG  . MET A 1 17  ? -5.647  -7.837  0.955   1.00 15.99  ? 217 MET A CG  1 
ATOM   109  S SD  . MET A 1 17  ? -4.309  -6.941  1.744   1.00 18.47  ? 217 MET A SD  1 
ATOM   110  C CE  . MET A 1 17  ? -4.979  -6.764  3.408   1.00 18.38  ? 217 MET A CE  1 
ATOM   111  N N   . TYR A 1 18  ? -5.668  -8.977  -3.556  1.00 19.99  ? 218 TYR A N   1 
ATOM   112  C CA  . TYR A 1 18  ? -5.654  -8.822  -5.024  1.00 20.78  ? 218 TYR A CA  1 
ATOM   113  C C   . TYR A 1 18  ? -6.924  -9.349  -5.681  1.00 21.26  ? 218 TYR A C   1 
ATOM   114  O O   . TYR A 1 18  ? -7.358  -8.838  -6.719  1.00 20.85  ? 218 TYR A O   1 
ATOM   115  C CB  . TYR A 1 18  ? -4.450  -9.529  -5.650  1.00 22.34  ? 218 TYR A CB  1 
ATOM   116  C CG  . TYR A 1 18  ? -3.184  -8.720  -5.801  1.00 23.05  ? 218 TYR A CG  1 
ATOM   117  C CD1 . TYR A 1 18  ? -2.810  -7.775  -4.862  1.00 21.06  ? 218 TYR A CD1 1 
ATOM   118  C CD2 . TYR A 1 18  ? -2.331  -8.937  -6.889  1.00 26.30  ? 218 TYR A CD2 1 
ATOM   119  C CE1 . TYR A 1 18  ? -1.627  -7.053  -4.989  1.00 22.22  ? 218 TYR A CE1 1 
ATOM   120  C CE2 . TYR A 1 18  ? -1.144  -8.214  -7.032  1.00 26.52  ? 218 TYR A CE2 1 
ATOM   121  C CZ  . TYR A 1 18  ? -0.803  -7.267  -6.077  1.00 25.21  ? 218 TYR A CZ  1 
ATOM   122  O OH  . TYR A 1 18  ? 0.381   -6.567  -6.190  1.00 28.34  ? 218 TYR A OH  1 
ATOM   123  N N   . ASP A 1 19  ? -7.534  -10.358 -5.072  1.00 22.48  ? 219 ASP A N   1 
ATOM   124  C CA  . ASP A 1 19  ? -8.718  -11.027 -5.624  1.00 23.35  ? 219 ASP A CA  1 
ATOM   125  C C   . ASP A 1 19  ? -9.883  -10.063 -5.807  1.00 22.38  ? 219 ASP A C   1 
ATOM   126  O O   . ASP A 1 19  ? -10.723 -10.252 -6.684  1.00 22.37  ? 219 ASP A O   1 
ATOM   127  C CB  . ASP A 1 19  ? -9.145  -12.191 -4.698  1.00 25.22  ? 219 ASP A CB  1 
ATOM   128  C CG  . ASP A 1 19  ? -8.433  -13.501 -5.019  1.00 28.54  ? 219 ASP A CG  1 
ATOM   129  O OD1 . ASP A 1 19  ? -7.706  -13.599 -6.031  1.00 30.38  ? 219 ASP A OD1 1 
ATOM   130  O OD2 . ASP A 1 19  ? -8.603  -14.460 -4.231  1.00 32.11  ? 219 ASP A OD2 1 
ATOM   131  N N   A HIS A 1 20  ? -9.986  -9.039  -4.968  0.50 22.36  ? 220 HIS A N   1 
ATOM   132  N N   B HIS A 1 20  ? -9.851  -9.023  -4.973  0.50 20.96  ? 220 HIS A N   1 
ATOM   133  C CA  A HIS A 1 20  ? -11.090 -8.113  -5.142  0.50 22.61  ? 220 HIS A CA  1 
ATOM   134  C CA  B HIS A 1 20  ? -10.896 -8.046  -4.783  0.50 20.33  ? 220 HIS A CA  1 
ATOM   135  C C   A HIS A 1 20  ? -10.676 -6.682  -5.492  0.50 21.06  ? 220 HIS A C   1 
ATOM   136  C C   B HIS A 1 20  ? -10.732 -6.807  -5.703  0.50 19.51  ? 220 HIS A C   1 
ATOM   137  O O   A HIS A 1 20  ? -11.431 -5.742  -5.253  0.50 21.37  ? 220 HIS A O   1 
ATOM   138  O O   B HIS A 1 20  ? -11.712 -6.153  -6.102  0.50 19.36  ? 220 HIS A O   1 
ATOM   139  C CB  A HIS A 1 20  ? -12.077 -8.166  -3.967  0.50 24.48  ? 220 HIS A CB  1 
ATOM   140  C CB  B HIS A 1 20  ? -10.906 -7.658  -3.283  0.50 19.20  ? 220 HIS A CB  1 
ATOM   141  C CG  A HIS A 1 20  ? -13.057 -9.297  -4.056  0.50 26.70  ? 220 HIS A CG  1 
ATOM   142  C CG  B HIS A 1 20  ? -11.594 -8.662  -2.400  0.50 21.60  ? 220 HIS A CG  1 
ATOM   143  N ND1 A HIS A 1 20  ? -14.084 -9.320  -4.976  0.50 28.38  ? 220 HIS A ND1 1 
ATOM   144  N ND1 B HIS A 1 20  ? -10.913 -9.607  -1.663  0.50 20.20  ? 220 HIS A ND1 1 
ATOM   145  C CD2 A HIS A 1 20  ? -13.170 -10.440 -3.338  0.50 29.91  ? 220 HIS A CD2 1 
ATOM   146  C CD2 B HIS A 1 20  ? -12.909 -8.866  -2.142  0.50 21.61  ? 220 HIS A CD2 1 
ATOM   147  C CE1 A HIS A 1 20  ? -14.782 -10.432 -4.825  0.50 29.53  ? 220 HIS A CE1 1 
ATOM   148  C CE1 B HIS A 1 20  ? -11.774 -10.354 -0.995  0.50 23.71  ? 220 HIS A CE1 1 
ATOM   149  N NE2 A HIS A 1 20  ? -14.248 -11.129 -3.838  0.50 30.86  ? 220 HIS A NE2 1 
ATOM   150  N NE2 B HIS A 1 20  ? -12.992 -9.914  -1.255  0.50 24.78  ? 220 HIS A NE2 1 
ATOM   151  N N   . LEU A 1 21  ? -9.492  -6.525  -6.081  1.00 19.61  ? 221 LEU A N   1 
ATOM   152  C CA  . LEU A 1 21  ? -9.136  -5.245  -6.717  1.00 17.82  ? 221 LEU A CA  1 
ATOM   153  C C   . LEU A 1 21  ? -9.285  -5.257  -8.245  1.00 17.85  ? 221 LEU A C   1 
ATOM   154  O O   . LEU A 1 21  ? -8.871  -6.218  -8.906  1.00 18.42  ? 221 LEU A O   1 
ATOM   155  C CB  . LEU A 1 21  ? -7.688  -4.870  -6.386  1.00 17.29  ? 221 LEU A CB  1 
ATOM   156  C CG  . LEU A 1 21  ? -7.358  -4.508  -4.932  1.00 15.58  ? 221 LEU A CG  1 
ATOM   157  C CD1 . LEU A 1 21  ? -5.866  -4.308  -4.785  1.00 16.28  ? 221 LEU A CD1 1 
ATOM   158  C CD2 . LEU A 1 21  ? -8.100  -3.208  -4.476  1.00 16.32  ? 221 LEU A CD2 1 
ATOM   159  N N   . PRO A 1 22  ? -9.821  -4.173  -8.812  1.00 17.69  ? 222 PRO A N   1 
ATOM   160  C CA  . PRO A 1 22  ? -9.856  -4.014  -10.265 1.00 19.25  ? 222 PRO A CA  1 
ATOM   161  C C   . PRO A 1 22  ? -8.504  -3.645  -10.836 1.00 20.20  ? 222 PRO A C   1 
ATOM   162  O O   . PRO A 1 22  ? -7.672  -3.091  -10.123 1.00 20.03  ? 222 PRO A O   1 
ATOM   163  C CB  . PRO A 1 22  ? -10.813 -2.837  -10.468 1.00 19.35  ? 222 PRO A CB  1 
ATOM   164  C CG  . PRO A 1 22  ? -10.648 -2.004  -9.159  1.00 19.45  ? 222 PRO A CG  1 
ATOM   165  C CD  . PRO A 1 22  ? -10.476 -3.044  -8.097  1.00 17.88  ? 222 PRO A CD  1 
ATOM   166  N N   . GLY A 1 23  ? -8.291  -3.944  -12.112 1.00 22.47  ? 223 GLY A N   1 
ATOM   167  C CA  . GLY A 1 23  ? -7.094  -3.462  -12.800 1.00 23.51  ? 223 GLY A CA  1 
ATOM   168  C C   . GLY A 1 23  ? -5.811  -4.164  -12.400 1.00 24.10  ? 223 GLY A C   1 
ATOM   169  O O   . GLY A 1 23  ? -5.831  -5.199  -11.745 1.00 23.64  ? 223 GLY A O   1 
ATOM   170  N N   A PHE A 1 24  ? -4.689  -3.581  -12.802 0.50 24.89  ? 224 PHE A N   1 
ATOM   171  N N   B PHE A 1 24  ? -4.681  -3.607  -12.845 0.50 25.24  ? 224 PHE A N   1 
ATOM   172  C CA  A PHE A 1 24  ? -3.394  -4.126  -12.445 0.50 25.06  ? 224 PHE A CA  1 
ATOM   173  C CA  B PHE A 1 24  ? -3.363  -4.165  -12.535 0.50 25.77  ? 224 PHE A CA  1 
ATOM   174  C C   A PHE A 1 24  ? -2.403  -2.993  -12.252 0.50 24.83  ? 224 PHE A C   1 
ATOM   175  C C   B PHE A 1 24  ? -2.363  -3.028  -12.310 0.50 25.26  ? 224 PHE A C   1 
ATOM   176  O O   A PHE A 1 24  ? -2.502  -1.950  -12.901 0.50 24.75  ? 224 PHE A O   1 
ATOM   177  O O   B PHE A 1 24  ? -2.429  -2.003  -12.988 0.50 25.18  ? 224 PHE A O   1 
ATOM   178  C CB  A PHE A 1 24  ? -2.907  -5.085  -13.533 0.50 27.46  ? 224 PHE A CB  1 
ATOM   179  C CB  B PHE A 1 24  ? -2.889  -5.086  -13.676 0.50 28.61  ? 224 PHE A CB  1 
ATOM   180  C CG  A PHE A 1 24  ? -2.720  -4.438  -14.878 0.50 28.84  ? 224 PHE A CG  1 
ATOM   181  C CG  B PHE A 1 24  ? -1.755  -6.005  -13.290 0.50 30.81  ? 224 PHE A CG  1 
ATOM   182  C CD1 A PHE A 1 24  ? -1.455  -4.024  -15.291 0.50 31.95  ? 224 PHE A CD1 1 
ATOM   183  C CD1 B PHE A 1 24  ? -2.012  -7.242  -12.695 0.50 31.98  ? 224 PHE A CD1 1 
ATOM   184  C CD2 A PHE A 1 24  ? -3.801  -4.253  -15.739 0.50 30.09  ? 224 PHE A CD2 1 
ATOM   185  C CD2 B PHE A 1 24  ? -0.431  -5.636  -13.520 0.50 33.48  ? 224 PHE A CD2 1 
ATOM   186  C CE1 A PHE A 1 24  ? -1.259  -3.434  -16.545 0.50 32.16  ? 224 PHE A CE1 1 
ATOM   187  C CE1 B PHE A 1 24  ? -0.970  -8.088  -12.329 0.50 33.31  ? 224 PHE A CE1 1 
ATOM   188  C CE2 A PHE A 1 24  ? -3.619  -3.657  -16.996 0.50 32.12  ? 224 PHE A CE2 1 
ATOM   189  C CE2 B PHE A 1 24  ? 0.613   -6.473  -13.151 0.50 34.15  ? 224 PHE A CE2 1 
ATOM   190  C CZ  A PHE A 1 24  ? -2.350  -3.246  -17.397 0.50 32.80  ? 224 PHE A CZ  1 
ATOM   191  C CZ  B PHE A 1 24  ? 0.343   -7.702  -12.556 0.50 34.11  ? 224 PHE A CZ  1 
ATOM   192  N N   . GLY A 1 25  ? -1.456  -3.203  -11.351 1.00 24.22  ? 225 GLY A N   1 
ATOM   193  C CA  . GLY A 1 25  ? -0.415  -2.206  -11.089 1.00 24.48  ? 225 GLY A CA  1 
ATOM   194  C C   . GLY A 1 25  ? -0.998  -0.885  -10.591 1.00 22.66  ? 225 GLY A C   1 
ATOM   195  O O   . GLY A 1 25  ? -0.413  0.167   -10.792 1.00 24.56  ? 225 GLY A O   1 
ATOM   196  N N   . THR A 1 26  ? -2.161  -0.943  -9.942  1.00 20.12  ? 226 THR A N   1 
ATOM   197  C CA  . THR A 1 26  ? -2.787  0.279   -9.420  1.00 18.49  ? 226 THR A CA  1 
ATOM   198  C C   . THR A 1 26  ? -2.123  0.664   -8.116  1.00 17.39  ? 226 THR A C   1 
ATOM   199  O O   . THR A 1 26  ? -1.373  -0.128  -7.553  1.00 16.77  ? 226 THR A O   1 
ATOM   200  C CB  . THR A 1 26  ? -4.303  0.109   -9.171  1.00 18.14  ? 226 THR A CB  1 
ATOM   201  O OG1 . THR A 1 26  ? -4.534  -0.707  -7.993  1.00 16.36  ? 226 THR A OG1 1 
ATOM   202  C CG2 . THR A 1 26  ? -4.948  -0.534  -10.402 1.00 17.03  ? 226 THR A CG2 1 
ATOM   203  N N   . ALA A 1 27  ? -2.439  1.859   -7.621  1.00 16.28  ? 227 ALA A N   1 
ATOM   204  C CA  . ALA A 1 27  ? -1.848  2.342   -6.391  1.00 17.01  ? 227 ALA A CA  1 
ATOM   205  C C   . ALA A 1 27  ? -2.276  1.427   -5.225  1.00 15.94  ? 227 ALA A C   1 
ATOM   206  O O   . ALA A 1 27  ? -1.551  1.270   -4.246  1.00 16.97  ? 227 ALA A O   1 
ATOM   207  C CB  . ALA A 1 27  ? -2.244  3.810   -6.129  1.00 17.41  ? 227 ALA A CB  1 
ATOM   208  N N   . PHE A 1 28  ? -3.447  0.808   -5.360  1.00 15.47  ? 228 PHE A N   1 
ATOM   209  C CA  . PHE A 1 28  ? -3.932  -0.115  -4.318  1.00 14.11  ? 228 PHE A CA  1 
ATOM   210  C C   . PHE A 1 28  ? -3.231  -1.457  -4.354  1.00 14.52  ? 228 PHE A C   1 
ATOM   211  O O   . PHE A 1 28  ? -3.028  -2.081  -3.292  1.00 15.06  ? 228 PHE A O   1 
ATOM   212  C CB  . PHE A 1 28  ? -5.454  -0.252  -4.398  1.00 14.01  ? 228 PHE A CB  1 
ATOM   213  C CG  . PHE A 1 28  ? -6.154  0.990   -3.959  1.00 13.60  ? 228 PHE A CG  1 
ATOM   214  C CD1 . PHE A 1 28  ? -6.306  1.273   -2.601  1.00 15.69  ? 228 PHE A CD1 1 
ATOM   215  C CD2 . PHE A 1 28  ? -6.586  1.927   -4.905  1.00 15.49  ? 228 PHE A CD2 1 
ATOM   216  C CE1 . PHE A 1 28  ? -6.927  2.453   -2.159  1.00 18.17  ? 228 PHE A CE1 1 
ATOM   217  C CE2 . PHE A 1 28  ? -7.190  3.109   -4.488  1.00 15.09  ? 228 PHE A CE2 1 
ATOM   218  C CZ  . PHE A 1 28  ? -7.366  3.389   -3.127  1.00 17.62  ? 228 PHE A CZ  1 
ATOM   219  N N   . HIS A 1 29  ? -2.859  -1.914  -5.550  1.00 14.57  ? 229 HIS A N   1 
ATOM   220  C CA  . HIS A 1 29  ? -1.995  -3.101  -5.636  1.00 15.86  ? 229 HIS A CA  1 
ATOM   221  C C   . HIS A 1 29  ? -0.679  -2.825  -4.936  1.00 16.04  ? 229 HIS A C   1 
ATOM   222  O O   . HIS A 1 29  ? -0.198  -3.656  -4.162  1.00 15.93  ? 229 HIS A O   1 
ATOM   223  C CB  . HIS A 1 29  ? -1.767  -3.483  -7.080  1.00 17.49  ? 229 HIS A CB  1 
ATOM   224  C CG  . HIS A 1 29  ? -2.984  -4.071  -7.727  1.00 17.23  ? 229 HIS A CG  1 
ATOM   225  N ND1 . HIS A 1 29  ? -3.915  -3.305  -8.394  1.00 19.18  ? 229 HIS A ND1 1 
ATOM   226  C CD2 . HIS A 1 29  ? -3.406  -5.352  -7.825  1.00 18.08  ? 229 HIS A CD2 1 
ATOM   227  C CE1 . HIS A 1 29  ? -4.868  -4.092  -8.870  1.00 18.29  ? 229 HIS A CE1 1 
ATOM   228  N NE2 . HIS A 1 29  ? -4.590  -5.340  -8.525  1.00 17.25  ? 229 HIS A NE2 1 
ATOM   229  N N   . GLN A 1 30  ? -0.114  -1.638  -5.172  1.00 16.93  ? 230 GLN A N   1 
ATOM   230  C CA  . GLN A 1 30  ? 1.141   -1.281  -4.503  1.00 17.11  ? 230 GLN A CA  1 
ATOM   231  C C   . GLN A 1 30  ? 0.930   -1.210  -2.988  1.00 16.49  ? 230 GLN A C   1 
ATOM   232  O O   . GLN A 1 30  ? 1.772   -1.701  -2.199  1.00 15.56  ? 230 GLN A O   1 
ATOM   233  C CB  . GLN A 1 30  ? 1.720   0.032   -5.037  1.00 18.75  ? 230 GLN A CB  1 
ATOM   234  C CG  . GLN A 1 30  ? 3.081   0.349   -4.452  1.00 24.35  ? 230 GLN A CG  1 
ATOM   235  C CD  . GLN A 1 30  ? 4.138   -0.678  -4.814  1.00 30.74  ? 230 GLN A CD  1 
ATOM   236  O OE1 . GLN A 1 30  ? 4.703   -1.348  -3.935  1.00 35.74  ? 230 GLN A OE1 1 
ATOM   237  N NE2 . GLN A 1 30  ? 4.399   -0.823  -6.102  1.00 31.80  ? 230 GLN A NE2 1 
ATOM   238  N N   . LEU A 1 31  ? -0.208  -0.637  -2.579  1.00 14.80  ? 231 LEU A N   1 
ATOM   239  C CA  . LEU A 1 31  ? -0.545  -0.573  -1.143  1.00 14.79  ? 231 LEU A CA  1 
ATOM   240  C C   . LEU A 1 31  ? -0.664  -1.937  -0.494  1.00 14.70  ? 231 LEU A C   1 
ATOM   241  O O   . LEU A 1 31  ? -0.188  -2.109  0.627   1.00 13.49  ? 231 LEU A O   1 
ATOM   242  C CB  . LEU A 1 31  ? -1.796  0.276   -0.908  1.00 15.15  ? 231 LEU A CB  1 
ATOM   243  C CG  . LEU A 1 31  ? -2.152  0.527   0.564   1.00 14.56  ? 231 LEU A CG  1 
ATOM   244  C CD1 . LEU A 1 31  ? -1.017  1.115   1.424   1.00 16.13  ? 231 LEU A CD1 1 
ATOM   245  C CD2 . LEU A 1 31  ? -3.393  1.374   0.626   1.00 14.49  ? 231 LEU A CD2 1 
ATOM   246  N N   . VAL A 1 32  ? -1.258  -2.914  -1.193  1.00 13.47  ? 232 VAL A N   1 
ATOM   247  C CA  . VAL A 1 32  ? -1.344  -4.291  -0.665  1.00 13.63  ? 232 VAL A CA  1 
ATOM   248  C C   . VAL A 1 32  ? 0.068   -4.815  -0.404  1.00 15.13  ? 232 VAL A C   1 
ATOM   249  O O   . VAL A 1 32  ? 0.338   -5.390  0.634   1.00 14.77  ? 232 VAL A O   1 
ATOM   250  C CB  . VAL A 1 32  ? -2.065  -5.185  -1.665  1.00 13.48  ? 232 VAL A CB  1 
ATOM   251  C CG1 . VAL A 1 32  ? -1.837  -6.715  -1.366  1.00 14.08  ? 232 VAL A CG1 1 
ATOM   252  C CG2 . VAL A 1 32  ? -3.579  -4.848  -1.688  1.00 14.95  ? 232 VAL A CG2 1 
ATOM   253  N N   . GLN A 1 33  ? 0.977   -4.600  -1.362  1.00 15.17  ? 233 GLN A N   1 
ATOM   254  C CA  . GLN A 1 33  ? 2.359   -5.075  -1.167  1.00 16.90  ? 233 GLN A CA  1 
ATOM   255  C C   . GLN A 1 33  ? 3.042   -4.428  0.039   1.00 16.57  ? 233 GLN A C   1 
ATOM   256  O O   . GLN A 1 33  ? 3.740   -5.110  0.811   1.00 17.51  ? 233 GLN A O   1 
ATOM   257  C CB  . GLN A 1 33  ? 3.177   -4.825  -2.427  1.00 18.08  ? 233 GLN A CB  1 
ATOM   258  C CG  . GLN A 1 33  ? 2.592   -5.529  -3.612  1.00 21.49  ? 233 GLN A CG  1 
ATOM   259  C CD  . GLN A 1 33  ? 3.237   -5.078  -4.903  1.00 27.56  ? 233 GLN A CD  1 
ATOM   260  O OE1 . GLN A 1 33  ? 4.462   -5.028  -5.009  1.00 32.24  ? 233 GLN A OE1 1 
ATOM   261  N NE2 . GLN A 1 33  ? 2.415   -4.765  -5.896  1.00 28.19  ? 233 GLN A NE2 1 
ATOM   262  N N   . VAL A 1 34  ? 2.826   -3.129  0.195   1.00 15.35  ? 234 VAL A N   1 
ATOM   263  C CA  . VAL A 1 34  ? 3.421   -2.343  1.281   1.00 15.60  ? 234 VAL A CA  1 
ATOM   264  C C   . VAL A 1 34  ? 2.874   -2.855  2.611   1.00 15.23  ? 234 VAL A C   1 
ATOM   265  O O   . VAL A 1 34  ? 3.628   -3.092  3.549   1.00 15.58  ? 234 VAL A O   1 
ATOM   266  C CB  . VAL A 1 34  ? 3.127   -0.836  1.097   1.00 15.76  ? 234 VAL A CB  1 
ATOM   267  C CG1 . VAL A 1 34  ? 3.424   -0.036  2.388   1.00 17.18  ? 234 VAL A CG1 1 
ATOM   268  C CG2 . VAL A 1 34  ? 3.929   -0.241  -0.130  1.00 17.15  ? 234 VAL A CG2 1 
ATOM   269  N N   . ILE A 1 35  ? 1.561   -3.048  2.667   1.00 14.60  ? 235 ILE A N   1 
ATOM   270  C CA  . ILE A 1 35  ? 0.888   -3.521  3.908   1.00 15.00  ? 235 ILE A CA  1 
ATOM   271  C C   . ILE A 1 35  ? 1.334   -4.922  4.235   1.00 15.45  ? 235 ILE A C   1 
ATOM   272  O O   . ILE A 1 35  ? 1.624   -5.239  5.404   1.00 15.78  ? 235 ILE A O   1 
ATOM   273  C CB  . ILE A 1 35  ? -0.639  -3.459  3.707   1.00 15.03  ? 235 ILE A CB  1 
ATOM   274  C CG1 . ILE A 1 35  ? -1.088  -1.983  3.764   1.00 16.60  ? 235 ILE A CG1 1 
ATOM   275  C CG2 . ILE A 1 35  ? -1.397  -4.334  4.727   1.00 16.51  ? 235 ILE A CG2 1 
ATOM   276  C CD1 . ILE A 1 35  ? -2.609  -1.784  3.405   1.00 17.34  ? 235 ILE A CD1 1 
ATOM   277  N N   . CYS A 1 36  ? 1.378   -5.799  3.228   1.00 16.06  ? 236 CYS A N   1 
ATOM   278  C CA  . CYS A 1 36  ? 1.779   -7.177  3.514   1.00 17.45  ? 236 CYS A CA  1 
ATOM   279  C C   . CYS A 1 36  ? 3.243   -7.298  3.958   1.00 18.14  ? 236 CYS A C   1 
ATOM   280  O O   . CYS A 1 36  ? 3.556   -8.128  4.807   1.00 18.60  ? 236 CYS A O   1 
ATOM   281  C CB  . CYS A 1 36  ? 1.494   -8.122  2.347   1.00 17.94  ? 236 CYS A CB  1 
ATOM   282  S SG  . CYS A 1 36  ? -0.237  -8.373  2.104   1.00 21.50  ? 236 CYS A SG  1 
ATOM   283  N N   . LYS A 1 37  ? 4.133   -6.518  3.359   1.00 17.55  ? 237 LYS A N   1 
ATOM   284  C CA  . LYS A 1 37  ? 5.536   -6.506  3.814   1.00 18.98  ? 237 LYS A CA  1 
ATOM   285  C C   . LYS A 1 37  ? 5.649   -6.018  5.267   1.00 18.21  ? 237 LYS A C   1 
ATOM   286  O O   . LYS A 1 37  ? 6.317   -6.648  6.105   1.00 18.97  ? 237 LYS A O   1 
ATOM   287  C CB  . LYS A 1 37  ? 6.388   -5.624  2.888   1.00 19.69  ? 237 LYS A CB  1 
ATOM   288  C CG  . LYS A 1 37  ? 7.843   -5.651  3.300   1.00 23.67  ? 237 LYS A CG  1 
ATOM   289  C CD  . LYS A 1 37  ? 8.768   -5.109  2.221   1.00 31.17  ? 237 LYS A CD  1 
ATOM   290  C CE  . LYS A 1 37  ? 10.195  -5.599  2.480   1.00 35.66  ? 237 LYS A CE  1 
ATOM   291  N NZ  . LYS A 1 37  ? 10.602  -5.425  3.895   1.00 38.26  ? 237 LYS A NZ  1 
ATOM   292  N N   . ILE A 1 38  ? 4.981   -4.908  5.582   1.00 17.44  ? 238 ILE A N   1 
ATOM   293  C CA  . ILE A 1 38  ? 5.062   -4.360  6.936   1.00 17.38  ? 238 ILE A CA  1 
ATOM   294  C C   . ILE A 1 38  ? 4.410   -5.367  7.914   1.00 17.20  ? 238 ILE A C   1 
ATOM   295  O O   . ILE A 1 38  ? 4.929   -5.653  8.994   1.00 17.12  ? 238 ILE A O   1 
ATOM   296  C CB  . ILE A 1 38  ? 4.416   -2.957  6.994   1.00 18.09  ? 238 ILE A CB  1 
ATOM   297  C CG1 . ILE A 1 38  ? 5.360   -1.946  6.328   1.00 17.30  ? 238 ILE A CG1 1 
ATOM   298  C CG2 . ILE A 1 38  ? 4.129   -2.573  8.443   1.00 17.60  ? 238 ILE A CG2 1 
ATOM   299  C CD1 . ILE A 1 38  ? 4.652   -0.669  5.880   1.00 20.67  ? 238 ILE A CD1 1 
ATOM   300  N N   . GLY A 1 39  ? 3.288   -5.942  7.508   1.00 17.11  ? 239 GLY A N   1 
ATOM   301  C CA  . GLY A 1 39  ? 2.620   -6.958  8.332   1.00 17.45  ? 239 GLY A CA  1 
ATOM   302  C C   . GLY A 1 39  ? 3.515   -8.150  8.601   1.00 18.99  ? 239 GLY A C   1 
ATOM   303  O O   . GLY A 1 39  ? 3.644   -8.607  9.743   1.00 19.00  ? 239 GLY A O   1 
ATOM   304  N N   . LYS A 1 40  ? 4.164   -8.644  7.557   1.00 19.05  ? 240 LYS A N   1 
ATOM   305  C CA  . LYS A 1 40  ? 5.032   -9.810  7.723   1.00 21.85  ? 240 LYS A CA  1 
ATOM   306  C C   . LYS A 1 40  ? 6.187   -9.476  8.668   1.00 22.28  ? 240 LYS A C   1 
ATOM   307  O O   . LYS A 1 40  ? 6.467   -10.256 9.604   1.00 22.35  ? 240 LYS A O   1 
ATOM   308  C CB  . LYS A 1 40  ? 5.542   -10.281 6.366   1.00 22.56  ? 240 LYS A CB  1 
ATOM   309  C CG  . LYS A 1 40  ? 6.444   -11.516 6.432   1.00 26.73  ? 240 LYS A CG  1 
ATOM   310  C CD  . LYS A 1 40  ? 6.767   -12.046 5.043   1.00 30.71  ? 240 LYS A CD  1 
ATOM   311  C CE  . LYS A 1 40  ? 7.472   -13.387 5.174   1.00 37.11  ? 240 LYS A CE  1 
ATOM   312  N NZ  . LYS A 1 40  ? 8.892   -13.208 5.605   1.00 40.72  ? 240 LYS A NZ  1 
ATOM   313  N N   . ASP A 1 41  ? 6.837   -8.326  8.431   1.00 20.93  ? 241 ASP A N   1 
ATOM   314  C CA  . ASP A 1 41  ? 8.031   -7.918  9.200   1.00 22.66  ? 241 ASP A CA  1 
ATOM   315  C C   . ASP A 1 41  ? 7.761   -7.645  10.688  1.00 22.65  ? 241 ASP A C   1 
ATOM   316  O O   . ASP A 1 41  ? 8.676   -7.760  11.521  1.00 23.68  ? 241 ASP A O   1 
ATOM   317  C CB  . ASP A 1 41  ? 8.713   -6.707  8.533   1.00 23.16  ? 241 ASP A CB  1 
ATOM   318  C CG  . ASP A 1 41  ? 9.233   -7.016  7.136   1.00 25.86  ? 241 ASP A CG  1 
ATOM   319  O OD1 . ASP A 1 41  ? 9.316   -8.207  6.762   1.00 28.18  ? 241 ASP A OD1 1 
ATOM   320  O OD2 . ASP A 1 41  ? 9.554   -6.058  6.391   1.00 28.17  ? 241 ASP A OD2 1 
ATOM   321  N N   . ASN A 1 42  ? 6.497   -7.361  11.026  1.00 21.15  ? 242 ASN A N   1 
ATOM   322  C CA  . ASN A 1 42  ? 6.095   -6.967  12.379  1.00 20.81  ? 242 ASN A CA  1 
ATOM   323  C C   . ASN A 1 42  ? 5.094   -7.910  13.045  1.00 21.40  ? 242 ASN A C   1 
ATOM   324  O O   . ASN A 1 42  ? 4.521   -7.593  14.106  1.00 21.57  ? 242 ASN A O   1 
ATOM   325  C CB  . ASN A 1 42  ? 5.566   -5.543  12.330  1.00 20.95  ? 242 ASN A CB  1 
ATOM   326  C CG  . ASN A 1 42  ? 6.656   -4.562  11.990  1.00 22.27  ? 242 ASN A CG  1 
ATOM   327  O OD1 . ASN A 1 42  ? 7.497   -4.265  12.838  1.00 24.47  ? 242 ASN A OD1 1 
ATOM   328  N ND2 . ASN A 1 42  ? 6.688   -4.098  10.735  1.00 20.71  ? 242 ASN A ND2 1 
ATOM   329  N N   . ASN A 1 43  ? 4.914   -9.077  12.419  1.00 19.79  ? 243 ASN A N   1 
ATOM   330  C CA  . ASN A 1 43  ? 4.037   -10.139 12.917  1.00 20.41  ? 243 ASN A CA  1 
ATOM   331  C C   . ASN A 1 43  ? 2.594   -9.670  13.129  1.00 19.58  ? 243 ASN A C   1 
ATOM   332  O O   . ASN A 1 43  ? 1.935   -10.047 14.110  1.00 20.22  ? 243 ASN A O   1 
ATOM   333  C CB  . ASN A 1 43  ? 4.625   -10.805 14.173  1.00 23.16  ? 243 ASN A CB  1 
ATOM   334  C CG  . ASN A 1 43  ? 5.981   -11.415 13.905  1.00 27.03  ? 243 ASN A CG  1 
ATOM   335  O OD1 . ASN A 1 43  ? 6.141   -12.215 12.977  1.00 32.13  ? 243 ASN A OD1 1 
ATOM   336  N ND2 . ASN A 1 43  ? 6.980   -11.021 14.698  1.00 33.78  ? 243 ASN A ND2 1 
ATOM   337  N N   . LEU A 1 44  ? 2.098   -8.896  12.164  1.00 17.22  ? 244 LEU A N   1 
ATOM   338  C CA  . LEU A 1 44  ? 0.747   -8.293  12.247  1.00 15.66  ? 244 LEU A CA  1 
ATOM   339  C C   . LEU A 1 44  ? -0.180  -8.717  11.106  1.00 15.78  ? 244 LEU A C   1 
ATOM   340  O O   . LEU A 1 44  ? -1.229  -8.098  10.915  1.00 15.43  ? 244 LEU A O   1 
ATOM   341  C CB  . LEU A 1 44  ? 0.886   -6.753  12.291  1.00 15.48  ? 244 LEU A CB  1 
ATOM   342  C CG  . LEU A 1 44  ? 1.431   -6.244  13.641  1.00 15.26  ? 244 LEU A CG  1 
ATOM   343  C CD1 . LEU A 1 44  ? 1.764   -4.789  13.527  1.00 18.64  ? 244 LEU A CD1 1 
ATOM   344  C CD2 . LEU A 1 44  ? 0.361   -6.431  14.745  1.00 20.45  ? 244 LEU A CD2 1 
ATOM   345  N N   . LEU A 1 45  ? 0.182   -9.746  10.334  1.00 14.95  ? 245 LEU A N   1 
ATOM   346  C CA  . LEU A 1 45  ? -0.679  -10.129 9.204   1.00 13.60  ? 245 LEU A CA  1 
ATOM   347  C C   . LEU A 1 45  ? -2.093  -10.484 9.609   1.00 14.87  ? 245 LEU A C   1 
ATOM   348  O O   . LEU A 1 45  ? -3.039  -10.232 8.860   1.00 14.41  ? 245 LEU A O   1 
ATOM   349  C CB  . LEU A 1 45  ? -0.093  -11.318 8.442   1.00 14.81  ? 245 LEU A CB  1 
ATOM   350  C CG  . LEU A 1 45  ? 1.183   -10.961 7.667   1.00 14.87  ? 245 LEU A CG  1 
ATOM   351  C CD1 . LEU A 1 45  ? 1.868   -12.279 7.231   1.00 16.13  ? 245 LEU A CD1 1 
ATOM   352  C CD2 . LEU A 1 45  ? 0.860   -10.077 6.459   1.00 17.47  ? 245 LEU A CD2 1 
ATOM   353  N N   . ASP A 1 46  ? -2.234  -11.136 10.761  1.00 15.18  ? 246 ASP A N   1 
ATOM   354  C CA  . ASP A 1 46  ? -3.578  -11.566 11.166  1.00 15.92  ? 246 ASP A CA  1 
ATOM   355  C C   . ASP A 1 46  ? -4.426  -10.427 11.703  1.00 15.18  ? 246 ASP A C   1 
ATOM   356  O O   . ASP A 1 46  ? -5.659  -10.438 11.560  1.00 16.77  ? 246 ASP A O   1 
ATOM   357  C CB  . ASP A 1 46  ? -3.439  -12.720 12.165  1.00 17.01  ? 246 ASP A CB  1 
ATOM   358  C CG  . ASP A 1 46  ? -2.792  -13.919 11.520  1.00 19.52  ? 246 ASP A CG  1 
ATOM   359  O OD1 . ASP A 1 46  ? -3.273  -14.308 10.439  1.00 23.58  ? 246 ASP A OD1 1 
ATOM   360  O OD2 . ASP A 1 46  ? -1.830  -14.459 12.082  1.00 25.33  ? 246 ASP A OD2 1 
ATOM   361  N N   . THR A 1 47  ? -3.773  -9.434  12.305  1.00 13.90  ? 247 THR A N   1 
ATOM   362  C CA  . THR A 1 47  ? -4.479  -8.202  12.675  1.00 14.38  ? 247 THR A CA  1 
ATOM   363  C C   . THR A 1 47  ? -4.962  -7.455  11.422  1.00 14.71  ? 247 THR A C   1 
ATOM   364  O O   . THR A 1 47  ? -6.097  -7.011  11.344  1.00 13.87  ? 247 THR A O   1 
ATOM   365  C CB  . THR A 1 47  ? -3.540  -7.310  13.485  1.00 15.19  ? 247 THR A CB  1 
ATOM   366  O OG1 . THR A 1 47  ? -3.166  -7.993  14.699  1.00 16.57  ? 247 THR A OG1 1 
ATOM   367  C CG2 . THR A 1 47  ? -4.213  -6.007  13.871  1.00 16.35  ? 247 THR A CG2 1 
ATOM   368  N N   . ILE A 1 48  ? -4.068  -7.312  10.458  1.00 13.16  ? 248 ILE A N   1 
ATOM   369  C CA  . ILE A 1 48  ? -4.407  -6.656  9.182   1.00 12.83  ? 248 ILE A CA  1 
ATOM   370  C C   . ILE A 1 48  ? -5.552  -7.401  8.459   1.00 13.59  ? 248 ILE A C   1 
ATOM   371  O O   . ILE A 1 48  ? -6.504  -6.804  7.984   1.00 14.79  ? 248 ILE A O   1 
ATOM   372  C CB  . ILE A 1 48  ? -3.144  -6.591  8.323   1.00 12.39  ? 248 ILE A CB  1 
ATOM   373  C CG1 . ILE A 1 48  ? -2.157  -5.598  8.936   1.00 14.00  ? 248 ILE A CG1 1 
ATOM   374  C CG2 . ILE A 1 48  ? -3.486  -6.210  6.873   1.00 14.69  ? 248 ILE A CG2 1 
ATOM   375  C CD1 . ILE A 1 48  ? -0.707  -5.718  8.349   1.00 14.75  ? 248 ILE A CD1 1 
ATOM   376  N N   . HIS A 1 49  ? -5.459  -8.719  8.427   1.00 13.41  ? 249 HIS A N   1 
ATOM   377  C CA  . HIS A 1 49  ? -6.483  -9.549  7.798   1.00 14.45  ? 249 HIS A CA  1 
ATOM   378  C C   . HIS A 1 49  ? -7.827  -9.350  8.492   1.00 14.61  ? 249 HIS A C   1 
ATOM   379  O O   . HIS A 1 49  ? -8.852  -9.227  7.831   1.00 15.34  ? 249 HIS A O   1 
ATOM   380  C CB  . HIS A 1 49  ? -6.014  -11.012 7.806   1.00 15.55  ? 249 HIS A CB  1 
ATOM   381  C CG  . HIS A 1 49  ? -6.978  -11.974 7.171   1.00 18.96  ? 249 HIS A CG  1 
ATOM   382  N ND1 . HIS A 1 49  ? -7.129  -13.268 7.625   1.00 20.67  ? 249 HIS A ND1 1 
ATOM   383  C CD2 . HIS A 1 49  ? -7.804  -11.850 6.105   1.00 19.95  ? 249 HIS A CD2 1 
ATOM   384  C CE1 . HIS A 1 49  ? -8.025  -13.894 6.879   1.00 21.61  ? 249 HIS A CE1 1 
ATOM   385  N NE2 . HIS A 1 49  ? -8.462  -13.051 5.958   1.00 21.59  ? 249 HIS A NE2 1 
ATOM   386  N N   . ALA A 1 50  ? -7.799  -9.290  9.823   1.00 14.75  ? 250 ALA A N   1 
ATOM   387  C CA  . ALA A 1 50  ? -9.028  -9.121  10.625  1.00 14.76  ? 250 ALA A CA  1 
ATOM   388  C C   . ALA A 1 50  ? -9.681  -7.792  10.289  1.00 15.20  ? 250 ALA A C   1 
ATOM   389  O O   . ALA A 1 50  ? -10.880 -7.697  10.123  1.00 15.76  ? 250 ALA A O   1 
ATOM   390  C CB  . ALA A 1 50  ? -8.681  -9.165  12.115  1.00 15.65  ? 250 ALA A CB  1 
ATOM   391  N N   . GLU A 1 51  ? -8.860  -6.747  10.227  1.00 15.05  ? 251 GLU A N   1 
ATOM   392  C CA  . GLU A 1 51  ? -9.393  -5.413  9.907   1.00 16.15  ? 251 GLU A CA  1 
ATOM   393  C C   . GLU A 1 51  ? -9.927  -5.340  8.470   1.00 15.35  ? 251 GLU A C   1 
ATOM   394  O O   . GLU A 1 51  ? -10.943 -4.676  8.191   1.00 16.82  ? 251 GLU A O   1 
ATOM   395  C CB  . GLU A 1 51  ? -8.297  -4.383  10.149  1.00 17.25  ? 251 GLU A CB  1 
ATOM   396  C CG  . GLU A 1 51  ? -8.060  -4.184  11.624  1.00 20.75  ? 251 GLU A CG  1 
ATOM   397  C CD  . GLU A 1 51  ? -9.185  -3.435  12.304  1.00 27.45  ? 251 GLU A CD  1 
ATOM   398  O OE1 . GLU A 1 51  ? -10.130 -2.987  11.613  1.00 29.59  ? 251 GLU A OE1 1 
ATOM   399  O OE2 . GLU A 1 51  ? -9.112  -3.291  13.539  1.00 33.62  ? 251 GLU A OE2 1 
ATOM   400  N N   . PHE A 1 52  ? -9.234  -6.005  7.557   1.00 15.43  ? 252 PHE A N   1 
ATOM   401  C CA  . PHE A 1 52  ? -9.680  -6.065  6.157   1.00 15.53  ? 252 PHE A CA  1 
ATOM   402  C C   . PHE A 1 52  ? -11.066 -6.697  6.120   1.00 15.89  ? 252 PHE A C   1 
ATOM   403  O O   . PHE A 1 52  ? -11.992 -6.163  5.537   1.00 16.31  ? 252 PHE A O   1 
ATOM   404  C CB  . PHE A 1 52  ? -8.703  -6.884  5.320   1.00 16.62  ? 252 PHE A CB  1 
ATOM   405  C CG  . PHE A 1 52  ? -9.000  -6.855  3.845   1.00 17.27  ? 252 PHE A CG  1 
ATOM   406  C CD1 . PHE A 1 52  ? -8.852  -5.663  3.132   1.00 17.18  ? 252 PHE A CD1 1 
ATOM   407  C CD2 . PHE A 1 52  ? -9.408  -8.010  3.171   1.00 17.22  ? 252 PHE A CD2 1 
ATOM   408  C CE1 . PHE A 1 52  ? -9.103  -5.623  1.745   1.00 17.99  ? 252 PHE A CE1 1 
ATOM   409  C CE2 . PHE A 1 52  ? -9.665  -7.984  1.791   1.00 19.76  ? 252 PHE A CE2 1 
ATOM   410  C CZ  . PHE A 1 52  ? -9.496  -6.790  1.074   1.00 17.27  ? 252 PHE A CZ  1 
ATOM   411  N N   . GLN A 1 53  ? -11.211 -7.863  6.744   1.00 15.46  ? 253 GLN A N   1 
ATOM   412  C CA  . GLN A 1 53  ? -12.494 -8.551  6.761   1.00 16.55  ? 253 GLN A CA  1 
ATOM   413  C C   . GLN A 1 53  ? -13.599 -7.727  7.417   1.00 16.02  ? 253 GLN A C   1 
ATOM   414  O O   . GLN A 1 53  ? -14.747 -7.710  6.942   1.00 17.99  ? 253 GLN A O   1 
ATOM   415  C CB  . GLN A 1 53  ? -12.351 -9.840  7.560   1.00 17.42  ? 253 GLN A CB  1 
ATOM   416  C CG  . GLN A 1 53  ? -11.794 -11.012 6.809   1.00 20.31  ? 253 GLN A CG  1 
ATOM   417  C CD  . GLN A 1 53  ? -12.281 -12.349 7.453   1.00 26.08  ? 253 GLN A CD  1 
ATOM   418  O OE1 . GLN A 1 53  ? -12.167 -12.523 8.644   1.00 23.94  ? 253 GLN A OE1 1 
ATOM   419  N NE2 . GLN A 1 53  ? -12.867 -13.244 6.654   1.00 28.73  ? 253 GLN A NE2 1 
ATOM   420  N N   . ALA A 1 54  ? -13.275 -7.092  8.540   1.00 16.52  ? 254 ALA A N   1 
ATOM   421  C CA  . ALA A 1 54  ? -14.264 -6.321  9.284   1.00 17.81  ? 254 ALA A CA  1 
ATOM   422  C C   . ALA A 1 54  ? -14.723 -5.133  8.457   1.00 17.82  ? 254 ALA A C   1 
ATOM   423  O O   . ALA A 1 54  ? -15.889 -4.771  8.513   1.00 19.94  ? 254 ALA A O   1 
ATOM   424  C CB  . ALA A 1 54  ? -13.716 -5.868  10.612  1.00 19.18  ? 254 ALA A CB  1 
ATOM   425  N N   . SER A 1 55  ? -13.815 -4.538  7.679   1.00 16.51  ? 255 SER A N   1 
ATOM   426  C CA  . SER A 1 55  ? -14.195 -3.379  6.867   1.00 16.75  ? 255 SER A CA  1 
ATOM   427  C C   . SER A 1 55  ? -15.084 -3.784  5.723   1.00 16.86  ? 255 SER A C   1 
ATOM   428  O O   . SER A 1 55  ? -16.066 -3.092  5.412   1.00 17.22  ? 255 SER A O   1 
ATOM   429  C CB  . SER A 1 55  ? -12.952 -2.637  6.364   1.00 17.39  ? 255 SER A CB  1 
ATOM   430  O OG  . SER A 1 55  ? -12.296 -2.030  7.465   1.00 21.20  ? 255 SER A OG  1 
ATOM   431  N N   . LEU A 1 56  ? -14.765 -4.907  5.089   1.00 16.02  ? 256 LEU A N   1 
ATOM   432  C CA  . LEU A 1 56  ? -15.601 -5.405  3.998   1.00 17.62  ? 256 LEU A CA  1 
ATOM   433  C C   . LEU A 1 56  ? -16.983 -5.740  4.528   1.00 19.67  ? 256 LEU A C   1 
ATOM   434  O O   . LEU A 1 56  ? -17.983 -5.505  3.839   1.00 21.82  ? 256 LEU A O   1 
ATOM   435  C CB  . LEU A 1 56  ? -15.012 -6.643  3.357   1.00 16.60  ? 256 LEU A CB  1 
ATOM   436  C CG  . LEU A 1 56  ? -13.674 -6.472  2.627   1.00 16.58  ? 256 LEU A CG  1 
ATOM   437  C CD1 . LEU A 1 56  ? -13.261 -7.848  2.088   1.00 21.09  ? 256 LEU A CD1 1 
ATOM   438  C CD2 . LEU A 1 56  ? -13.728 -5.437  1.523   1.00 20.54  ? 256 LEU A CD2 1 
ATOM   439  N N   . ALA A 1 57  ? -17.045 -6.257  5.743   1.00 21.25  ? 257 ALA A N   1 
ATOM   440  C CA  . ALA A 1 57  ? -18.346 -6.627  6.334   1.00 23.44  ? 257 ALA A CA  1 
ATOM   441  C C   . ALA A 1 57  ? -19.208 -5.389  6.618   1.00 24.65  ? 257 ALA A C   1 
ATOM   442  O O   . ALA A 1 57  ? -20.455 -5.482  6.639   1.00 26.64  ? 257 ALA A O   1 
ATOM   443  C CB  . ALA A 1 57  ? -18.146 -7.437  7.592   1.00 24.20  ? 257 ALA A CB  1 
ATOM   444  N N   . ASP A 1 58  ? -18.549 -4.253  6.851   1.00 23.63  ? 258 ASP A N   1 
ATOM   445  C CA  . ASP A 1 58  ? -19.190 -2.937  7.004   1.00 25.13  ? 258 ASP A CA  1 
ATOM   446  C C   . ASP A 1 58  ? -19.674 -2.322  5.678   1.00 24.47  ? 258 ASP A C   1 
ATOM   447  O O   . ASP A 1 58  ? -20.262 -1.233  5.680   1.00 25.69  ? 258 ASP A O   1 
ATOM   448  C CB  . ASP A 1 58  ? -18.225 -1.924  7.634   1.00 25.60  ? 258 ASP A CB  1 
ATOM   449  C CG  . ASP A 1 58  ? -17.909 -2.209  9.092   1.00 30.44  ? 258 ASP A CG  1 
ATOM   450  O OD1 . ASP A 1 58  ? -18.628 -2.988  9.745   1.00 34.01  ? 258 ASP A OD1 1 
ATOM   451  O OD2 . ASP A 1 58  ? -16.899 -1.637  9.571   1.00 35.72  ? 258 ASP A OD2 1 
ATOM   452  N N   . GLY A 1 59  ? -19.394 -2.984  4.557   1.00 22.64  ? 259 GLY A N   1 
ATOM   453  C CA  . GLY A 1 59  ? -19.799 -2.502  3.231   1.00 21.90  ? 259 GLY A CA  1 
ATOM   454  C C   . GLY A 1 59  ? -18.786 -1.603  2.542   1.00 20.77  ? 259 GLY A C   1 
ATOM   455  O O   . GLY A 1 59  ? -19.110 -0.937  1.540   1.00 21.28  ? 259 GLY A O   1 
ATOM   456  N N   . ASP A 1 60  ? -17.570 -1.562  3.089   1.00 19.30  ? 260 ASP A N   1 
ATOM   457  C CA  . ASP A 1 60  ? -16.497 -0.791  2.471   1.00 18.84  ? 260 ASP A CA  1 
ATOM   458  C C   . ASP A 1 60  ? -16.049 -1.480  1.192   1.00 17.43  ? 260 ASP A C   1 
ATOM   459  O O   . ASP A 1 60  ? -16.000 -2.708  1.143   1.00 17.73  ? 260 ASP A O   1 
ATOM   460  C CB  . ASP A 1 60  ? -15.305 -0.707  3.407   1.00 18.12  ? 260 ASP A CB  1 
ATOM   461  C CG  . ASP A 1 60  ? -15.563 0.159   4.632   1.00 20.71  ? 260 ASP A CG  1 
ATOM   462  O OD1 . ASP A 1 60  ? -16.611 0.836   4.717   1.00 25.53  ? 260 ASP A OD1 1 
ATOM   463  O OD2 . ASP A 1 60  ? -14.650 0.195   5.468   1.00 25.14  ? 260 ASP A OD2 1 
ATOM   464  N N   . SER A 1 61  ? -15.651 -0.691  0.194   1.00 15.87  ? 261 SER A N   1 
ATOM   465  C CA  . SER A 1 61  ? -14.959 -1.276  -0.948  1.00 15.27  ? 261 SER A CA  1 
ATOM   466  C C   . SER A 1 61  ? -13.605 -1.807  -0.464  1.00 14.25  ? 261 SER A C   1 
ATOM   467  O O   . SER A 1 61  ? -13.095 -1.383  0.596   1.00 13.74  ? 261 SER A O   1 
ATOM   468  C CB  . SER A 1 61  ? -14.730 -0.258  -2.068  1.00 15.58  ? 261 SER A CB  1 
ATOM   469  O OG  . SER A 1 61  ? -13.840 0.766   -1.633  1.00 14.76  ? 261 SER A OG  1 
ATOM   470  N N   . PRO A 1 62  ? -13.020 -2.739  -1.224  1.00 14.59  ? 262 PRO A N   1 
ATOM   471  C CA  . PRO A 1 62  ? -11.708 -3.227  -0.798  1.00 14.10  ? 262 PRO A CA  1 
ATOM   472  C C   . PRO A 1 62  ? -10.676 -2.121  -0.717  1.00 14.05  ? 262 PRO A C   1 
ATOM   473  O O   . PRO A 1 62  ? -9.832  -2.140  0.167   1.00 13.36  ? 262 PRO A O   1 
ATOM   474  C CB  . PRO A 1 62  ? -11.334 -4.216  -1.894  1.00 15.13  ? 262 PRO A CB  1 
ATOM   475  C CG  . PRO A 1 62  ? -12.690 -4.709  -2.389  1.00 18.50  ? 262 PRO A CG  1 
ATOM   476  C CD  . PRO A 1 62  ? -13.516 -3.453  -2.428  1.00 15.79  ? 262 PRO A CD  1 
ATOM   477  N N   . GLN A 1 63  ? -10.797 -1.116  -1.588  1.00 13.14  ? 263 GLN A N   1 
ATOM   478  C CA  . GLN A 1 63  ? -9.900  0.020   -1.562  1.00 13.51  ? 263 GLN A CA  1 
ATOM   479  C C   . GLN A 1 63  ? -10.068 0.843   -0.270  1.00 14.02  ? 263 GLN A C   1 
ATOM   480  O O   . GLN A 1 63  ? -9.072  1.243   0.374   1.00 14.99  ? 263 GLN A O   1 
ATOM   481  C CB  . GLN A 1 63  ? -10.164 0.881   -2.798  1.00 12.74  ? 263 GLN A CB  1 
ATOM   482  C CG  . GLN A 1 63  ? -9.846  0.169   -4.125  1.00 13.11  ? 263 GLN A CG  1 
ATOM   483  C CD  . GLN A 1 63  ? -11.073 -0.431  -4.770  1.00 11.77  ? 263 GLN A CD  1 
ATOM   484  O OE1 . GLN A 1 63  ? -11.992 -0.922  -4.087  1.00 13.68  ? 263 GLN A OE1 1 
ATOM   485  N NE2 . GLN A 1 63  ? -11.121 -0.371  -6.090  1.00 12.96  ? 263 GLN A NE2 1 
ATOM   486  N N   . CYS A 1 64  ? -11.320 1.066   0.121   1.00 13.70  ? 264 CYS A N   1 
ATOM   487  C CA  . CYS A 1 64  ? -11.605 1.730   1.371   1.00 14.25  ? 264 CYS A CA  1 
ATOM   488  C C   . CYS A 1 64  ? -11.083 0.913   2.539   1.00 15.15  ? 264 CYS A C   1 
ATOM   489  O O   . CYS A 1 64  ? -10.500 1.482   3.470   1.00 13.77  ? 264 CYS A O   1 
ATOM   490  C CB  . CYS A 1 64  ? -13.100 2.004   1.509   1.00 15.24  ? 264 CYS A CB  1 
ATOM   491  S SG  . CYS A 1 64  ? -13.511 2.866   3.035   1.00 18.75  ? 264 CYS A SG  1 
ATOM   492  N N   . ALA A 1 65  ? -11.265 -0.415  2.481   1.00 14.83  ? 265 ALA A N   1 
ATOM   493  C CA  . ALA A 1 65  ? -10.766 -1.311  3.539   1.00 15.40  ? 265 ALA A CA  1 
ATOM   494  C C   . ALA A 1 65  ? -9.248  -1.157  3.743   1.00 14.99  ? 265 ALA A C   1 
ATOM   495  O O   . ALA A 1 65  ? -8.751  -1.121  4.877   1.00 16.10  ? 265 ALA A O   1 
ATOM   496  C CB  . ALA A 1 65  ? -11.164 -2.780  3.222   1.00 16.18  ? 265 ALA A CB  1 
ATOM   497  N N   . LEU A 1 66  ? -8.513  -1.006  2.637   1.00 14.00  ? 266 LEU A N   1 
ATOM   498  C CA  . LEU A 1 66  ? -7.068  -0.813  2.717   1.00 14.71  ? 266 LEU A CA  1 
ATOM   499  C C   . LEU A 1 66  ? -6.727  0.529   3.327   1.00 15.01  ? 266 LEU A C   1 
ATOM   500  O O   . LEU A 1 66  ? -5.806  0.635   4.134   1.00 15.84  ? 266 LEU A O   1 
ATOM   501  C CB  . LEU A 1 66  ? -6.450  -0.945  1.339   1.00 14.25  ? 266 LEU A CB  1 
ATOM   502  C CG  . LEU A 1 66  ? -6.500  -2.354  0.721   1.00 14.99  ? 266 LEU A CG  1 
ATOM   503  C CD1 . LEU A 1 66  ? -6.124  -2.269  -0.744  1.00 18.43  ? 266 LEU A CD1 1 
ATOM   504  C CD2 . LEU A 1 66  ? -5.551  -3.323  1.469   1.00 17.10  ? 266 LEU A CD2 1 
ATOM   505  N N   . ILE A 1 67  ? -7.446  1.572   2.927   1.00 14.11  ? 267 ILE A N   1 
ATOM   506  C CA  . ILE A 1 67  ? -7.244  2.866   3.589   1.00 16.03  ? 267 ILE A CA  1 
ATOM   507  C C   . ILE A 1 67  ? -7.486  2.754   5.098   1.00 16.41  ? 267 ILE A C   1 
ATOM   508  O O   . ILE A 1 67  ? -6.701  3.241   5.909   1.00 18.18  ? 267 ILE A O   1 
ATOM   509  C CB  . ILE A 1 67  ? -8.151  3.954   2.970   1.00 17.22  ? 267 ILE A CB  1 
ATOM   510  C CG1 . ILE A 1 67  ? -7.717  4.243   1.528   1.00 15.71  ? 267 ILE A CG1 1 
ATOM   511  C CG2 . ILE A 1 67  ? -8.142  5.245   3.825   1.00 18.70  ? 267 ILE A CG2 1 
ATOM   512  C CD1 . ILE A 1 67  ? -8.661  5.200   0.782   1.00 18.89  ? 267 ILE A CD1 1 
ATOM   513  N N   . GLN A 1 68  ? -8.562  2.069   5.473   1.00 16.46  ? 268 GLN A N   1 
ATOM   514  C CA  . GLN A 1 68  ? -8.898  1.949   6.882   1.00 18.20  ? 268 GLN A CA  1 
ATOM   515  C C   . GLN A 1 68  ? -7.822  1.199   7.657   1.00 18.56  ? 268 GLN A C   1 
ATOM   516  O O   . GLN A 1 68  ? -7.513  1.563   8.795   1.00 19.39  ? 268 GLN A O   1 
ATOM   517  C CB  . GLN A 1 68  ? -10.291 1.335   7.040   1.00 19.83  ? 268 GLN A CB  1 
ATOM   518  C CG  . GLN A 1 68  ? -11.408 2.225   6.457   1.00 21.28  ? 268 GLN A CG  1 
ATOM   519  C CD  . GLN A 1 68  ? -11.542 3.603   7.092   1.00 28.15  ? 268 GLN A CD  1 
ATOM   520  O OE1 . GLN A 1 68  ? -10.789 4.533   6.784   1.00 32.63  ? 268 GLN A OE1 1 
ATOM   521  N NE2 . GLN A 1 68  ? -12.565 3.767   7.923   1.00 36.42  ? 268 GLN A NE2 1 
ATOM   522  N N   . ILE A 1 69  ? -7.241  0.169   7.046   1.00 17.49  ? 269 ILE A N   1 
ATOM   523  C CA  . ILE A 1 69  ? -6.103  -0.541  7.665   1.00 18.59  ? 269 ILE A CA  1 
ATOM   524  C C   . ILE A 1 69  ? -5.014  0.439   8.035   1.00 18.97  ? 269 ILE A C   1 
ATOM   525  O O   . ILE A 1 69  ? -4.503  0.414   9.167   1.00 19.61  ? 269 ILE A O   1 
ATOM   526  C CB  . ILE A 1 69  ? -5.545  -1.686  6.775   1.00 17.96  ? 269 ILE A CB  1 
ATOM   527  C CG1 . ILE A 1 69  ? -6.544  -2.858  6.732   1.00 18.84  ? 269 ILE A CG1 1 
ATOM   528  C CG2 . ILE A 1 69  ? -4.128  -2.134  7.256   1.00 17.75  ? 269 ILE A CG2 1 
ATOM   529  C CD1 . ILE A 1 69  ? -6.373  -3.828  5.516   1.00 20.01  ? 269 ILE A CD1 1 
ATOM   530  N N   . THR A 1 70  ? -4.672  1.325   7.114   1.00 18.73  ? 270 THR A N   1 
ATOM   531  C CA  . THR A 1 70  ? -3.544  2.267   7.350   1.00 20.21  ? 270 THR A CA  1 
ATOM   532  C C   . THR A 1 70  ? -3.833  3.225   8.502   1.00 22.05  ? 270 THR A C   1 
ATOM   533  O O   . THR A 1 70  ? -2.914  3.662   9.195   1.00 22.47  ? 270 THR A O   1 
ATOM   534  C CB  . THR A 1 70  ? -3.144  3.053   6.103   1.00 20.26  ? 270 THR A CB  1 
ATOM   535  O OG1 . THR A 1 70  ? -4.168  3.985   5.728   1.00 22.11  ? 270 THR A OG1 1 
ATOM   536  C CG2 . THR A 1 70  ? -2.833  2.088   4.935   1.00 19.62  ? 270 THR A CG2 1 
ATOM   537  N N   . LYS A 1 71  ? -5.117  3.486   8.720   1.00 22.90  ? 271 LYS A N   1 
ATOM   538  C CA  . LYS A 1 71  ? -5.585  4.389   9.777   1.00 25.64  ? 271 LYS A CA  1 
ATOM   539  C C   . LYS A 1 71  ? -5.823  3.703   11.132  1.00 26.20  ? 271 LYS A C   1 
ATOM   540  O O   . LYS A 1 71  ? -5.678  4.329   12.192  1.00 29.14  ? 271 LYS A O   1 
ATOM   541  C CB  . LYS A 1 71  ? -6.884  5.057   9.306   1.00 27.19  ? 271 LYS A CB  1 
ATOM   542  C CG  . LYS A 1 71  ? -6.647  6.063   8.169   1.00 28.59  ? 271 LYS A CG  1 
ATOM   543  C CD  . LYS A 1 71  ? -7.926  6.387   7.398   1.00 30.67  ? 271 LYS A CD  1 
ATOM   544  C CE  . LYS A 1 71  ? -8.991  7.049   8.251   1.00 32.74  ? 271 LYS A CE  1 
ATOM   545  N NZ  . LYS A 1 71  ? -10.292 7.126   7.481   1.00 34.46  ? 271 LYS A NZ  1 
ATOM   546  N N   A ARG A 1 72  ? -6.208  2.435   11.107  0.50 25.29  ? 272 ARG A N   1 
ATOM   547  N N   B ARG A 1 72  ? -6.176  2.419   11.093  0.50 25.15  ? 272 ARG A N   1 
ATOM   548  C CA  A ARG A 1 72  ? -6.605  1.775   12.347  0.50 26.10  ? 272 ARG A CA  1 
ATOM   549  C CA  B ARG A 1 72  ? -6.681  1.699   12.276  0.50 25.89  ? 272 ARG A CA  1 
ATOM   550  C C   A ARG A 1 72  ? -5.425  1.088   13.024  0.50 24.94  ? 272 ARG A C   1 
ATOM   551  C C   B ARG A 1 72  ? -5.628  0.790   12.948  0.50 24.65  ? 272 ARG A C   1 
ATOM   552  O O   A ARG A 1 72  ? -5.302  1.131   14.246  0.50 26.49  ? 272 ARG A O   1 
ATOM   553  O O   B ARG A 1 72  ? -5.782  0.387   14.110  0.50 25.44  ? 272 ARG A O   1 
ATOM   554  C CB  A ARG A 1 72  ? -7.748  0.790   12.100  0.50 26.80  ? 272 ARG A CB  1 
ATOM   555  C CB  B ARG A 1 72  ? -7.953  0.919   11.889  0.50 26.70  ? 272 ARG A CB  1 
ATOM   556  C CG  A ARG A 1 72  ? -9.019  1.463   11.621  0.50 28.12  ? 272 ARG A CG  1 
ATOM   557  C CG  B ARG A 1 72  ? -8.298  -0.291  12.749  0.50 28.67  ? 272 ARG A CG  1 
ATOM   558  C CD  A ARG A 1 72  ? -10.169 0.486   11.462  0.50 30.74  ? 272 ARG A CD  1 
ATOM   559  C CD  B ARG A 1 72  ? -9.101  0.081   13.994  0.50 33.47  ? 272 ARG A CD  1 
ATOM   560  N NE  A ARG A 1 72  ? -11.326 1.155   10.872  0.50 31.52  ? 272 ARG A NE  1 
ATOM   561  N NE  B ARG A 1 72  ? -10.530 0.225   13.748  0.50 37.09  ? 272 ARG A NE  1 
ATOM   562  C CZ  A ARG A 1 72  ? -12.282 0.554   10.173  0.50 32.32  ? 272 ARG A CZ  1 
ATOM   563  C CZ  B ARG A 1 72  ? -11.472 -0.556  14.276  0.50 39.16  ? 272 ARG A CZ  1 
ATOM   564  N NH1 A ARG A 1 72  ? -12.254 -0.756  9.962   0.50 31.72  ? 272 ARG A NH1 1 
ATOM   565  N NH1 B ARG A 1 72  ? -11.154 -1.565  15.086  0.50 40.25  ? 272 ARG A NH1 1 
ATOM   566  N NH2 A ARG A 1 72  ? -13.280 1.275   9.690   0.50 34.37  ? 272 ARG A NH2 1 
ATOM   567  N NH2 B ARG A 1 72  ? -12.740 -0.327  13.990  0.50 42.51  ? 272 ARG A NH2 1 
ATOM   568  N N   . VAL A 1 73  ? -4.558  0.476   12.221  1.00 22.50  ? 273 VAL A N   1 
ATOM   569  C CA  . VAL A 1 73  ? -3.533  -0.415  12.738  1.00 21.08  ? 273 VAL A CA  1 
ATOM   570  C C   . VAL A 1 73  ? -2.279  0.399   13.056  1.00 20.12  ? 273 VAL A C   1 
ATOM   571  O O   . VAL A 1 73  ? -1.684  0.968   12.137  1.00 19.44  ? 273 VAL A O   1 
ATOM   572  C CB  . VAL A 1 73  ? -3.243  -1.564  11.738  1.00 20.19  ? 273 VAL A CB  1 
ATOM   573  C CG1 . VAL A 1 73  ? -2.235  -2.533  12.320  1.00 20.38  ? 273 VAL A CG1 1 
ATOM   574  C CG2 . VAL A 1 73  ? -4.545  -2.318  11.363  1.00 20.55  ? 273 VAL A CG2 1 
ATOM   575  N N   . PRO A 1 74  ? -1.885  0.481   14.349  1.00 20.36  ? 274 PRO A N   1 
ATOM   576  C CA  . PRO A 1 74  ? -0.816  1.381   14.781  1.00 21.08  ? 274 PRO A CA  1 
ATOM   577  C C   . PRO A 1 74  ? 0.495   1.335   14.040  1.00 20.82  ? 274 PRO A C   1 
ATOM   578  O O   . PRO A 1 74  ? 1.179   2.374   13.959  1.00 21.50  ? 274 PRO A O   1 
ATOM   579  C CB  . PRO A 1 74  ? -0.565  0.946   16.233  1.00 22.03  ? 274 PRO A CB  1 
ATOM   580  C CG  . PRO A 1 74  ? -1.853  0.529   16.711  1.00 23.93  ? 274 PRO A CG  1 
ATOM   581  C CD  . PRO A 1 74  ? -2.510  -0.188  15.517  1.00 21.74  ? 274 PRO A CD  1 
ATOM   582  N N   . ILE A 1 75  ? 0.880   0.161   13.541  1.00 19.55  ? 275 ILE A N   1 
ATOM   583  C CA  . ILE A 1 75  ? 2.179   0.016   12.854  1.00 19.45  ? 275 ILE A CA  1 
ATOM   584  C C   . ILE A 1 75  ? 2.339   0.989   11.690  1.00 20.20  ? 275 ILE A C   1 
ATOM   585  O O   . ILE A 1 75  ? 3.449   1.400   11.395  1.00 21.49  ? 275 ILE A O   1 
ATOM   586  C CB  . ILE A 1 75  ? 2.445   -1.451  12.364  1.00 19.51  ? 275 ILE A CB  1 
ATOM   587  C CG1 . ILE A 1 75  ? 3.926   -1.671  12.022  1.00 20.14  ? 275 ILE A CG1 1 
ATOM   588  C CG2 . ILE A 1 75  ? 1.523   -1.868  11.195  1.00 19.24  ? 275 ILE A CG2 1 
ATOM   589  C CD1 . ILE A 1 75  ? 4.832   -1.613  13.231  1.00 22.50  ? 275 ILE A CD1 1 
ATOM   590  N N   . PHE A 1 76  ? 1.229   1.381   11.070  1.00 19.56  ? 276 PHE A N   1 
ATOM   591  C CA  . PHE A 1 76  ? 1.269   2.254   9.894   1.00 20.59  ? 276 PHE A CA  1 
ATOM   592  C C   . PHE A 1 76  ? 1.475   3.706   10.241  1.00 23.87  ? 276 PHE A C   1 
ATOM   593  O O   . PHE A 1 76  ? 1.701   4.526   9.366   1.00 25.32  ? 276 PHE A O   1 
ATOM   594  C CB  . PHE A 1 76  ? 0.059   2.008   8.977   1.00 19.33  ? 276 PHE A CB  1 
ATOM   595  C CG  . PHE A 1 76  ? 0.044   0.628   8.432   1.00 18.09  ? 276 PHE A CG  1 
ATOM   596  C CD1 . PHE A 1 76  ? 0.990   0.245   7.487   1.00 18.75  ? 276 PHE A CD1 1 
ATOM   597  C CD2 . PHE A 1 76  ? -0.879  -0.318  8.900   1.00 17.61  ? 276 PHE A CD2 1 
ATOM   598  C CE1 . PHE A 1 76  ? 1.014   -1.046  6.981   1.00 19.58  ? 276 PHE A CE1 1 
ATOM   599  C CE2 . PHE A 1 76  ? -0.853  -1.615  8.403   1.00 17.58  ? 276 PHE A CE2 1 
ATOM   600  C CZ  . PHE A 1 76  ? 0.079   -1.979  7.455   1.00 17.86  ? 276 PHE A CZ  1 
ATOM   601  N N   . GLN A 1 77  ? 1.456   3.988   11.539  1.00 24.72  ? 277 GLN A N   1 
ATOM   602  C CA  . GLN A 1 77  ? 1.913   5.259   12.070  1.00 28.61  ? 277 GLN A CA  1 
ATOM   603  C C   . GLN A 1 77  ? 3.370   5.155   12.546  1.00 29.52  ? 277 GLN A C   1 
ATOM   604  O O   . GLN A 1 77  ? 4.085   6.152   12.560  1.00 33.50  ? 277 GLN A O   1 
ATOM   605  C CB  . GLN A 1 77  ? 0.981   5.720   13.198  1.00 30.74  ? 277 GLN A CB  1 
ATOM   606  C CG  . GLN A 1 77  ? -0.327  6.275   12.668  1.00 36.40  ? 277 GLN A CG  1 
ATOM   607  C CD  . GLN A 1 77  ? -1.463  6.112   13.642  1.00 43.08  ? 277 GLN A CD  1 
ATOM   608  O OE1 . GLN A 1 77  ? -1.776  4.992   14.068  1.00 44.40  ? 277 GLN A OE1 1 
ATOM   609  N NE2 . GLN A 1 77  ? -2.100  7.225   14.003  1.00 47.83  ? 277 GLN A NE2 1 
ATOM   610  N N   . ASP A 1 78  ? 3.791   3.940   12.915  1.00 29.39  ? 278 ASP A N   1 
ATOM   611  C CA  . ASP A 1 78  ? 5.112   3.666   13.499  1.00 31.58  ? 278 ASP A CA  1 
ATOM   612  C C   . ASP A 1 78  ? 6.197   3.599   12.403  1.00 31.53  ? 278 ASP A C   1 
ATOM   613  O O   . ASP A 1 78  ? 7.379   3.783   12.689  1.00 34.46  ? 278 ASP A O   1 
ATOM   614  C CB  . ASP A 1 78  ? 5.145   2.304   14.250  1.00 31.97  ? 278 ASP A CB  1 
ATOM   615  C CG  . ASP A 1 78  ? 4.177   2.198   15.479  1.00 34.90  ? 278 ASP A CG  1 
ATOM   616  O OD1 . ASP A 1 78  ? 3.705   3.227   16.029  1.00 35.96  ? 278 ASP A OD1 1 
ATOM   617  O OD2 . ASP A 1 78  ? 3.923   1.030   15.912  1.00 33.59  ? 278 ASP A OD2 1 
ATOM   618  N N   . VAL A 1 79  ? 5.808   3.267   11.171  1.00 28.26  ? 279 VAL A N   1 
ATOM   619  C CA  . VAL A 1 79  ? 6.769   2.924   10.108  1.00 28.61  ? 279 VAL A CA  1 
ATOM   620  C C   . VAL A 1 79  ? 6.556   3.863   8.915   1.00 27.40  ? 279 VAL A C   1 
ATOM   621  O O   . VAL A 1 79  ? 5.408   4.147   8.571   1.00 27.48  ? 279 VAL A O   1 
ATOM   622  C CB  . VAL A 1 79  ? 6.554   1.439   9.662   1.00 28.33  ? 279 VAL A CB  1 
ATOM   623  C CG1 . VAL A 1 79  ? 7.320   1.100   8.413   1.00 31.57  ? 279 VAL A CG1 1 
ATOM   624  C CG2 . VAL A 1 79  ? 6.947   0.474   10.777  1.00 30.79  ? 279 VAL A CG2 1 
ATOM   625  N N   . PRO A 1 80  ? 7.644   4.329   8.270   1.00 27.97  ? 280 PRO A N   1 
ATOM   626  C CA  . PRO A 1 80  ? 7.450   5.199   7.096   1.00 27.50  ? 280 PRO A CA  1 
ATOM   627  C C   . PRO A 1 80  ? 7.033   4.469   5.814   1.00 24.72  ? 280 PRO A C   1 
ATOM   628  O O   . PRO A 1 80  ? 7.252   3.273   5.693   1.00 24.18  ? 280 PRO A O   1 
ATOM   629  C CB  . PRO A 1 80  ? 8.840   5.803   6.898   1.00 30.21  ? 280 PRO A CB  1 
ATOM   630  C CG  . PRO A 1 80  ? 9.780   4.742   7.403   1.00 31.73  ? 280 PRO A CG  1 
ATOM   631  C CD  . PRO A 1 80  ? 9.083   4.138   8.583   1.00 30.40  ? 280 PRO A CD  1 
ATOM   632  N N   . PRO A 1 81  ? 6.527   5.214   4.816   1.00 25.25  ? 281 PRO A N   1 
ATOM   633  C CA  . PRO A 1 81  ? 6.324   4.595   3.518   1.00 24.24  ? 281 PRO A CA  1 
ATOM   634  C C   . PRO A 1 81  ? 7.690   4.102   3.023   1.00 24.01  ? 281 PRO A C   1 
ATOM   635  O O   . PRO A 1 81  ? 8.679   4.833   3.164   1.00 26.46  ? 281 PRO A O   1 
ATOM   636  C CB  . PRO A 1 81  ? 5.815   5.745   2.639   1.00 26.48  ? 281 PRO A CB  1 
ATOM   637  C CG  . PRO A 1 81  ? 5.375   6.825   3.569   1.00 28.10  ? 281 PRO A CG  1 
ATOM   638  C CD  . PRO A 1 81  ? 6.168   6.642   4.832   1.00 27.68  ? 281 PRO A CD  1 
ATOM   639  N N   . PRO A 1 82  ? 7.759   2.876   2.476   1.00 23.04  ? 282 PRO A N   1 
ATOM   640  C CA  . PRO A 1 82  ? 9.051   2.338   2.037   1.00 23.76  ? 282 PRO A CA  1 
ATOM   641  C C   . PRO A 1 82  ? 9.593   3.085   0.830   1.00 23.73  ? 282 PRO A C   1 
ATOM   642  O O   . PRO A 1 82  ? 8.812   3.538   -0.009  1.00 23.50  ? 282 PRO A O   1 
ATOM   643  C CB  . PRO A 1 82  ? 8.716   0.897   1.640   1.00 25.03  ? 282 PRO A CB  1 
ATOM   644  C CG  . PRO A 1 82  ? 7.240   0.923   1.332   1.00 25.33  ? 282 PRO A CG  1 
ATOM   645  C CD  . PRO A 1 82  ? 6.649   1.921   2.262   1.00 23.78  ? 282 PRO A CD  1 
ATOM   646  N N   . ILE A 1 83  ? 10.921  3.222   0.766   1.00 25.18  ? 283 ILE A N   1 
ATOM   647  C CA  . ILE A 1 83  ? 11.581  3.773   -0.413  1.00 26.75  ? 283 ILE A CA  1 
ATOM   648  C C   . ILE A 1 83  ? 11.788  2.632   -1.405  1.00 27.06  ? 283 ILE A C   1 
ATOM   649  O O   . ILE A 1 83  ? 12.323  1.568   -1.045  1.00 29.80  ? 283 ILE A O   1 
ATOM   650  C CB  . ILE A 1 83  ? 12.937  4.419   -0.044  1.00 28.98  ? 283 ILE A CB  1 
ATOM   651  C CG1 . ILE A 1 83  ? 12.720  5.577   0.939   1.00 31.93  ? 283 ILE A CG1 1 
ATOM   652  C CG2 . ILE A 1 83  ? 13.670  4.892   -1.305  1.00 31.31  ? 283 ILE A CG2 1 
ATOM   653  C CD1 . ILE A 1 83  ? 14.005  6.123   1.600   1.00 37.23  ? 283 ILE A CD1 1 
ATOM   654  N N   . ILE A 1 84  ? 11.355  2.838   -2.640  1.00 39.47  ? 284 ILE A N   1 
ATOM   655  C CA  . ILE A 1 84  ? 11.563  1.879   -3.707  1.00 40.97  ? 284 ILE A CA  1 
ATOM   656  C C   . ILE A 1 84  ? 12.444  2.550   -4.779  1.00 39.19  ? 284 ILE A C   1 
ATOM   657  O O   . ILE A 1 84  ? 12.044  3.542   -5.378  1.00 38.04  ? 284 ILE A O   1 
ATOM   658  C CB  . ILE A 1 84  ? 10.203  1.409   -4.288  1.00 43.93  ? 284 ILE A CB  1 
ATOM   659  C CG1 . ILE A 1 84  ? 9.342   0.784   -3.176  1.00 48.22  ? 284 ILE A CG1 1 
ATOM   660  C CG2 . ILE A 1 84  ? 10.403  0.438   -5.438  1.00 45.60  ? 284 ILE A CG2 1 
ATOM   661  C CD1 . ILE A 1 84  ? 7.924   0.451   -3.582  1.00 54.12  ? 284 ILE A CD1 1 
ATOM   662  N N   . HIS A 1 85  ? 13.650  2.028   -4.989  1.00 41.15  ? 285 HIS A N   1 
ATOM   663  C CA  . HIS A 1 85  ? 14.575  2.616   -5.959  1.00 40.79  ? 285 HIS A CA  1 
ATOM   664  C C   . HIS A 1 85  ? 14.225  2.207   -7.379  1.00 42.03  ? 285 HIS A C   1 
ATOM   665  O O   . HIS A 1 85  ? 14.082  1.013   -7.668  1.00 46.51  ? 285 HIS A O   1 
ATOM   666  C CB  . HIS A 1 85  ? 16.011  2.209   -5.650  1.00 43.90  ? 285 HIS A CB  1 
ATOM   667  C CG  . HIS A 1 85  ? 16.538  2.796   -4.384  1.00 47.90  ? 285 HIS A CG  1 
ATOM   668  N ND1 . HIS A 1 85  ? 16.257  2.266   -3.143  1.00 53.87  ? 285 HIS A ND1 1 
ATOM   669  C CD2 . HIS A 1 85  ? 17.328  3.873   -4.165  1.00 50.13  ? 285 HIS A CD2 1 
ATOM   670  C CE1 . HIS A 1 85  ? 16.853  2.990   -2.213  1.00 56.45  ? 285 HIS A CE1 1 
ATOM   671  N NE2 . HIS A 1 85  ? 17.509  3.971   -2.807  1.00 55.34  ? 285 HIS A NE2 1 
ATOM   672  N N   . ILE A 1 86  ? 14.089  3.195   -8.264  1.00 39.86  ? 286 ILE A N   1 
ATOM   673  C CA  . ILE A 1 86  ? 13.729  2.930   -9.662  1.00 41.41  ? 286 ILE A CA  1 
ATOM   674  C C   . ILE A 1 86  ? 14.608  3.714   -10.628 1.00 39.79  ? 286 ILE A C   1 
ATOM   675  O O   . ILE A 1 86  ? 15.098  4.812   -10.308 1.00 39.35  ? 286 ILE A O   1 
ATOM   676  C CB  . ILE A 1 86  ? 12.230  3.208   -9.982  1.00 44.05  ? 286 ILE A CB  1 
ATOM   677  C CG1 . ILE A 1 86  ? 11.873  4.665   -9.679  1.00 43.57  ? 286 ILE A CG1 1 
ATOM   678  C CG2 . ILE A 1 86  ? 11.288  2.191   -9.275  1.00 48.08  ? 286 ILE A CG2 1 
ATOM   679  C CD1 . ILE A 1 86  ? 10.587  5.108   -10.310 1.00 48.52  ? 286 ILE A CD1 1 
ATOM   680  N N   A ARG A 1 87  ? 14.768  3.161   -11.828 0.50 41.13  ? 287 ARG A N   1 
ATOM   681  N N   B ARG A 1 87  ? 14.830  3.134   -11.802 0.50 41.00  ? 287 ARG A N   1 
ATOM   682  C CA  A ARG A 1 87  ? 15.701  3.669   -12.832 0.50 40.28  ? 287 ARG A CA  1 
ATOM   683  C CA  B ARG A 1 87  ? 15.685  3.754   -12.793 0.50 39.99  ? 287 ARG A CA  1 
ATOM   684  C C   A ARG A 1 87  ? 15.165  4.852   -13.663 0.50 40.73  ? 287 ARG A C   1 
ATOM   685  C C   B ARG A 1 87  ? 15.025  5.032   -13.290 0.50 39.97  ? 287 ARG A C   1 
ATOM   686  O O   A ARG A 1 87  ? 15.942  5.712   -14.090 0.50 40.08  ? 287 ARG A O   1 
ATOM   687  O O   B ARG A 1 87  ? 15.542  6.125   -13.076 0.50 38.45  ? 287 ARG A O   1 
ATOM   688  C CB  A ARG A 1 87  ? 16.162  2.490   -13.705 0.50 43.61  ? 287 ARG A CB  1 
ATOM   689  C CB  B ARG A 1 87  ? 15.952  2.781   -13.941 0.50 43.49  ? 287 ARG A CB  1 
ATOM   690  C CG  A ARG A 1 87  ? 16.646  2.807   -15.099 0.50 46.16  ? 287 ARG A CG  1 
ATOM   691  C CG  B ARG A 1 87  ? 17.376  2.770   -14.407 0.50 44.13  ? 287 ARG A CG  1 
ATOM   692  C CD  A ARG A 1 87  ? 16.344  1.640   -16.027 0.50 52.28  ? 287 ARG A CD  1 
ATOM   693  C CD  B ARG A 1 87  ? 17.789  1.377   -14.824 0.50 48.13  ? 287 ARG A CD  1 
ATOM   694  N NE  A ARG A 1 87  ? 14.912  1.530   -16.306 0.50 55.53  ? 287 ARG A NE  1 
ATOM   695  N NE  B ARG A 1 87  ? 19.212  1.161   -14.589 0.50 49.87  ? 287 ARG A NE  1 
ATOM   696  C CZ  A ARG A 1 87  ? 14.303  2.110   -17.335 0.50 59.33  ? 287 ARG A CZ  1 
ATOM   697  C CZ  B ARG A 1 87  ? 20.166  1.298   -15.508 0.50 51.58  ? 287 ARG A CZ  1 
ATOM   698  N NH1 A ARG A 1 87  ? 14.995  2.841   -18.202 0.50 59.78  ? 287 ARG A NH1 1 
ATOM   699  N NH1 B ARG A 1 87  ? 19.866  1.645   -16.754 0.50 52.24  ? 287 ARG A NH1 1 
ATOM   700  N NH2 A ARG A 1 87  ? 12.997  1.957   -17.502 0.50 64.80  ? 287 ARG A NH2 1 
ATOM   701  N NH2 B ARG A 1 87  ? 21.428  1.079   -15.175 0.50 55.81  ? 287 ARG A NH2 1 
ATOM   702  N N   . SER A 1 88  ? 13.845  4.888   -13.888 1.00 31.66  ? 288 SER A N   1 
ATOM   703  C CA  . SER A 1 88  ? 13.196  5.997   -14.607 1.00 29.77  ? 288 SER A CA  1 
ATOM   704  C C   . SER A 1 88  ? 11.703  6.076   -14.283 1.00 27.56  ? 288 SER A C   1 
ATOM   705  O O   . SER A 1 88  ? 11.150  5.155   -13.697 1.00 26.90  ? 288 SER A O   1 
ATOM   706  C CB  . SER A 1 88  ? 13.356  5.822   -16.121 1.00 30.09  ? 288 SER A CB  1 
ATOM   707  O OG  . SER A 1 88  ? 12.529  4.764   -16.589 1.00 31.49  ? 288 SER A OG  1 
ATOM   708  N N   . ARG A 1 89  ? 11.064  7.177   -14.676 1.00 26.36  ? 289 ARG A N   1 
ATOM   709  C CA  . ARG A 1 89  ? 9.620   7.338   -14.445 1.00 24.77  ? 289 ARG A CA  1 
ATOM   710  C C   . ARG A 1 89  ? 8.808   6.183   -15.027 1.00 24.16  ? 289 ARG A C   1 
ATOM   711  O O   . ARG A 1 89  ? 7.781   5.777   -14.440 1.00 24.01  ? 289 ARG A O   1 
ATOM   712  C CB  . ARG A 1 89  ? 9.127   8.671   -15.010 1.00 25.94  ? 289 ARG A CB  1 
ATOM   713  C CG  . ARG A 1 89  ? 7.690   8.912   -14.629 1.00 26.53  ? 289 ARG A CG  1 
ATOM   714  C CD  . ARG A 1 89  ? 7.117   10.131  -15.253 1.00 32.56  ? 289 ARG A CD  1 
ATOM   715  N NE  . ARG A 1 89  ? 5.690   10.134  -14.941 1.00 37.25  ? 289 ARG A NE  1 
ATOM   716  C CZ  . ARG A 1 89  ? 5.107   10.882  -14.008 1.00 36.47  ? 289 ARG A CZ  1 
ATOM   717  N NH1 . ARG A 1 89  ? 5.818   11.734  -13.273 1.00 37.68  ? 289 ARG A NH1 1 
ATOM   718  N NH2 . ARG A 1 89  ? 3.797   10.796  -13.845 1.00 34.01  ? 289 ARG A NH2 1 
ATOM   719  N N   . GLY A 1 90  ? 9.273   5.647   -16.152 1.00 24.47  ? 290 GLY A N   1 
ATOM   720  C CA  . GLY A 1 90  ? 8.596   4.554   -16.862 1.00 25.76  ? 290 GLY A CA  1 
ATOM   721  C C   . GLY A 1 90  ? 8.531   3.235   -16.108 1.00 26.51  ? 290 GLY A C   1 
ATOM   722  O O   . GLY A 1 90  ? 7.764   2.347   -16.492 1.00 26.79  ? 290 GLY A O   1 
ATOM   723  N N   . ASP A 1 91  ? 9.329   3.107   -15.045 1.00 25.76  ? 291 ASP A N   1 
ATOM   724  C CA  . ASP A 1 91  ? 9.352   1.881   -14.244 1.00 27.84  ? 291 ASP A CA  1 
ATOM   725  C C   . ASP A 1 91  ? 8.186   1.828   -13.268 1.00 26.62  ? 291 ASP A C   1 
ATOM   726  O O   . ASP A 1 91  ? 7.908   0.782   -12.687 1.00 28.34  ? 291 ASP A O   1 
ATOM   727  C CB  . ASP A 1 91  ? 10.665  1.765   -13.477 1.00 30.16  ? 291 ASP A CB  1 
ATOM   728  C CG  . ASP A 1 91  ? 11.840  1.465   -14.381 1.00 33.73  ? 291 ASP A CG  1 
ATOM   729  O OD1 . ASP A 1 91  ? 11.713  0.604   -15.284 1.00 38.75  ? 291 ASP A OD1 1 
ATOM   730  O OD2 . ASP A 1 91  ? 12.906  2.084   -14.177 1.00 37.77  ? 291 ASP A OD2 1 
ATOM   731  N N   . ILE A 1 92  ? 7.535   2.972   -13.066 1.00 24.54  ? 292 ILE A N   1 
ATOM   732  C CA  . ILE A 1 92  ? 6.346   3.057   -12.208 1.00 23.42  ? 292 ILE A CA  1 
ATOM   733  C C   . ILE A 1 92  ? 5.170   2.593   -13.075 1.00 22.98  ? 292 ILE A C   1 
ATOM   734  O O   . ILE A 1 92  ? 4.989   3.097   -14.190 1.00 22.18  ? 292 ILE A O   1 
ATOM   735  C CB  . ILE A 1 92  ? 6.136   4.509   -11.736 1.00 23.16  ? 292 ILE A CB  1 
ATOM   736  C CG1 . ILE A 1 92  ? 7.308   4.972   -10.857 1.00 24.37  ? 292 ILE A CG1 1 
ATOM   737  C CG2 . ILE A 1 92  ? 4.719   4.705   -11.066 1.00 21.55  ? 292 ILE A CG2 1 
ATOM   738  C CD1 . ILE A 1 92  ? 7.283   6.471   -10.568 1.00 24.83  ? 292 ILE A CD1 1 
ATOM   739  N N   . PRO A 1 93  ? 4.352   1.633   -12.585 1.00 23.95  ? 293 PRO A N   1 
ATOM   740  C CA  . PRO A 1 93  ? 3.240   1.083   -13.397 1.00 23.70  ? 293 PRO A CA  1 
ATOM   741  C C   . PRO A 1 93  ? 2.317   2.174   -13.946 1.00 22.47  ? 293 PRO A C   1 
ATOM   742  O O   . PRO A 1 93  ? 2.093   3.183   -13.277 1.00 21.51  ? 293 PRO A O   1 
ATOM   743  C CB  . PRO A 1 93  ? 2.463   0.236   -12.388 1.00 25.17  ? 293 PRO A CB  1 
ATOM   744  C CG  . PRO A 1 93  ? 3.494   -0.188  -11.398 1.00 28.05  ? 293 PRO A CG  1 
ATOM   745  C CD  . PRO A 1 93  ? 4.393   1.026   -11.241 1.00 25.85  ? 293 PRO A CD  1 
ATOM   746  N N   A ARG A 1 94  ? 1.772   1.981   -15.147 0.50 23.47  ? 294 ARG A N   1 
ATOM   747  N N   B ARG A 1 94  ? 1.797   1.942   -15.152 0.50 23.48  ? 294 ARG A N   1 
ATOM   748  C CA  A ARG A 1 94  ? 0.944   3.023   -15.778 0.50 23.66  ? 294 ARG A CA  1 
ATOM   749  C CA  B ARG A 1 94  ? 0.888   2.866   -15.831 0.50 23.89  ? 294 ARG A CA  1 
ATOM   750  C C   A ARG A 1 94  ? -0.283  3.451   -14.942 0.50 23.10  ? 294 ARG A C   1 
ATOM   751  C C   B ARG A 1 94  ? -0.197  3.421   -14.900 0.50 23.01  ? 294 ARG A C   1 
ATOM   752  O O   A ARG A 1 94  ? -0.670  4.632   -14.966 0.50 22.82  ? 294 ARG A O   1 
ATOM   753  O O   B ARG A 1 94  ? -0.398  4.639   -14.825 0.50 22.67  ? 294 ARG A O   1 
ATOM   754  C CB  A ARG A 1 94  ? 0.549   2.634   -17.211 0.50 26.44  ? 294 ARG A CB  1 
ATOM   755  C CB  B ARG A 1 94  ? 0.237   2.181   -17.039 0.50 26.35  ? 294 ARG A CB  1 
ATOM   756  C CG  A ARG A 1 94  ? -0.176  3.738   -18.021 0.50 29.33  ? 294 ARG A CG  1 
ATOM   757  C CG  B ARG A 1 94  ? -0.776  3.059   -17.750 0.50 30.17  ? 294 ARG A CG  1 
ATOM   758  C CD  A ARG A 1 94  ? 0.539   5.089   -18.019 0.50 32.53  ? 294 ARG A CD  1 
ATOM   759  C CD  B ARG A 1 94  ? -1.079  2.604   -19.173 0.50 35.61  ? 294 ARG A CD  1 
ATOM   760  N NE  A ARG A 1 94  ? 1.298   5.327   -19.245 0.50 35.82  ? 294 ARG A NE  1 
ATOM   761  N NE  B ARG A 1 94  ? -1.406  3.760   -20.008 0.50 38.93  ? 294 ARG A NE  1 
ATOM   762  C CZ  A ARG A 1 94  ? 2.602   5.583   -19.317 0.50 35.01  ? 294 ARG A CZ  1 
ATOM   763  C CZ  B ARG A 1 94  ? -2.006  3.711   -21.193 0.50 43.83  ? 294 ARG A CZ  1 
ATOM   764  N NH1 A ARG A 1 94  ? 3.160   5.777   -20.504 0.50 39.45  ? 294 ARG A NH1 1 
ATOM   765  N NH1 B ARG A 1 94  ? -2.373  2.551   -21.725 0.50 46.89  ? 294 ARG A NH1 1 
ATOM   766  N NH2 A ARG A 1 94  ? 3.357   5.656   -18.228 0.50 34.11  ? 294 ARG A NH2 1 
ATOM   767  N NH2 B ARG A 1 94  ? -2.244  4.841   -21.847 0.50 46.91  ? 294 ARG A NH2 1 
ATOM   768  N N   . ALA A 1 95  ? -0.879  2.521   -14.194 1.00 22.78  ? 295 ALA A N   1 
ATOM   769  C CA  . ALA A 1 95  ? -2.020  2.877   -13.332 1.00 22.30  ? 295 ALA A CA  1 
ATOM   770  C C   . ALA A 1 95  ? -1.661  3.718   -12.097 1.00 21.61  ? 295 ALA A C   1 
ATOM   771  O O   . ALA A 1 95  ? -2.570  4.249   -11.413 1.00 21.20  ? 295 ALA A O   1 
ATOM   772  C CB  . ALA A 1 95  ? -2.832  1.645   -12.939 1.00 23.26  ? 295 ALA A CB  1 
ATOM   773  N N   . CYS A 1 96  ? -0.361  3.840   -11.822 1.00 20.29  ? 296 CYS A N   1 
ATOM   774  C CA  . CYS A 1 96  ? 0.134   4.722   -10.753 1.00 20.39  ? 296 CYS A CA  1 
ATOM   775  C C   . CYS A 1 96  ? 0.569   6.114   -11.215 1.00 20.66  ? 296 CYS A C   1 
ATOM   776  O O   . CYS A 1 96  ? 0.845   6.981   -10.385 1.00 21.71  ? 296 CYS A O   1 
ATOM   777  C CB  . CYS A 1 96  ? 1.311   4.081   -10.045 1.00 20.25  ? 296 CYS A CB  1 
ATOM   778  S SG  . CYS A 1 96  ? 0.855   2.683   -8.952  1.00 22.75  ? 296 CYS A SG  1 
ATOM   779  N N   . GLN A 1 97  ? 0.640   6.319   -12.525 1.00 21.51  ? 297 GLN A N   1 
ATOM   780  C CA  . GLN A 1 97  ? 1.286   7.502   -13.075 1.00 21.97  ? 297 GLN A CA  1 
ATOM   781  C C   . GLN A 1 97  ? 0.581   8.800   -12.744 1.00 21.85  ? 297 GLN A C   1 
ATOM   782  O O   . GLN A 1 97  ? 1.218   9.861   -12.744 1.00 23.59  ? 297 GLN A O   1 
ATOM   783  C CB  . GLN A 1 97  ? 1.463   7.364   -14.594 1.00 23.91  ? 297 GLN A CB  1 
ATOM   784  C CG  . GLN A 1 97  ? 2.467   6.289   -15.008 1.00 24.26  ? 297 GLN A CG  1 
ATOM   785  C CD  . GLN A 1 97  ? 3.893   6.755   -14.925 1.00 27.31  ? 297 GLN A CD  1 
ATOM   786  O OE1 . GLN A 1 97  ? 4.156   7.957   -14.873 1.00 32.42  ? 297 GLN A OE1 1 
ATOM   787  N NE2 . GLN A 1 97  ? 4.830   5.816   -14.977 1.00 25.85  ? 297 GLN A NE2 1 
ATOM   788  N N   A LYS A 1 98  ? -0.719  8.731   -12.479 0.50 20.72  ? 298 LYS A N   1 
ATOM   789  N N   B LYS A 1 98  ? -0.722  8.740   -12.481 0.50 20.59  ? 298 LYS A N   1 
ATOM   790  C CA  A LYS A 1 98  ? -1.473  9.933   -12.120 0.50 21.36  ? 298 LYS A CA  1 
ATOM   791  C CA  B LYS A 1 98  ? -1.471  9.951   -12.123 0.50 21.10  ? 298 LYS A CA  1 
ATOM   792  C C   A LYS A 1 98  ? -1.789  9.991   -10.620 0.50 20.77  ? 298 LYS A C   1 
ATOM   793  C C   B LYS A 1 98  ? -1.689  10.094  -10.609 0.50 20.60  ? 298 LYS A C   1 
ATOM   794  O O   A LYS A 1 98  ? -2.711  10.695  -10.182 0.50 21.34  ? 298 LYS A O   1 
ATOM   795  O O   B LYS A 1 98  ? -2.440  10.964  -10.147 0.50 21.03  ? 298 LYS A O   1 
ATOM   796  C CB  A LYS A 1 98  ? -2.727  10.043  -12.986 0.50 22.41  ? 298 LYS A CB  1 
ATOM   797  C CB  B LYS A 1 98  ? -2.788  10.005  -12.902 0.50 21.97  ? 298 LYS A CB  1 
ATOM   798  C CG  A LYS A 1 98  ? -2.399  10.051  -14.489 0.50 24.36  ? 298 LYS A CG  1 
ATOM   799  C CG  B LYS A 1 98  ? -2.574  10.281  -14.402 0.50 23.85  ? 298 LYS A CG  1 
ATOM   800  C CD  A LYS A 1 98  ? -3.301  10.982  -15.262 0.50 27.97  ? 298 LYS A CD  1 
ATOM   801  C CD  B LYS A 1 98  ? -3.848  10.131  -15.210 0.50 25.18  ? 298 LYS A CD  1 
ATOM   802  C CE  A LYS A 1 98  ? -2.714  11.327  -16.636 0.50 29.83  ? 298 LYS A CE  1 
ATOM   803  C CE  B LYS A 1 98  ? -3.556  10.290  -16.703 0.50 27.16  ? 298 LYS A CE  1 
ATOM   804  N NZ  A LYS A 1 98  ? -1.450  12.121  -16.537 0.50 30.71  ? 298 LYS A NZ  1 
ATOM   805  N NZ  B LYS A 1 98  ? -4.794  10.449  -17.525 0.50 27.64  ? 298 LYS A NZ  1 
ATOM   806  N N   . SER A 1 99  ? -0.996  9.251   -9.842  1.00 19.94  ? 299 SER A N   1 
ATOM   807  C CA  . SER A 1 99  ? -1.103  9.243   -8.385  1.00 20.71  ? 299 SER A CA  1 
ATOM   808  C C   . SER A 1 99  ? 0.218   9.652   -7.723  1.00 21.19  ? 299 SER A C   1 
ATOM   809  O O   . SER A 1 99  ? 0.509   9.279   -6.591  1.00 20.45  ? 299 SER A O   1 
ATOM   810  C CB  . SER A 1 99  ? -1.538  7.861   -7.912  1.00 20.42  ? 299 SER A CB  1 
ATOM   811  O OG  . SER A 1 99  ? -2.818  7.541   -8.468  1.00 21.13  ? 299 SER A OG  1 
ATOM   812  N N   . LEU A 1 100 ? 1.014   10.422  -8.448  1.00 22.73  ? 300 LEU A N   1 
ATOM   813  C CA  . LEU A 1 100 ? 2.342   10.815  -7.964  1.00 24.56  ? 300 LEU A CA  1 
ATOM   814  C C   . LEU A 1 100 ? 2.415   12.271  -7.564  1.00 26.25  ? 300 LEU A C   1 
ATOM   815  O O   . LEU A 1 100 ? 1.813   13.144  -8.214  1.00 26.50  ? 300 LEU A O   1 
ATOM   816  C CB  . LEU A 1 100 ? 3.408   10.533  -9.028  1.00 25.33  ? 300 LEU A CB  1 
ATOM   817  C CG  . LEU A 1 100 ? 3.528   9.080   -9.478  1.00 24.01  ? 300 LEU A CG  1 
ATOM   818  C CD1 . LEU A 1 100 ? 4.438   8.994   -10.675 1.00 29.04  ? 300 LEU A CD1 1 
ATOM   819  C CD2 . LEU A 1 100 ? 4.077   8.216   -8.312  1.00 24.29  ? 300 LEU A CD2 1 
ATOM   820  N N   A ARG A 1 101 ? 3.136   12.521  -6.467  0.50 26.87  ? 301 ARG A N   1 
ATOM   821  N N   B ARG A 1 101 ? 3.151   12.554  -6.501  0.50 27.31  ? 301 ARG A N   1 
ATOM   822  C CA  A ARG A 1 101 ? 3.403   13.877  -5.963  0.50 28.85  ? 301 ARG A CA  1 
ATOM   823  C CA  B ARG A 1 101 ? 3.494   13.941  -6.233  0.50 29.73  ? 301 ARG A CA  1 
ATOM   824  C C   A ARG A 1 101 ? 4.826   13.943  -5.402  0.50 30.60  ? 301 ARG A C   1 
ATOM   825  C C   B ARG A 1 101 ? 4.690   14.038  -5.319  0.50 30.80  ? 301 ARG A C   1 
ATOM   826  O O   A ARG A 1 101 ? 5.346   12.918  -4.945  0.50 29.90  ? 301 ARG A O   1 
ATOM   827  O O   B ARG A 1 101 ? 4.902   13.132  -4.499  0.50 29.39  ? 301 ARG A O   1 
ATOM   828  C CB  A ARG A 1 101 ? 2.418   14.252  -4.852  0.50 28.20  ? 301 ARG A CB  1 
ATOM   829  C CB  B ARG A 1 101 ? 2.283   14.744  -5.732  0.50 30.30  ? 301 ARG A CB  1 
ATOM   830  C CG  A ARG A 1 101 ? 0.980   14.513  -5.294  0.50 28.70  ? 301 ARG A CG  1 
ATOM   831  C CG  B ARG A 1 101 ? 1.936   14.650  -4.269  0.50 30.94  ? 301 ARG A CG  1 
ATOM   832  C CD  A ARG A 1 101 ? 0.865   15.554  -6.401  0.50 32.60  ? 301 ARG A CD  1 
ATOM   833  C CD  B ARG A 1 101 ? 1.284   15.966  -3.866  0.50 34.69  ? 301 ARG A CD  1 
ATOM   834  N NE  A ARG A 1 101 ? 1.252   16.887  -5.953  0.50 35.75  ? 301 ARG A NE  1 
ATOM   835  N NE  B ARG A 1 101 ? 0.500   15.879  -2.638  0.50 36.16  ? 301 ARG A NE  1 
ATOM   836  C CZ  A ARG A 1 101 ? 1.408   17.933  -6.759  0.50 38.58  ? 301 ARG A CZ  1 
ATOM   837  C CZ  B ARG A 1 101 ? 0.881   16.372  -1.465  0.50 37.63  ? 301 ARG A CZ  1 
ATOM   838  N NH1 A ARG A 1 101 ? 1.214   17.814  -8.066  0.50 39.99  ? 301 ARG A NH1 1 
ATOM   839  N NH1 B ARG A 1 101 ? 2.054   16.986  -1.339  0.50 39.09  ? 301 ARG A NH1 1 
ATOM   840  N NH2 A ARG A 1 101 ? 1.764   19.103  -6.254  0.50 42.41  ? 301 ARG A NH2 1 
ATOM   841  N NH2 B ARG A 1 101 ? 0.085   16.240  -0.410  0.50 38.29  ? 301 ARG A NH2 1 
ATOM   842  N N   . PRO A 1 102 ? 5.475   15.130  -5.451  1.00 33.14  ? 302 PRO A N   1 
ATOM   843  C CA  . PRO A 1 102 ? 6.735   15.277  -4.708  1.00 35.49  ? 302 PRO A CA  1 
ATOM   844  C C   . PRO A 1 102 ? 6.533   14.901  -3.244  1.00 35.21  ? 302 PRO A C   1 
ATOM   845  O O   . PRO A 1 102 ? 5.549   15.317  -2.642  1.00 34.54  ? 302 PRO A O   1 
ATOM   846  C CB  . PRO A 1 102 ? 7.045   16.771  -4.825  1.00 37.84  ? 302 PRO A CB  1 
ATOM   847  C CG  . PRO A 1 102 ? 6.400   17.194  -6.095  1.00 38.84  ? 302 PRO A CG  1 
ATOM   848  C CD  . PRO A 1 102 ? 5.163   16.340  -6.241  1.00 34.98  ? 302 PRO A CD  1 
ATOM   849  N N   . ALA A 1 103 ? 7.441   14.101  -2.693  1.00 37.03  ? 303 ALA A N   1 
ATOM   850  C CA  . ALA A 1 103 ? 7.343   13.691  -1.297  1.00 37.43  ? 303 ALA A CA  1 
ATOM   851  C C   . ALA A 1 103 ? 7.567   14.875  -0.349  1.00 39.17  ? 303 ALA A C   1 
ATOM   852  O O   . ALA A 1 103 ? 8.493   15.659  -0.553  1.00 41.28  ? 303 ALA A O   1 
ATOM   853  C CB  . ALA A 1 103 ? 8.343   12.570  -1.001  1.00 38.55  ? 303 ALA A CB  1 
ATOM   854  N N   . PRO A 1 104 ? 6.710   15.010  0.683   1.00 41.99  ? 304 PRO A N   1 
ATOM   855  C CA  . PRO A 1 104 ? 6.920   15.984  1.748   1.00 45.89  ? 304 PRO A CA  1 
ATOM   856  C C   . PRO A 1 104 ? 8.016   15.457  2.683   1.00 46.00  ? 304 PRO A C   1 
ATOM   857  O O   . PRO A 1 104 ? 8.433   14.302  2.533   1.00 43.30  ? 304 PRO A O   1 
ATOM   858  C CB  . PRO A 1 104 ? 5.560   16.015  2.456   1.00 46.86  ? 304 PRO A CB  1 
ATOM   859  C CG  . PRO A 1 104 ? 5.023   14.648  2.282   1.00 42.03  ? 304 PRO A CG  1 
ATOM   860  C CD  . PRO A 1 104 ? 5.480   14.221  0.901   1.00 40.23  ? 304 PRO A CD  1 
ATOM   861  N N   . PRO A 1 105 ? 8.485   16.285  3.633   1.00 50.09  ? 305 PRO A N   1 
ATOM   862  C CA  . PRO A 1 105 ? 9.553   15.814  4.521   1.00 51.59  ? 305 PRO A CA  1 
ATOM   863  C C   . PRO A 1 105 ? 9.224   14.526  5.295   1.00 49.51  ? 305 PRO A C   1 
ATOM   864  O O   . PRO A 1 105 ? 10.049  13.603  5.318   1.00 49.76  ? 305 PRO A O   1 
ATOM   865  C CB  . PRO A 1 105 ? 9.774   16.993  5.479   1.00 57.30  ? 305 PRO A CB  1 
ATOM   866  C CG  . PRO A 1 105 ? 8.586   17.880  5.318   1.00 59.14  ? 305 PRO A CG  1 
ATOM   867  C CD  . PRO A 1 105 ? 8.116   17.685  3.919   1.00 55.47  ? 305 PRO A CD  1 
ATOM   868  N N   . SER A 1 106 ? 8.046   14.455  5.918   1.00 48.22  ? 306 SER A N   1 
ATOM   869  C CA  . SER A 1 106 ? 7.718   13.297  6.745   1.00 46.50  ? 306 SER A CA  1 
ATOM   870  C C   . SER A 1 106 ? 6.409   12.650  6.296   1.00 41.96  ? 306 SER A C   1 
ATOM   871  O O   . SER A 1 106 ? 5.389   12.764  6.993   1.00 43.31  ? 306 SER A O   1 
ATOM   872  C CB  . SER A 1 106 ? 7.665   13.680  8.222   1.00 51.34  ? 306 SER A CB  1 
ATOM   873  O OG  . SER A 1 106 ? 8.948   14.060  8.676   1.00 56.83  ? 306 SER A OG  1 
ATOM   874  N N   . PRO A 1 107 ? 6.433   11.971  5.130   1.00 37.45  ? 307 PRO A N   1 
ATOM   875  C CA  . PRO A 1 107 ? 5.207   11.382  4.597   1.00 34.14  ? 307 PRO A CA  1 
ATOM   876  C C   . PRO A 1 107 ? 4.741   10.215  5.464   1.00 32.52  ? 307 PRO A C   1 
ATOM   877  O O   . PRO A 1 107 ? 5.561   9.427   5.961   1.00 32.02  ? 307 PRO A O   1 
ATOM   878  C CB  . PRO A 1 107 ? 5.628   10.893  3.206   1.00 31.97  ? 307 PRO A CB  1 
ATOM   879  C CG  . PRO A 1 107 ? 7.058   10.625  3.330   1.00 34.15  ? 307 PRO A CG  1 
ATOM   880  C CD  . PRO A 1 107 ? 7.589   11.684  4.260   1.00 36.09  ? 307 PRO A CD  1 
ATOM   881  N N   . LYS A 1 108 ? 3.436   10.144  5.676   1.00 31.35  ? 308 LYS A N   1 
ATOM   882  C CA  . LYS A 1 108 ? 2.862   9.145   6.558   1.00 30.98  ? 308 LYS A CA  1 
ATOM   883  C C   . LYS A 1 108 ? 1.959   8.219   5.775   1.00 27.32  ? 308 LYS A C   1 
ATOM   884  O O   . LYS A 1 108 ? 1.122   8.677   5.008   1.00 26.89  ? 308 LYS A O   1 
ATOM   885  C CB  . LYS A 1 108 ? 2.094   9.826   7.698   1.00 34.85  ? 308 LYS A CB  1 
ATOM   886  C CG  . LYS A 1 108 ? 2.974   10.660  8.661   1.00 39.98  ? 308 LYS A CG  1 
ATOM   887  C CD  . LYS A 1 108 ? 3.817   9.768   9.590   1.00 46.29  ? 308 LYS A CD  1 
ATOM   888  C CE  . LYS A 1 108 ? 5.191   9.405   8.995   1.00 46.69  ? 308 LYS A CE  1 
ATOM   889  N NZ  . LYS A 1 108 ? 5.724   8.094   9.501   1.00 49.39  ? 308 LYS A NZ  1 
ATOM   890  N N   . ILE A 1 109 ? 2.125   6.917   5.967   1.00 25.42  ? 309 ILE A N   1 
ATOM   891  C CA  . ILE A 1 109 ? 1.236   5.953   5.306   1.00 23.69  ? 309 ILE A CA  1 
ATOM   892  C C   . ILE A 1 109 ? -0.247  6.248   5.592   1.00 24.42  ? 309 ILE A C   1 
ATOM   893  O O   . ILE A 1 109 ? -1.063  6.143   4.686   1.00 24.74  ? 309 ILE A O   1 
ATOM   894  C CB  . ILE A 1 109 ? 1.609   4.505   5.666   1.00 24.01  ? 309 ILE A CB  1 
ATOM   895  C CG1 . ILE A 1 109 ? 3.050   4.212   5.211   1.00 23.86  ? 309 ILE A CG1 1 
ATOM   896  C CG2 . ILE A 1 109 ? 0.622   3.509   5.038   1.00 22.53  ? 309 ILE A CG2 1 
ATOM   897  C CD1 . ILE A 1 109 ? 3.597   2.900   5.715   1.00 25.37  ? 309 ILE A CD1 1 
ATOM   898  N N   . ASP A 1 110 ? -0.593  6.619   6.833   1.00 27.36  ? 310 ASP A N   1 
ATOM   899  C CA  . ASP A 1 110 ? -2.011  6.845   7.188   1.00 29.46  ? 310 ASP A CA  1 
ATOM   900  C C   . ASP A 1 110 ? -2.619  8.111   6.568   1.00 30.61  ? 310 ASP A C   1 
ATOM   901  O O   . ASP A 1 110 ? -3.843  8.306   6.601   1.00 33.08  ? 310 ASP A O   1 
ATOM   902  C CB  . ASP A 1 110 ? -2.263  6.738   8.708   1.00 33.37  ? 310 ASP A CB  1 
ATOM   903  C CG  . ASP A 1 110 ? -1.897  8.000   9.477   1.00 37.79  ? 310 ASP A CG  1 
ATOM   904  O OD1 . ASP A 1 110 ? -2.292  8.093   10.667  1.00 43.68  ? 310 ASP A OD1 1 
ATOM   905  O OD2 . ASP A 1 110 ? -1.208  8.880   8.928   1.00 39.51  ? 310 ASP A OD2 1 
ATOM   906  N N   . ARG A 1 111 ? -1.770  8.945   5.974   1.00 31.37  ? 311 ARG A N   1 
ATOM   907  C CA  . ARG A 1 111 ? -2.236  10.100  5.209   1.00 30.78  ? 311 ARG A CA  1 
ATOM   908  C C   . ARG A 1 111 ? -2.303  9.825   3.699   1.00 27.26  ? 311 ARG A C   1 
ATOM   909  O O   . ARG A 1 111 ? -2.612  10.715  2.918   1.00 27.71  ? 311 ARG A O   1 
ATOM   910  C CB  . ARG A 1 111 ? -1.380  11.325  5.497   1.00 33.19  ? 311 ARG A CB  1 
ATOM   911  C CG  . ARG A 1 111 ? -1.453  11.765  6.940   1.00 39.31  ? 311 ARG A CG  1 
ATOM   912  C CD  . ARG A 1 111 ? -0.719  13.072  7.134   1.00 45.75  ? 311 ARG A CD  1 
ATOM   913  N NE  . ARG A 1 111 ? -0.827  13.555  8.506   1.00 52.85  ? 311 ARG A NE  1 
ATOM   914  C CZ  . ARG A 1 111 ? -0.432  14.761  8.905   1.00 57.96  ? 311 ARG A CZ  1 
ATOM   915  N NH1 . ARG A 1 111 ? 0.095   15.612  8.031   1.00 59.44  ? 311 ARG A NH1 1 
ATOM   916  N NH2 . ARG A 1 111 ? -0.568  15.120  10.175  1.00 62.17  ? 311 ARG A NH2 1 
ATOM   917  N N   . GLY A 1 112 ? -2.043  8.581   3.294   1.00 24.75  ? 312 GLY A N   1 
ATOM   918  C CA  . GLY A 1 112 ? -2.242  8.186   1.898   1.00 21.07  ? 312 GLY A CA  1 
ATOM   919  C C   . GLY A 1 112 ? -0.950  7.948   1.119   1.00 19.84  ? 312 GLY A C   1 
ATOM   920  O O   . GLY A 1 112 ? -0.995  7.581   -0.041  1.00 19.79  ? 312 GLY A O   1 
ATOM   921  N N   . TRP A 1 113 ? 0.200   8.129   1.762   1.00 19.71  ? 313 TRP A N   1 
ATOM   922  C CA  . TRP A 1 113 ? 1.489   7.952   1.085   1.00 19.44  ? 313 TRP A CA  1 
ATOM   923  C C   . TRP A 1 113 ? 1.850   6.485   1.099   1.00 18.98  ? 313 TRP A C   1 
ATOM   924  O O   . TRP A 1 113 ? 2.180   5.902   2.152   1.00 21.99  ? 313 TRP A O   1 
ATOM   925  C CB  . TRP A 1 113 ? 2.572   8.780   1.773   1.00 21.72  ? 313 TRP A CB  1 
ATOM   926  C CG  . TRP A 1 113 ? 2.296   10.253  1.674   1.00 23.21  ? 313 TRP A CG  1 
ATOM   927  C CD1 . TRP A 1 113 ? 1.704   11.053  2.621   1.00 25.49  ? 313 TRP A CD1 1 
ATOM   928  C CD2 . TRP A 1 113 ? 2.581   11.093  0.557   1.00 23.69  ? 313 TRP A CD2 1 
ATOM   929  N NE1 . TRP A 1 113 ? 1.625   12.348  2.160   1.00 26.60  ? 313 TRP A NE1 1 
ATOM   930  C CE2 . TRP A 1 113 ? 2.147   12.401  0.893   1.00 24.73  ? 313 TRP A CE2 1 
ATOM   931  C CE3 . TRP A 1 113 ? 3.170   10.874  -0.702  1.00 22.55  ? 313 TRP A CE3 1 
ATOM   932  C CZ2 . TRP A 1 113 ? 2.266   13.491  0.004   1.00 27.93  ? 313 TRP A CZ2 1 
ATOM   933  C CZ3 . TRP A 1 113 ? 3.301   11.968  -1.586  1.00 24.21  ? 313 TRP A CZ3 1 
ATOM   934  C CH2 . TRP A 1 113 ? 2.849   13.251  -1.222  1.00 26.39  ? 313 TRP A CH2 1 
ATOM   935  N N   . VAL A 1 114 ? 1.753   5.863   -0.058  1.00 18.01  ? 314 VAL A N   1 
ATOM   936  C CA  . VAL A 1 114 ? 1.951   4.433   -0.165  1.00 17.62  ? 314 VAL A CA  1 
ATOM   937  C C   . VAL A 1 114 ? 3.431   4.029   -0.115  1.00 18.19  ? 314 VAL A C   1 
ATOM   938  O O   . VAL A 1 114 ? 3.824   3.101   0.601   1.00 18.26  ? 314 VAL A O   1 
ATOM   939  C CB  . VAL A 1 114 ? 1.261   3.889   -1.452  1.00 18.46  ? 314 VAL A CB  1 
ATOM   940  C CG1 . VAL A 1 114 ? 1.467   2.363   -1.598  1.00 18.59  ? 314 VAL A CG1 1 
ATOM   941  C CG2 . VAL A 1 114 ? -0.233  4.229   -1.426  1.00 18.77  ? 314 VAL A CG2 1 
ATOM   942  N N   . CYS A 1 115 ? 4.246   4.698   -0.917  1.00 17.51  ? 315 CYS A N   1 
ATOM   943  C CA  . CYS A 1 115 ? 5.650   4.386   -0.986  1.00 19.05  ? 315 CYS A CA  1 
ATOM   944  C C   . CYS A 1 115 ? 6.310   5.582   -1.629  1.00 20.22  ? 315 CYS A C   1 
ATOM   945  O O   . CYS A 1 115 ? 5.623   6.497   -2.097  1.00 19.70  ? 315 CYS A O   1 
ATOM   946  C CB  . CYS A 1 115 ? 5.883   3.108   -1.798  1.00 19.24  ? 315 CYS A CB  1 
ATOM   947  S SG  . CYS A 1 115 ? 5.358   3.209   -3.552  1.00 22.14  ? 315 CYS A SG  1 
ATOM   948  N N   . LEU A 1 116 ? 7.632   5.576   -1.623  1.00 21.60  ? 316 LEU A N   1 
ATOM   949  C CA  . LEU A 1 116 ? 8.408   6.657   -2.224  1.00 24.36  ? 316 LEU A CA  1 
ATOM   950  C C   . LEU A 1 116 ? 9.290   6.043   -3.279  1.00 25.92  ? 316 LEU A C   1 
ATOM   951  O O   . LEU A 1 116 ? 10.031  5.116   -3.000  1.00 26.74  ? 316 LEU A O   1 
ATOM   952  C CB  . LEU A 1 116 ? 9.272   7.317   -1.165  1.00 26.27  ? 316 LEU A CB  1 
ATOM   953  C CG  . LEU A 1 116 ? 8.572   7.748   0.119   1.00 27.13  ? 316 LEU A CG  1 
ATOM   954  C CD1 . LEU A 1 116 ? 9.579   8.342   1.070   1.00 29.96  ? 316 LEU A CD1 1 
ATOM   955  C CD2 . LEU A 1 116 ? 7.480   8.756   -0.169  1.00 27.72  ? 316 LEU A CD2 1 
ATOM   956  N N   . PHE A 1 117 ? 9.177   6.543   -4.507  1.00 27.98  ? 317 PHE A N   1 
ATOM   957  C CA  . PHE A 1 117 ? 9.995   6.044   -5.591  1.00 30.62  ? 317 PHE A CA  1 
ATOM   958  C C   . PHE A 1 117 ? 11.176  6.978   -5.689  1.00 34.46  ? 317 PHE A C   1 
ATOM   959  O O   . PHE A 1 117 ? 11.005  8.148   -6.027  1.00 33.96  ? 317 PHE A O   1 
ATOM   960  C CB  . PHE A 1 117 ? 9.225   6.063   -6.908  1.00 30.69  ? 317 PHE A CB  1 
ATOM   961  C CG  . PHE A 1 117 ? 8.106   5.064   -6.975  1.00 28.88  ? 317 PHE A CG  1 
ATOM   962  C CD1 . PHE A 1 117 ? 6.786   5.490   -6.980  1.00 27.71  ? 317 PHE A CD1 1 
ATOM   963  C CD2 . PHE A 1 117 ? 8.382   3.693   -7.045  1.00 29.72  ? 317 PHE A CD2 1 
ATOM   964  C CE1 . PHE A 1 117 ? 5.737   4.585   -7.072  1.00 26.09  ? 317 PHE A CE1 1 
ATOM   965  C CE2 . PHE A 1 117 ? 7.335   2.759   -7.133  1.00 29.32  ? 317 PHE A CE2 1 
ATOM   966  C CZ  . PHE A 1 117 ? 6.008   3.212   -7.146  1.00 28.10  ? 317 PHE A CZ  1 
ATOM   967  N N   . LYS A 1 118 ? 12.364  6.479   -5.384  1.00 45.40  ? 318 LYS A N   1 
ATOM   968  C CA  . LYS A 1 118 ? 13.553  7.309   -5.497  1.00 40.75  ? 318 LYS A CA  1 
ATOM   969  C C   . LYS A 1 118 ? 14.230  7.096   -6.839  1.00 39.49  ? 318 LYS A C   1 
ATOM   970  O O   . LYS A 1 118 ? 14.676  5.986   -7.160  1.00 42.08  ? 318 LYS A O   1 
ATOM   971  C CB  . LYS A 1 118 ? 14.548  7.034   -4.362  1.00 42.43  ? 318 LYS A CB  1 
ATOM   972  C CG  . LYS A 1 118 ? 15.846  7.800   -4.508  1.00 41.20  ? 318 LYS A CG  1 
ATOM   973  C CD  . LYS A 1 118 ? 16.458  8.114   -3.169  1.00 47.62  ? 318 LYS A CD  1 
ATOM   974  C CE  . LYS A 1 118 ? 17.624  9.087   -3.314  1.00 50.41  ? 318 LYS A CE  1 
ATOM   975  N NZ  . LYS A 1 118 ? 18.182  9.366   -1.965  1.00 60.17  ? 318 LYS A NZ  1 
ATOM   976  N N   . MET A 1 119 ? 14.297  8.170   -7.627  1.00 40.66  ? 319 MET A N   1 
ATOM   977  C CA  . MET A 1 119 ? 14.865  8.037   -8.963  1.00 43.10  ? 319 MET A CA  1 
ATOM   978  C C   . MET A 1 119 ? 16.331  8.455   -9.049  1.00 45.84  ? 319 MET A C   1 
ATOM   979  O O   . MET A 1 119 ? 16.962  8.851   -8.052  1.00 49.09  ? 319 MET A O   1 
ATOM   980  C CB  . MET A 1 119 ? 13.966  8.774   -9.970  1.00 45.06  ? 319 MET A CB  1 
ATOM   981  C CG  . MET A 1 119 ? 12.517  8.243   -9.983  1.00 51.91  ? 319 MET A CG  1 
ATOM   982  S SD  . MET A 1 119 ? 11.341  9.241   -10.899 1.00 64.77  ? 319 MET A SD  1 
ATOM   983  C CE  . MET A 1 119 ? 11.497  10.804  -10.028 1.00 72.46  ? 319 MET A CE  1 
ATOM   984  N N   . GLN A 1 120 ? 16.912  8.279   -10.228 1.00 50.37  ? 320 GLN A N   1 
ATOM   985  C CA  . GLN A 1 120 ? 18.340  8.493   -10.418 1.00 58.30  ? 320 GLN A CA  1 
ATOM   986  C C   . GLN A 1 120 ? 18.820  9.920   -10.150 1.00 59.80  ? 320 GLN A C   1 
ATOM   987  O O   . GLN A 1 120 ? 19.894  10.107  -9.561  1.00 67.35  ? 320 GLN A O   1 
ATOM   988  C CB  . GLN A 1 120 ? 18.781  7.995   -11.795 1.00 70.08  ? 320 GLN A CB  1 
ATOM   989  C CG  . GLN A 1 120 ? 18.548  6.492   -11.973 1.00 76.44  ? 320 GLN A CG  1 
ATOM   990  C CD  . GLN A 1 120 ? 19.250  5.948   -13.280 1.00 95.88  ? 320 GLN A CD  1 
ATOM   991  O OE1 . GLN A 1 120 ? 19.659  4.702   -13.163 1.00 113.40 ? 320 GLN A OE1 1 
ATOM   992  N NE2 . GLN A 1 120 ? 19.447  6.860   -14.496 1.00 102.16 ? 320 GLN A NE2 1 
ATOM   993  N N   . ASP A 1 121 ? 18.032  10.918  -10.554 1.00 56.42  ? 321 ASP A N   1 
ATOM   994  C CA  . ASP A 1 121 ? 18.415  12.325  -10.370 1.00 64.73  ? 321 ASP A CA  1 
ATOM   995  C C   . ASP A 1 121 ? 18.404  12.788  -8.913  1.00 63.62  ? 321 ASP A C   1 
ATOM   996  O O   . ASP A 1 121 ? 18.703  13.947  -8.609  1.00 75.43  ? 321 ASP A O   1 
ATOM   997  C CB  . ASP A 1 121 ? 17.577  13.255  -11.262 1.00 71.06  ? 321 ASP A CB  1 
ATOM   998  C CG  . ASP A 1 121 ? 16.122  13.333  -10.843 1.00 66.52  ? 321 ASP A CG  1 
ATOM   999  O OD1 . ASP A 1 121 ? 15.612  12.373  -10.232 1.00 55.42  ? 321 ASP A OD1 1 
ATOM   1000 O OD2 . ASP A 1 121 ? 15.486  14.366  -11.150 1.00 78.96  ? 321 ASP A OD2 1 
ATOM   1001 N N   . GLY A 1 122 ? 18.074  11.860  -8.019  1.00 53.56  ? 322 GLY A N   1 
ATOM   1002 C CA  . GLY A 1 122 ? 18.096  12.105  -6.580  1.00 54.20  ? 322 GLY A CA  1 
ATOM   1003 C C   . GLY A 1 122 ? 16.722  12.498  -6.080  1.00 53.14  ? 322 GLY A C   1 
ATOM   1004 O O   . GLY A 1 122 ? 16.474  12.528  -4.871  1.00 56.35  ? 322 GLY A O   1 
ATOM   1005 N N   . LYS A 1 123 ? 15.831  12.797  -7.020  1.00 53.12  ? 323 LYS A N   1 
ATOM   1006 C CA  . LYS A 1 123 ? 14.472  13.215  -6.698  1.00 60.51  ? 323 LYS A CA  1 
ATOM   1007 C C   . LYS A 1 123 ? 13.614  12.016  -6.311  1.00 52.65  ? 323 LYS A C   1 
ATOM   1008 O O   . LYS A 1 123 ? 13.930  10.855  -6.656  1.00 45.13  ? 323 LYS A O   1 
ATOM   1009 C CB  . LYS A 1 123 ? 13.847  14.020  -7.841  1.00 71.64  ? 323 LYS A CB  1 
ATOM   1010 C CG  . LYS A 1 123 ? 14.345  15.456  -7.905  1.00 89.66  ? 323 LYS A CG  1 
ATOM   1011 C CD  . LYS A 1 123 ? 13.800  16.186  -9.112  1.00 104.68 ? 323 LYS A CD  1 
ATOM   1012 C CE  . LYS A 1 123 ? 14.550  17.488  -9.352  1.00 125.42 ? 323 LYS A CE  1 
ATOM   1013 N NZ  . LYS A 1 123 ? 14.297  18.506  -8.288  1.00 148.83 ? 323 LYS A NZ  1 
ATOM   1014 N N   A THR A 1 124 ? 12.542  12.286  -5.580  0.50 47.39  ? 324 THR A N   1 
ATOM   1015 N N   B THR A 1 124 ? 12.576  12.306  -5.538  0.50 47.64  ? 324 THR A N   1 
ATOM   1016 C CA  A THR A 1 124 ? 11.682  11.227  -5.062  0.50 41.11  ? 324 THR A CA  1 
ATOM   1017 C CA  B THR A 1 124 ? 11.651  11.296  -5.053  0.50 41.68  ? 324 THR A CA  1 
ATOM   1018 C C   A THR A 1 124 ? 10.206  11.591  -5.204  0.50 39.57  ? 324 THR A C   1 
ATOM   1019 C C   B THR A 1 124 ? 10.233  11.695  -5.428  0.50 40.38  ? 324 THR A C   1 
ATOM   1020 O O   A THR A 1 124 ? 9.768   12.648  -4.730  0.50 40.91  ? 324 THR A O   1 
ATOM   1021 O O   B THR A 1 124 ? 9.857   12.876  -5.340  0.50 42.29  ? 324 THR A O   1 
ATOM   1022 C CB  A THR A 1 124 ? 12.054  10.876  -3.596  0.50 39.07  ? 324 THR A CB  1 
ATOM   1023 C CB  B THR A 1 124 ? 11.738  11.112  -3.514  0.50 39.80  ? 324 THR A CB  1 
ATOM   1024 O OG1 A THR A 1 124 ? 13.242  10.074  -3.589  0.50 38.83  ? 324 THR A OG1 1 
ATOM   1025 O OG1 B THR A 1 124 ? 11.303  12.308  -2.857  0.50 42.30  ? 324 THR A OG1 1 
ATOM   1026 C CG2 A THR A 1 124 ? 10.934  10.110  -2.904  0.50 34.78  ? 324 THR A CG2 1 
ATOM   1027 C CG2 B THR A 1 124 ? 13.160  10.782  -3.074  0.50 40.06  ? 324 THR A CG2 1 
ATOM   1028 N N   . LEU A 1 125 ? 9.460   10.711  -5.874  1.00 36.79  ? 325 LEU A N   1 
ATOM   1029 C CA  . LEU A 1 125 ? 8.045   10.905  -6.126  1.00 34.66  ? 325 LEU A CA  1 
ATOM   1030 C C   . LEU A 1 125 ? 7.323   9.986   -5.190  1.00 29.52  ? 325 LEU A C   1 
ATOM   1031 O O   . LEU A 1 125 ? 7.589   8.784   -5.184  1.00 28.46  ? 325 LEU A O   1 
ATOM   1032 C CB  . LEU A 1 125 ? 7.676   10.513  -7.555  1.00 36.47  ? 325 LEU A CB  1 
ATOM   1033 C CG  . LEU A 1 125 ? 7.985   11.492  -8.685  1.00 40.17  ? 325 LEU A CG  1 
ATOM   1034 C CD1 . LEU A 1 125 ? 7.836   10.796  -10.032 1.00 42.69  ? 325 LEU A CD1 1 
ATOM   1035 C CD2 . LEU A 1 125 ? 7.077   12.706  -8.609  1.00 42.82  ? 325 LEU A CD2 1 
ATOM   1036 N N   . GLY A 1 126 ? 6.413   10.535  -4.396  1.00 26.61  ? 326 GLY A N   1 
ATOM   1037 C CA  . GLY A 1 126 ? 5.619   9.691   -3.500  1.00 22.89  ? 326 GLY A CA  1 
ATOM   1038 C C   . GLY A 1 126 ? 4.382   9.240   -4.260  1.00 22.04  ? 326 GLY A C   1 
ATOM   1039 O O   . GLY A 1 126 ? 3.842   9.991   -5.074  1.00 23.45  ? 326 GLY A O   1 
ATOM   1040 N N   . LEU A 1 127 ? 3.945   8.014   -3.994  1.00 19.48  ? 327 LEU A N   1 
ATOM   1041 C CA  . LEU A 1 127 ? 2.698   7.508   -4.525  1.00 19.31  ? 327 LEU A CA  1 
ATOM   1042 C C   . LEU A 1 127 ? 1.638   7.776   -3.480  1.00 19.62  ? 327 LEU A C   1 
ATOM   1043 O O   . LEU A 1 127 ? 1.791   7.398   -2.322  1.00 19.41  ? 327 LEU A O   1 
ATOM   1044 C CB  . LEU A 1 127 ? 2.819   6.001   -4.729  1.00 19.22  ? 327 LEU A CB  1 
ATOM   1045 C CG  . LEU A 1 127 ? 1.603   5.268   -5.263  1.00 18.24  ? 327 LEU A CG  1 
ATOM   1046 C CD1 . LEU A 1 127 ? 1.298   5.778   -6.660  1.00 21.26  ? 327 LEU A CD1 1 
ATOM   1047 C CD2 . LEU A 1 127 ? 1.877   3.778   -5.282  1.00 21.14  ? 327 LEU A CD2 1 
ATOM   1048 N N   . LYS A 1 128 ? 0.565   8.431   -3.897  1.00 19.99  ? 328 LYS A N   1 
ATOM   1049 C CA  . LYS A 1 128 ? -0.372  8.999   -2.945  1.00 21.20  ? 328 LYS A CA  1 
ATOM   1050 C C   . LYS A 1 128 ? -1.792  8.653   -3.346  1.00 22.11  ? 328 LYS A C   1 
ATOM   1051 O O   . LYS A 1 128 ? -2.193  8.869   -4.490  1.00 21.70  ? 328 LYS A O   1 
ATOM   1052 C CB  . LYS A 1 128 ? -0.133  10.521  -2.900  1.00 22.34  ? 328 LYS A CB  1 
ATOM   1053 C CG  . LYS A 1 128 ? -1.087  11.379  -2.064  1.00 25.37  ? 328 LYS A CG  1 
ATOM   1054 C CD  . LYS A 1 128 ? -0.872  11.233  -0.573  1.00 28.55  ? 328 LYS A CD  1 
ATOM   1055 C CE  . LYS A 1 128 ? -1.496  12.424  0.191   1.00 30.68  ? 328 LYS A CE  1 
ATOM   1056 N NZ  . LYS A 1 128 ? -2.989  12.364  0.298   1.00 32.19  ? 328 LYS A NZ  1 
ATOM   1057 N N   . ILE A 1 129 ? -2.568  8.143   -2.400  1.00 24.00  ? 329 ILE A N   1 
ATOM   1058 C CA  . ILE A 1 129 ? -4.020  8.013   -2.613  1.00 26.98  ? 329 ILE A CA  1 
ATOM   1059 C C   . ILE A 1 129 ? -4.802  8.921   -1.675  1.00 28.59  ? 329 ILE A C   1 
ATOM   1060 O O   . ILE A 1 129 ? -6.030  9.039   -1.761  1.00 31.71  ? 329 ILE A O   1 
ATOM   1061 C CB  . ILE A 1 129 ? -4.495  6.581   -2.388  1.00 28.35  ? 329 ILE A CB  1 
ATOM   1062 C CG1 . ILE A 1 129 ? -4.020  6.081   -1.018  1.00 29.40  ? 329 ILE A CG1 1 
ATOM   1063 C CG2 . ILE A 1 129 ? -3.993  5.705   -3.519  1.00 30.15  ? 329 ILE A CG2 1 
ATOM   1064 C CD1 . ILE A 1 129 ? -4.708  4.854   -0.526  1.00 34.90  ? 329 ILE A CD1 1 
ATOM   1065 O OXT . ILE A 1 129 ? -4.241  9.515   -0.769  1.00 30.34  ? 329 ILE A OXT 1 
HETATM 1066 C C   . ACY B 2 .   ? -16.180 -21.394 8.762   1.00 48.57  ? 1   ACY A C   1 
HETATM 1067 O O   . ACY B 2 .   ? -15.519 -21.517 9.816   1.00 48.57  ? 1   ACY A O   1 
HETATM 1068 O OXT . ACY B 2 .   ? -15.947 -20.517 7.899   1.00 48.51  ? 1   ACY A OXT 1 
HETATM 1069 C CH3 . ACY B 2 .   ? -17.322 -22.344 8.536   1.00 48.32  ? 1   ACY A CH3 1 
HETATM 1070 C C   . ACY C 2 .   ? -10.700 -11.986 3.819   1.00 37.86  ? 2   ACY A C   1 
HETATM 1071 O O   . ACY C 2 .   ? -9.790  -11.266 4.269   1.00 38.65  ? 2   ACY A O   1 
HETATM 1072 O OXT . ACY C 2 .   ? -10.760 -13.225 4.028   1.00 36.52  ? 2   ACY A OXT 1 
HETATM 1073 C CH3 . ACY C 2 .   ? -11.740 -11.271 2.999   1.00 37.38  ? 2   ACY A CH3 1 
HETATM 1074 C C1  . GOL D 3 .   ? 7.115   -3.384  -0.481  1.00 51.97  ? 3   GOL A C1  1 
HETATM 1075 O O1  . GOL D 3 .   ? 7.326   -2.390  0.485   1.00 46.82  ? 3   GOL A O1  1 
HETATM 1076 C C2  . GOL D 3 .   ? 6.881   -2.676  -1.809  1.00 53.65  ? 3   GOL A C2  1 
HETATM 1077 O O2  . GOL D 3 .   ? 5.494   -2.605  -2.048  1.00 55.14  ? 3   GOL A O2  1 
HETATM 1078 C C3  . GOL D 3 .   ? 7.606   -3.397  -2.942  1.00 55.37  ? 3   GOL A C3  1 
HETATM 1079 O O3  . GOL D 3 .   ? 6.694   -4.117  -3.741  1.00 56.22  ? 3   GOL A O3  1 
HETATM 1080 O O   . HOH E 4 .   ? 2.035   -12.047 10.902  1.00 21.22  ? 4   HOH A O   1 
HETATM 1081 O O   . HOH E 4 .   ? -0.777  -0.354  -14.561 1.00 27.26  ? 5   HOH A O   1 
HETATM 1082 O O   . HOH E 4 .   ? -2.881  7.002   -11.185 1.00 22.54  ? 6   HOH A O   1 
HETATM 1083 O O   . HOH E 4 .   ? 4.280   -15.799 2.467   1.00 24.27  ? 7   HOH A O   1 
HETATM 1084 O O   . HOH E 4 .   ? -2.246  -3.629  16.099  1.00 20.94  ? 8   HOH A O   1 
HETATM 1085 O O   . HOH E 4 .   ? -4.878  5.651   -7.200  1.00 21.41  ? 9   HOH A O   1 
HETATM 1086 O O   . HOH E 4 .   ? -6.254  -7.529  -8.882  1.00 20.95  ? 10  HOH A O   1 
HETATM 1087 O O   . HOH E 4 .   ? -13.318 2.169   -3.986  1.00 19.56  ? 11  HOH A O   1 
HETATM 1088 O O   . HOH E 4 .   ? 1.465   -1.251  -8.342  1.00 29.55  ? 12  HOH A O   1 
HETATM 1089 O O   . HOH E 4 .   ? -3.963  3.813   -9.023  1.00 24.84  ? 13  HOH A O   1 
HETATM 1090 O O   . HOH E 4 .   ? -5.179  -1.230  -14.515 1.00 29.04  ? 14  HOH A O   1 
HETATM 1091 O O   . HOH E 4 .   ? 6.384   -2.112  2.972   1.00 22.33  ? 15  HOH A O   1 
HETATM 1092 O O   . HOH E 4 .   ? 4.829   -7.406  0.064   1.00 29.38  ? 16  HOH A O   1 
HETATM 1093 O O   . HOH E 4 .   ? 2.446   -10.050 16.798  1.00 32.28  ? 17  HOH A O   1 
HETATM 1094 O O   . HOH E 4 .   ? -2.234  3.894   11.723  1.00 31.78  ? 18  HOH A O   1 
HETATM 1095 O O   . HOH E 4 .   ? 4.352   -14.897 5.601   1.00 24.62  ? 19  HOH A O   1 
HETATM 1096 O O   . HOH E 4 .   ? 8.878   -2.667  9.409   1.00 28.77  ? 20  HOH A O   1 
HETATM 1097 O O   . HOH E 4 .   ? -6.160  3.064   -10.254 1.00 33.70  ? 21  HOH A O   1 
HETATM 1098 O O   . HOH E 4 .   ? 12.701  9.213   -15.630 1.00 35.53  ? 22  HOH A O   1 
HETATM 1099 O O   . HOH E 4 .   ? 4.740   -12.401 10.172  1.00 26.23  ? 23  HOH A O   1 
HETATM 1100 O O   . HOH E 4 .   ? 8.676   -3.575  6.891   1.00 29.99  ? 24  HOH A O   1 
HETATM 1101 O O   . HOH E 4 .   ? 3.846   6.245   8.227   1.00 27.74  ? 25  HOH A O   1 
HETATM 1102 O O   . HOH E 4 .   ? -4.038  5.278   3.203   1.00 32.30  ? 26  HOH A O   1 
HETATM 1103 O O   . HOH E 4 .   ? 3.587   -7.504  16.578  1.00 27.75  ? 27  HOH A O   1 
HETATM 1104 O O   . HOH E 4 .   ? 9.850   -0.273  8.528   1.00 42.21  ? 28  HOH A O   1 
HETATM 1105 O O   . HOH E 4 .   ? 3.301   -8.628  -1.395  1.00 34.06  ? 29  HOH A O   1 
HETATM 1106 O O   . HOH E 4 .   ? -1.525  4.857   2.171   1.00 32.65  ? 30  HOH A O   1 
HETATM 1107 O O   . HOH E 4 .   ? 5.205   -9.460  1.805   1.00 33.57  ? 31  HOH A O   1 
HETATM 1108 O O   . HOH E 4 .   ? -2.976  -0.140  -16.361 1.00 41.13  ? 32  HOH A O   1 
HETATM 1109 O O   . HOH E 4 .   ? 1.982   12.750  5.551   1.00 38.57  ? 33  HOH A O   1 
HETATM 1110 O O   . HOH E 4 .   ? -10.097 1.057   -10.499 1.00 26.85  ? 34  HOH A O   1 
HETATM 1111 O O   . HOH E 4 .   ? 10.772  6.440   3.833   1.00 47.42  ? 35  HOH A O   1 
HETATM 1112 O O   . HOH E 4 .   ? 10.150  2.520   11.821  1.00 45.49  ? 36  HOH A O   1 
HETATM 1113 O O   . HOH E 4 .   ? -9.603  8.875   5.576   1.00 38.04  ? 37  HOH A O   1 
HETATM 1114 O O   . HOH E 4 .   ? -15.135 1.660   -6.075  1.00 20.95  ? 38  HOH A O   1 
HETATM 1115 O O   . HOH E 4 .   ? 8.452   -1.684  4.808   1.00 21.72  ? 39  HOH A O   1 
HETATM 1116 O O   . HOH E 4 .   ? 0.428   -14.464 10.174  1.00 23.43  ? 40  HOH A O   1 
HETATM 1117 O O   . HOH E 4 .   ? -1.889  -18.870 4.871   1.00 26.02  ? 41  HOH A O   1 
HETATM 1118 O O   . HOH E 4 .   ? -15.455 -6.929  -2.332  1.00 29.57  ? 42  HOH A O   1 
HETATM 1119 O O   . HOH E 4 .   ? 21.113  7.493   -16.789 1.00 31.33  ? 43  HOH A O   1 
HETATM 1120 O O   . HOH E 4 .   ? 4.829   -14.505 8.434   1.00 35.60  ? 44  HOH A O   1 
HETATM 1121 O O   . HOH E 4 .   ? 1.327   -19.560 1.965   1.00 35.42  ? 45  HOH A O   1 
HETATM 1122 O O   . HOH E 4 .   ? -5.500  -13.007 -6.544  1.00 44.35  ? 46  HOH A O   1 
HETATM 1123 O O   . HOH E 4 .   ? -2.942  -12.648 -7.061  1.00 51.36  ? 47  HOH A O   1 
HETATM 1124 O O   . HOH E 4 .   ? -0.953  -12.125 -5.629  1.00 54.36  ? 48  HOH A O   1 
HETATM 1125 O O   . HOH E 4 .   ? -9.158  -16.519 5.381   1.00 32.00  ? 49  HOH A O   1 
HETATM 1126 O O   . HOH E 4 .   ? 2.054   5.580   -23.623 1.00 31.94  ? 50  HOH A O   1 
HETATM 1127 O O   . HOH E 4 .   ? 1.487   3.429   -25.429 1.00 41.45  ? 51  HOH A O   1 
HETATM 1128 O O   . HOH E 4 .   ? -2.434  15.109  -2.847  1.00 36.14  ? 52  HOH A O   1 
HETATM 1129 O O   . HOH E 4 .   ? 3.686   -14.009 12.893  1.00 51.02  ? 53  HOH A O   1 
HETATM 1130 O O   . HOH E 4 .   ? -16.766 -7.741  -4.473  1.00 53.74  ? 54  HOH A O   1 
HETATM 1131 O O   . HOH E 4 .   ? 1.036   8.979   11.263  1.00 48.17  ? 55  HOH A O   1 
HETATM 1132 O O   . HOH E 4 .   ? 19.018  7.593   -6.336  1.00 40.26  ? 56  HOH A O   1 
HETATM 1133 O O   . HOH E 4 .   ? -8.497  -17.718 3.029   1.00 38.59  ? 57  HOH A O   1 
HETATM 1134 O O   . HOH E 4 .   ? -14.808 -18.988 10.391  1.00 35.15  ? 58  HOH A O   1 
HETATM 1135 O O   . HOH E 4 .   ? 22.139  4.768   -16.943 1.00 49.34  ? 59  HOH A O   1 
HETATM 1136 O O   . HOH E 4 .   ? 24.915  12.554  -10.984 1.00 43.80  ? 60  HOH A O   1 
HETATM 1137 O O   . HOH E 4 .   ? -3.184  14.176  2.639   1.00 49.16  ? 61  HOH A O   1 
HETATM 1138 O O   . HOH E 4 .   ? -20.170 -4.739  10.248  1.00 43.57  ? 62  HOH A O   1 
HETATM 1139 O O   . HOH E 4 .   ? 14.102  -0.846  -4.111  1.00 45.65  ? 63  HOH A O   1 
HETATM 1140 O O   . HOH E 4 .   ? -8.034  3.224   -8.315  1.00 28.63  ? 64  HOH A O   1 
HETATM 1141 O O   . HOH E 4 .   ? -10.005 3.989   -10.202 1.00 28.73  ? 65  HOH A O   1 
HETATM 1142 O O   . HOH E 4 .   ? 0.448   12.501  -10.335 1.00 41.33  ? 66  HOH A O   1 
HETATM 1143 O O   . HOH E 4 .   ? 2.314   13.177  -12.199 1.00 40.83  ? 67  HOH A O   1 
HETATM 1144 O O   . HOH E 4 .   ? 0.483   -13.748 -3.246  1.00 39.18  ? 68  HOH A O   1 
HETATM 1145 O O   . HOH E 4 .   ? -15.934 -9.687  5.532   1.00 28.21  ? 69  HOH A O   1 
HETATM 1146 O O   . HOH E 4 .   ? 4.573   2.937   -17.065 1.00 40.51  ? 70  HOH A O   1 
HETATM 1147 O O   . HOH E 4 .   ? 8.832   1.176   5.987   1.00 31.58  ? 71  HOH A O   1 
HETATM 1148 O O   . HOH E 4 .   ? 2.859   -10.931 -0.165  1.00 33.72  ? 72  HOH A O   1 
HETATM 1149 O O   . HOH E 4 .   ? 12.549  2.543   2.968   1.00 37.88  ? 73  HOH A O   1 
HETATM 1150 O O   . HOH E 4 .   ? -17.985 -9.117  3.696   1.00 41.27  ? 74  HOH A O   1 
HETATM 1151 O O   . HOH E 4 .   ? -9.878  -6.079  -13.474 1.00 43.64  ? 75  HOH A O   1 
HETATM 1152 O O   . HOH E 4 .   ? 0.119   14.523  3.555   1.00 48.02  ? 76  HOH A O   1 
HETATM 1153 O O   . HOH E 4 .   ? -14.964 0.150   8.116   1.00 42.52  ? 77  HOH A O   1 
HETATM 1154 O O   . HOH E 4 .   ? -7.488  -7.161  -11.272 1.00 35.47  ? 78  HOH A O   1 
HETATM 1155 O O   . HOH E 4 .   ? 7.842   -8.131  15.331  1.00 43.27  ? 79  HOH A O   1 
HETATM 1156 O O   . HOH E 4 .   ? 17.142  16.030  -13.056 1.00 54.77  ? 80  HOH A O   1 
HETATM 1157 O O   . HOH E 4 .   ? -21.773 -0.416  0.473   1.00 40.74  ? 81  HOH A O   1 
HETATM 1158 O O   . HOH E 4 .   ? 7.402   -14.758 8.306   1.00 49.67  ? 82  HOH A O   1 
HETATM 1159 O O   . HOH E 4 .   ? 12.035  15.076  -4.832  1.00 51.49  ? 83  HOH A O   1 
HETATM 1160 O O   . HOH E 4 .   ? 11.735  -0.935  -0.538  1.00 39.61  ? 84  HOH A O   1 
HETATM 1161 O O   . HOH E 4 .   ? -4.595  6.955   12.149  1.00 42.16  ? 85  HOH A O   1 
HETATM 1162 O O   . HOH E 4 .   ? 0.403   -5.392  -9.201  0.50 40.38  ? 86  HOH A O   1 
HETATM 1163 O O   . HOH E 4 .   ? 16.953  9.155   -14.999 1.00 33.07  ? 87  HOH A O   1 
HETATM 1164 O O   . HOH E 4 .   ? 11.077  -4.311  10.533  1.00 45.82  ? 88  HOH A O   1 
HETATM 1165 O O   . HOH E 4 .   ? -13.240 -6.652  -8.198  1.00 52.35  ? 89  HOH A O   1 
HETATM 1166 O O   . HOH E 4 .   ? 8.052   9.471   7.136   1.00 51.95  ? 90  HOH A O   1 
HETATM 1167 O O   . HOH E 4 .   ? 4.994   -12.281 -0.248  1.00 49.96  ? 91  HOH A O   1 
HETATM 1168 O O   . HOH E 4 .   ? -1.225  -5.797  -10.384 0.50 36.96  ? 92  HOH A O   1 
HETATM 1169 O O   . HOH E 4 .   ? 0.826   7.019   9.261   1.00 36.96  ? 93  HOH A O   1 
HETATM 1170 O O   . HOH E 4 .   ? -0.070  -2.208  14.916  1.00 19.83  ? 330 HOH A O   1 
HETATM 1171 O O   . HOH E 4 .   ? -7.247  -1.415  -7.868  1.00 16.80  ? 331 HOH A O   1 
HETATM 1172 O O   . HOH E 4 .   ? -8.901  0.781   -7.709  1.00 17.99  ? 332 HOH A O   1 
# 
loop_
_pdbx_poly_seq_scheme.asym_id 
_pdbx_poly_seq_scheme.entity_id 
_pdbx_poly_seq_scheme.seq_id 
_pdbx_poly_seq_scheme.mon_id 
_pdbx_poly_seq_scheme.ndb_seq_num 
_pdbx_poly_seq_scheme.pdb_seq_num 
_pdbx_poly_seq_scheme.auth_seq_num 
_pdbx_poly_seq_scheme.pdb_mon_id 
_pdbx_poly_seq_scheme.auth_mon_id 
_pdbx_poly_seq_scheme.pdb_strand_id 
_pdbx_poly_seq_scheme.pdb_ins_code 
_pdbx_poly_seq_scheme.hetero 
A 1 1   GLY 1   201 ?   ?   ?   A . n 
A 1 2   HIS 2   202 ?   ?   ?   A . n 
A 1 3   MET 3   203 ?   ?   ?   A . n 
A 1 4   GLY 4   204 204 GLY GLY A . n 
A 1 5   LYS 5   205 205 LYS LYS A . n 
A 1 6   PRO 6   206 206 PRO PRO A . n 
A 1 7   TYR 7   207 207 TYR TYR A . n 
A 1 8   ILE 8   208 208 ILE ILE A . n 
A 1 9   SER 9   209 209 SER SER A . n 
A 1 10  ALA 10  210 210 ALA ALA A . n 
A 1 11  LYS 11  211 211 LYS LYS A . n 
A 1 12  ASP 12  212 212 ASP ASP A . n 
A 1 13  LEU 13  213 213 LEU LEU A . n 
A 1 14  LYS 14  214 214 LYS LYS A . n 
A 1 15  GLU 15  215 215 GLU GLU A . n 
A 1 16  ILE 16  216 216 ILE ILE A . n 
A 1 17  MET 17  217 217 MET MET A . n 
A 1 18  TYR 18  218 218 TYR TYR A . n 
A 1 19  ASP 19  219 219 ASP ASP A . n 
A 1 20  HIS 20  220 220 HIS HIS A . n 
A 1 21  LEU 21  221 221 LEU LEU A . n 
A 1 22  PRO 22  222 222 PRO PRO A . n 
A 1 23  GLY 23  223 223 GLY GLY A . n 
A 1 24  PHE 24  224 224 PHE PHE A . n 
A 1 25  GLY 25  225 225 GLY GLY A . n 
A 1 26  THR 26  226 226 THR THR A . n 
A 1 27  ALA 27  227 227 ALA ALA A . n 
A 1 28  PHE 28  228 228 PHE PHE A . n 
A 1 29  HIS 29  229 229 HIS HIS A . n 
A 1 30  GLN 30  230 230 GLN GLN A . n 
A 1 31  LEU 31  231 231 LEU LEU A . n 
A 1 32  VAL 32  232 232 VAL VAL A . n 
A 1 33  GLN 33  233 233 GLN GLN A . n 
A 1 34  VAL 34  234 234 VAL VAL A . n 
A 1 35  ILE 35  235 235 ILE ILE A . n 
A 1 36  CYS 36  236 236 CYS CYS A . n 
A 1 37  LYS 37  237 237 LYS LYS A . n 
A 1 38  ILE 38  238 238 ILE ILE A . n 
A 1 39  GLY 39  239 239 GLY GLY A . n 
A 1 40  LYS 40  240 240 LYS LYS A . n 
A 1 41  ASP 41  241 241 ASP ASP A . n 
A 1 42  ASN 42  242 242 ASN ASN A . n 
A 1 43  ASN 43  243 243 ASN ASN A . n 
A 1 44  LEU 44  244 244 LEU LEU A . n 
A 1 45  LEU 45  245 245 LEU LEU A . n 
A 1 46  ASP 46  246 246 ASP ASP A . n 
A 1 47  THR 47  247 247 THR THR A . n 
A 1 48  ILE 48  248 248 ILE ILE A . n 
A 1 49  HIS 49  249 249 HIS HIS A . n 
A 1 50  ALA 50  250 250 ALA ALA A . n 
A 1 51  GLU 51  251 251 GLU GLU A . n 
A 1 52  PHE 52  252 252 PHE PHE A . n 
A 1 53  GLN 53  253 253 GLN GLN A . n 
A 1 54  ALA 54  254 254 ALA ALA A . n 
A 1 55  SER 55  255 255 SER SER A . n 
A 1 56  LEU 56  256 256 LEU LEU A . n 
A 1 57  ALA 57  257 257 ALA ALA A . n 
A 1 58  ASP 58  258 258 ASP ASP A . n 
A 1 59  GLY 59  259 259 GLY GLY A . n 
A 1 60  ASP 60  260 260 ASP ASP A . n 
A 1 61  SER 61  261 261 SER SER A . n 
A 1 62  PRO 62  262 262 PRO PRO A . n 
A 1 63  GLN 63  263 263 GLN GLN A . n 
A 1 64  CYS 64  264 264 CYS CYS A . n 
A 1 65  ALA 65  265 265 ALA ALA A . n 
A 1 66  LEU 66  266 266 LEU LEU A . n 
A 1 67  ILE 67  267 267 ILE ILE A . n 
A 1 68  GLN 68  268 268 GLN GLN A . n 
A 1 69  ILE 69  269 269 ILE ILE A . n 
A 1 70  THR 70  270 270 THR THR A . n 
A 1 71  LYS 71  271 271 LYS LYS A . n 
A 1 72  ARG 72  272 272 ARG ARG A . n 
A 1 73  VAL 73  273 273 VAL VAL A . n 
A 1 74  PRO 74  274 274 PRO PRO A . n 
A 1 75  ILE 75  275 275 ILE ILE A . n 
A 1 76  PHE 76  276 276 PHE PHE A . n 
A 1 77  GLN 77  277 277 GLN GLN A . n 
A 1 78  ASP 78  278 278 ASP ASP A . n 
A 1 79  VAL 79  279 279 VAL VAL A . n 
A 1 80  PRO 80  280 280 PRO PRO A . n 
A 1 81  PRO 81  281 281 PRO PRO A . n 
A 1 82  PRO 82  282 282 PRO PRO A . n 
A 1 83  ILE 83  283 283 ILE ILE A . n 
A 1 84  ILE 84  284 284 ILE ILE A . n 
A 1 85  HIS 85  285 285 HIS HIS A . n 
A 1 86  ILE 86  286 286 ILE ILE A . n 
A 1 87  ARG 87  287 287 ARG ARG A . n 
A 1 88  SER 88  288 288 SER SER A . n 
A 1 89  ARG 89  289 289 ARG ARG A . n 
A 1 90  GLY 90  290 290 GLY GLY A . n 
A 1 91  ASP 91  291 291 ASP ASP A . n 
A 1 92  ILE 92  292 292 ILE ILE A . n 
A 1 93  PRO 93  293 293 PRO PRO A . n 
A 1 94  ARG 94  294 294 ARG ARG A . n 
A 1 95  ALA 95  295 295 ALA ALA A . n 
A 1 96  CYS 96  296 296 CYS CYS A . n 
A 1 97  GLN 97  297 297 GLN GLN A . n 
A 1 98  LYS 98  298 298 LYS LYS A . n 
A 1 99  SER 99  299 299 SER SER A . n 
A 1 100 LEU 100 300 300 LEU LEU A . n 
A 1 101 ARG 101 301 301 ARG ARG A . n 
A 1 102 PRO 102 302 302 PRO PRO A . n 
A 1 103 ALA 103 303 303 ALA ALA A . n 
A 1 104 PRO 104 304 304 PRO PRO A . n 
A 1 105 PRO 105 305 305 PRO PRO A . n 
A 1 106 SER 106 306 306 SER SER A . n 
A 1 107 PRO 107 307 307 PRO PRO A . n 
A 1 108 LYS 108 308 308 LYS LYS A . n 
A 1 109 ILE 109 309 309 ILE ILE A . n 
A 1 110 ASP 110 310 310 ASP ASP A . n 
A 1 111 ARG 111 311 311 ARG ARG A . n 
A 1 112 GLY 112 312 312 GLY GLY A . n 
A 1 113 TRP 113 313 313 TRP TRP A . n 
A 1 114 VAL 114 314 314 VAL VAL A . n 
A 1 115 CYS 115 315 315 CYS CYS A . n 
A 1 116 LEU 116 316 316 LEU LEU A . n 
A 1 117 PHE 117 317 317 PHE PHE A . n 
A 1 118 LYS 118 318 318 LYS LYS A . n 
A 1 119 MET 119 319 319 MET MET A . n 
A 1 120 GLN 120 320 320 GLN GLN A . n 
A 1 121 ASP 121 321 321 ASP ASP A . n 
A 1 122 GLY 122 322 322 GLY GLY A . n 
A 1 123 LYS 123 323 323 LYS LYS A . n 
A 1 124 THR 124 324 324 THR THR A . n 
A 1 125 LEU 125 325 325 LEU LEU A . n 
A 1 126 GLY 126 326 326 GLY GLY A . n 
A 1 127 LEU 127 327 327 LEU LEU A . n 
A 1 128 LYS 128 328 328 LYS LYS A . n 
A 1 129 ILE 129 329 329 ILE ILE A . n 
# 
loop_
_pdbx_nonpoly_scheme.asym_id 
_pdbx_nonpoly_scheme.entity_id 
_pdbx_nonpoly_scheme.mon_id 
_pdbx_nonpoly_scheme.ndb_seq_num 
_pdbx_nonpoly_scheme.pdb_seq_num 
_pdbx_nonpoly_scheme.auth_seq_num 
_pdbx_nonpoly_scheme.pdb_mon_id 
_pdbx_nonpoly_scheme.auth_mon_id 
_pdbx_nonpoly_scheme.pdb_strand_id 
_pdbx_nonpoly_scheme.pdb_ins_code 
B 2 ACY 1  1   1  ACY ACY A . 
C 2 ACY 1  2   2  ACY ACY A . 
D 3 GOL 1  3   3  GOL GOL A . 
E 4 HOH 1  4   4  HOH HOH A . 
E 4 HOH 2  5   5  HOH HOH A . 
E 4 HOH 3  6   6  HOH HOH A . 
E 4 HOH 4  7   7  HOH HOH A . 
E 4 HOH 5  8   8  HOH HOH A . 
E 4 HOH 6  9   9  HOH HOH A . 
E 4 HOH 7  10  10 HOH HOH A . 
E 4 HOH 8  11  11 HOH HOH A . 
E 4 HOH 9  12  12 HOH HOH A . 
E 4 HOH 10 13  13 HOH HOH A . 
E 4 HOH 11 14  14 HOH HOH A . 
E 4 HOH 12 15  15 HOH HOH A . 
E 4 HOH 13 16  16 HOH HOH A . 
E 4 HOH 14 17  17 HOH HOH A . 
E 4 HOH 15 18  18 HOH HOH A . 
E 4 HOH 16 19  19 HOH HOH A . 
E 4 HOH 17 20  20 HOH HOH A . 
E 4 HOH 18 21  21 HOH HOH A . 
E 4 HOH 19 22  22 HOH HOH A . 
E 4 HOH 20 23  23 HOH HOH A . 
E 4 HOH 21 24  24 HOH HOH A . 
E 4 HOH 22 25  25 HOH HOH A . 
E 4 HOH 23 26  26 HOH HOH A . 
E 4 HOH 24 27  27 HOH HOH A . 
E 4 HOH 25 28  28 HOH HOH A . 
E 4 HOH 26 29  29 HOH HOH A . 
E 4 HOH 27 30  30 HOH HOH A . 
E 4 HOH 28 31  31 HOH HOH A . 
E 4 HOH 29 32  32 HOH HOH A . 
E 4 HOH 30 33  33 HOH HOH A . 
E 4 HOH 31 34  34 HOH HOH A . 
E 4 HOH 32 35  35 HOH HOH A . 
E 4 HOH 33 36  36 HOH HOH A . 
E 4 HOH 34 37  37 HOH HOH A . 
E 4 HOH 35 38  38 HOH HOH A . 
E 4 HOH 36 39  39 HOH HOH A . 
E 4 HOH 37 40  40 HOH HOH A . 
E 4 HOH 38 41  41 HOH HOH A . 
E 4 HOH 39 42  42 HOH HOH A . 
E 4 HOH 40 43  43 HOH HOH A . 
E 4 HOH 41 44  44 HOH HOH A . 
E 4 HOH 42 45  45 HOH HOH A . 
E 4 HOH 43 46  46 HOH HOH A . 
E 4 HOH 44 47  47 HOH HOH A . 
E 4 HOH 45 48  48 HOH HOH A . 
E 4 HOH 46 49  49 HOH HOH A . 
E 4 HOH 47 50  50 HOH HOH A . 
E 4 HOH 48 51  51 HOH HOH A . 
E 4 HOH 49 52  52 HOH HOH A . 
E 4 HOH 50 53  53 HOH HOH A . 
E 4 HOH 51 54  54 HOH HOH A . 
E 4 HOH 52 55  55 HOH HOH A . 
E 4 HOH 53 56  56 HOH HOH A . 
E 4 HOH 54 57  57 HOH HOH A . 
E 4 HOH 55 58  58 HOH HOH A . 
E 4 HOH 56 59  59 HOH HOH A . 
E 4 HOH 57 60  60 HOH HOH A . 
E 4 HOH 58 61  61 HOH HOH A . 
E 4 HOH 59 62  62 HOH HOH A . 
E 4 HOH 60 63  63 HOH HOH A . 
E 4 HOH 61 64  64 HOH HOH A . 
E 4 HOH 62 65  65 HOH HOH A . 
E 4 HOH 63 66  66 HOH HOH A . 
E 4 HOH 64 67  67 HOH HOH A . 
E 4 HOH 65 68  68 HOH HOH A . 
E 4 HOH 66 69  69 HOH HOH A . 
E 4 HOH 67 70  70 HOH HOH A . 
E 4 HOH 68 71  71 HOH HOH A . 
E 4 HOH 69 72  72 HOH HOH A . 
E 4 HOH 70 73  73 HOH HOH A . 
E 4 HOH 71 74  74 HOH HOH A . 
E 4 HOH 72 75  75 HOH HOH A . 
E 4 HOH 73 76  76 HOH HOH A . 
E 4 HOH 74 77  77 HOH HOH A . 
E 4 HOH 75 78  78 HOH HOH A . 
E 4 HOH 76 79  79 HOH HOH A . 
E 4 HOH 77 80  80 HOH HOH A . 
E 4 HOH 78 81  81 HOH HOH A . 
E 4 HOH 79 82  82 HOH HOH A . 
E 4 HOH 80 83  83 HOH HOH A . 
E 4 HOH 81 84  84 HOH HOH A . 
E 4 HOH 82 85  85 HOH HOH A . 
E 4 HOH 83 86  86 HOH HOH A . 
E 4 HOH 84 87  87 HOH HOH A . 
E 4 HOH 85 88  88 HOH HOH A . 
E 4 HOH 86 89  89 HOH HOH A . 
E 4 HOH 87 90  90 HOH HOH A . 
E 4 HOH 88 91  91 HOH HOH A . 
E 4 HOH 89 92  92 HOH HOH A . 
E 4 HOH 90 93  93 HOH HOH A . 
E 4 HOH 91 330 1  HOH HOH A . 
E 4 HOH 92 331 2  HOH HOH A . 
E 4 HOH 93 332 3  HOH HOH A . 
# 
_pdbx_struct_assembly.id                   1 
_pdbx_struct_assembly.details              author_and_software_defined_assembly 
_pdbx_struct_assembly.method_details       PISA 
_pdbx_struct_assembly.oligomeric_details   monomeric 
_pdbx_struct_assembly.oligomeric_count     1 
# 
_pdbx_struct_assembly_gen.assembly_id       1 
_pdbx_struct_assembly_gen.oper_expression   1 
_pdbx_struct_assembly_gen.asym_id_list      A,B,C,D,E 
# 
_pdbx_struct_oper_list.id                   1 
_pdbx_struct_oper_list.type                 'identity operation' 
_pdbx_struct_oper_list.name                 1_555 
_pdbx_struct_oper_list.symmetry_operation   x,y,z 
_pdbx_struct_oper_list.matrix[1][1]         1.0000000000 
_pdbx_struct_oper_list.matrix[1][2]         0.0000000000 
_pdbx_struct_oper_list.matrix[1][3]         0.0000000000 
_pdbx_struct_oper_list.vector[1]            0.0000000000 
_pdbx_struct_oper_list.matrix[2][1]         0.0000000000 
_pdbx_struct_oper_list.matrix[2][2]         1.0000000000 
_pdbx_struct_oper_list.matrix[2][3]         0.0000000000 
_pdbx_struct_oper_list.vector[2]            0.0000000000 
_pdbx_struct_oper_list.matrix[3][1]         0.0000000000 
_pdbx_struct_oper_list.matrix[3][2]         0.0000000000 
_pdbx_struct_oper_list.matrix[3][3]         1.0000000000 
_pdbx_struct_oper_list.vector[3]            0.0000000000 
# 
loop_
_pdbx_audit_revision_history.ordinal 
_pdbx_audit_revision_history.data_content_type 
_pdbx_audit_revision_history.major_revision 
_pdbx_audit_revision_history.minor_revision 
_pdbx_audit_revision_history.revision_date 
1 'Structure model' 1 0 2010-05-12 
2 'Structure model' 1 1 2011-07-13 
3 'Structure model' 1 2 2023-09-06 
# 
_pdbx_audit_revision_details.ordinal             1 
_pdbx_audit_revision_details.revision_ordinal    1 
_pdbx_audit_revision_details.data_content_type   'Structure model' 
_pdbx_audit_revision_details.provider            repository 
_pdbx_audit_revision_details.type                'Initial release' 
_pdbx_audit_revision_details.description         ? 
_pdbx_audit_revision_details.details             ? 
# 
loop_
_pdbx_audit_revision_group.ordinal 
_pdbx_audit_revision_group.revision_ordinal 
_pdbx_audit_revision_group.data_content_type 
_pdbx_audit_revision_group.group 
1 2 'Structure model' Advisory                    
2 2 'Structure model' 'Version format compliance' 
3 3 'Structure model' 'Data collection'           
4 3 'Structure model' 'Database references'       
5 3 'Structure model' 'Derived calculations'      
6 3 'Structure model' 'Refinement description'    
# 
loop_
_pdbx_audit_revision_category.ordinal 
_pdbx_audit_revision_category.revision_ordinal 
_pdbx_audit_revision_category.data_content_type 
_pdbx_audit_revision_category.category 
1 3 'Structure model' chem_comp_atom                
2 3 'Structure model' chem_comp_bond                
3 3 'Structure model' database_2                    
4 3 'Structure model' pdbx_initial_refinement_model 
5 3 'Structure model' struct_ref_seq_dif            
6 3 'Structure model' struct_site                   
# 
loop_
_pdbx_audit_revision_item.ordinal 
_pdbx_audit_revision_item.revision_ordinal 
_pdbx_audit_revision_item.data_content_type 
_pdbx_audit_revision_item.item 
1 3 'Structure model' '_database_2.pdbx_DOI'                
2 3 'Structure model' '_database_2.pdbx_database_accession' 
3 3 'Structure model' '_struct_ref_seq_dif.details'         
4 3 'Structure model' '_struct_site.pdbx_auth_asym_id'      
5 3 'Structure model' '_struct_site.pdbx_auth_comp_id'      
6 3 'Structure model' '_struct_site.pdbx_auth_seq_id'       
# 
loop_
_pdbx_refine_tls.pdbx_refine_id 
_pdbx_refine_tls.id 
_pdbx_refine_tls.details 
_pdbx_refine_tls.method 
_pdbx_refine_tls.origin_x 
_pdbx_refine_tls.origin_y 
_pdbx_refine_tls.origin_z 
_pdbx_refine_tls.T[1][1] 
_pdbx_refine_tls.T[2][2] 
_pdbx_refine_tls.T[3][3] 
_pdbx_refine_tls.T[1][2] 
_pdbx_refine_tls.T[1][3] 
_pdbx_refine_tls.T[2][3] 
_pdbx_refine_tls.L[1][1] 
_pdbx_refine_tls.L[2][2] 
_pdbx_refine_tls.L[3][3] 
_pdbx_refine_tls.L[1][2] 
_pdbx_refine_tls.L[1][3] 
_pdbx_refine_tls.L[2][3] 
_pdbx_refine_tls.S[1][1] 
_pdbx_refine_tls.S[1][2] 
_pdbx_refine_tls.S[1][3] 
_pdbx_refine_tls.S[2][1] 
_pdbx_refine_tls.S[2][2] 
_pdbx_refine_tls.S[2][3] 
_pdbx_refine_tls.S[3][1] 
_pdbx_refine_tls.S[3][2] 
_pdbx_refine_tls.S[3][3] 
'X-RAY DIFFRACTION' 1  ? refined -4.7368  -17.7194 9.2107   0.0611  -0.0037 0.0316 0.0486  0.0247  0.0282  19.6906 9.6511  15.8069  9.3692  -1.1771  -5.1117 -0.0192 0.0503  -0.3904 -0.4150 -0.3367 -0.3442 0.4240  -0.0135 0.3559  
'X-RAY DIFFRACTION' 2  ? refined -2.2783  -13.0801 0.1664   0.0966  0.0163  0.0277 0.0401  0.0241  0.0274  9.5676  9.2654  6.0300   -6.6211 4.1738   -5.1617 0.2550  0.1150  -0.0894 -0.4899 -0.2159 0.0990  0.5430  0.3335  -0.0391 
'X-RAY DIFFRACTION' 3  ? refined -6.0933  -4.9495  -7.7729  0.0649  0.0433  0.0309 0.0464  0.0292  0.0069  3.9784  3.6217  2.4149   2.2393  1.6856   1.2522  0.0688  0.3302  -0.1273 0.0569  -0.0214 -0.0295 0.2254  0.2500  -0.0474 
'X-RAY DIFFRACTION' 4  ? refined 2.2210   -4.4872  1.1699   0.0407  0.0528  0.0559 0.0041  0.0352  0.0347  3.4137  1.1862  8.7683   -1.3387 3.1846   -3.2067 0.0375  0.0665  -0.1345 -0.1302 -0.1142 -0.0414 0.0346  0.3409  0.0766  
'X-RAY DIFFRACTION' 5  ? refined -0.6258  -8.9208  10.5258  0.0281  0.0642  0.0475 -0.0078 0.0034  0.0622  6.0606  1.8453  1.3355   0.5581  -0.2671  -0.2326 -0.0202 -0.1743 -0.1152 0.0312  -0.0384 -0.0254 0.0919  0.0772  0.0586  
'X-RAY DIFFRACTION' 6  ? refined -13.5918 -4.1292  4.3373   0.0248  0.0469  0.0592 -0.0078 -0.0022 0.0286  0.7151  3.5129  5.2124   -1.0852 1.6923   -2.0154 -0.0208 -0.1649 -0.1148 -0.0626 0.0114  0.0418  0.0566  -0.1898 0.0095  
'X-RAY DIFFRACTION' 7  ? refined -5.6965  1.0900   8.5625   0.0127  0.1261  0.0301 -0.0013 0.0058  -0.0151 6.1650  1.0126  6.2340   -0.8427 5.9852   -1.4345 -0.0251 -0.6557 0.1963  -0.1435 -0.0412 -0.0452 -0.1798 -0.4094 0.0663  
'X-RAY DIFFRACTION' 8  ? refined 6.6440   3.9550   7.2187   -0.0241 0.1382  0.0473 -0.0664 -0.0517 0.0675  9.0222  2.6357  29.9694  1.2822  -16.4408 -2.1813 0.0986  -0.4453 0.3989  0.1167  -0.3289 -0.1040 -0.4543 0.7309  0.2303  
'X-RAY DIFFRACTION' 9  ? refined 14.7424  2.7893   -10.0607 -0.0848 0.4686  0.1477 0.0599  0.0870  0.1005  9.5649  14.9074 30.2562  2.5945  -16.3794 1.1566  -0.9597 0.4186  -1.4661 -0.4733 0.6623  0.0676  0.5630  -0.6927 0.2972  
'X-RAY DIFFRACTION' 10 ? refined 4.4578   4.2451   -14.6672 0.0287  0.0767  0.0199 -0.0036 0.0492  0.0704  15.5204 3.7003  4.1850   3.7197  -5.3082  1.3077  -0.4415 0.3038  -0.2550 -0.1604 0.2680  -0.0355 0.0253  -0.0679 0.1735  
'X-RAY DIFFRACTION' 11 ? refined 1.7163   12.0236  -8.4630  0.0512  0.0006  0.1443 0.0172  -0.0314 0.0946  2.5602  1.8810  13.1208  1.8975  2.8179   4.2692  -0.0732 0.0710  0.2911  -0.2892 -0.4335 -0.6506 -0.5670 -0.2493 0.5068  
'X-RAY DIFFRACTION' 12 ? refined 4.2219   10.8184  5.7195   0.1286  0.0529  0.0951 -0.1101 -0.0984 -0.0581 14.1226 9.2797  9.7117   9.4965  -3.5719  -2.6464 0.1381  -1.0545 0.6998  0.9061  -0.3470 0.0333  -1.1739 0.3883  0.2089  
'X-RAY DIFFRACTION' 13 ? refined 3.5979   7.8865   -0.0804  0.0508  0.0468  0.0488 -0.0272 -0.0280 0.0489  10.4848 3.3369  2.7640   -2.5172 -2.6144  -1.2190 -0.1580 -0.0918 0.3536  0.4059  -0.2409 -0.2509 -0.1661 0.2193  0.3989  
'X-RAY DIFFRACTION' 14 ? refined 16.0528  10.4873  -8.4582  -0.2840 0.2094  0.2179 0.1708  0.0030  0.2211  33.0957 33.6096 107.3249 30.4507 20.6005  -4.0354 -1.8090 0.4641  1.1357  -0.2169 -0.6497 -0.3855 -3.1632 0.9205  2.4586  
'X-RAY DIFFRACTION' 15 ? refined 4.0720   9.5680   -3.9875  0.0021  0.0036  0.1225 -0.0161 0.0156  0.1092  15.8395 2.2371  4.4682   -5.5351 5.4223   -1.0054 0.0075  0.2599  0.9279  -0.4125 -0.4527 -0.3314 -0.1695 -0.2032 0.4452 
# 
loop_
_pdbx_refine_tls_group.pdbx_refine_id 
_pdbx_refine_tls_group.id 
_pdbx_refine_tls_group.refine_tls_id 
_pdbx_refine_tls_group.beg_auth_asym_id 
_pdbx_refine_tls_group.beg_auth_seq_id 
_pdbx_refine_tls_group.beg_label_asym_id 
_pdbx_refine_tls_group.beg_label_seq_id 
_pdbx_refine_tls_group.end_auth_asym_id 
_pdbx_refine_tls_group.end_auth_seq_id 
_pdbx_refine_tls_group.end_label_asym_id 
_pdbx_refine_tls_group.end_label_seq_id 
_pdbx_refine_tls_group.selection 
_pdbx_refine_tls_group.selection_details 
'X-RAY DIFFRACTION' 1  1  A 204 ? ? A 208 ? ? ? ? 
'X-RAY DIFFRACTION' 2  2  A 209 ? ? A 217 ? ? ? ? 
'X-RAY DIFFRACTION' 3  3  A 218 ? ? A 228 ? ? ? ? 
'X-RAY DIFFRACTION' 4  4  A 229 ? ? A 240 ? ? ? ? 
'X-RAY DIFFRACTION' 5  5  A 241 ? ? A 250 ? ? ? ? 
'X-RAY DIFFRACTION' 6  6  A 251 ? ? A 263 ? ? ? ? 
'X-RAY DIFFRACTION' 7  7  A 264 ? ? A 276 ? ? ? ? 
'X-RAY DIFFRACTION' 8  8  A 277 ? ? A 283 ? ? ? ? 
'X-RAY DIFFRACTION' 9  9  A 284 ? ? A 287 ? ? ? ? 
'X-RAY DIFFRACTION' 10 10 A 288 ? ? A 296 ? ? ? ? 
'X-RAY DIFFRACTION' 11 11 A 297 ? ? A 303 ? ? ? ? 
'X-RAY DIFFRACTION' 12 12 A 304 ? ? A 310 ? ? ? ? 
'X-RAY DIFFRACTION' 13 13 A 311 ? ? A 317 ? ? ? ? 
'X-RAY DIFFRACTION' 14 14 A 318 ? ? A 323 ? ? ? ? 
'X-RAY DIFFRACTION' 15 15 A 324 ? ? A 329 ? ? ? ? 
# 
loop_
_software.name 
_software.classification 
_software.version 
_software.citation_id 
_software.pdbx_ordinal 
HKL-3000  'data collection' .        ? 1 
PHASER    phasing           .        ? 2 
REFMAC    refinement        5.3.0037 ? 3 
HKL-3000  'data reduction'  .        ? 4 
SCALEPACK 'data scaling'    .        ? 5 
# 
_pdbx_validate_rmsd_bond.id                        1 
_pdbx_validate_rmsd_bond.PDB_model_num             1 
_pdbx_validate_rmsd_bond.auth_atom_id_1            CD 
_pdbx_validate_rmsd_bond.auth_asym_id_1            A 
_pdbx_validate_rmsd_bond.auth_comp_id_1            GLN 
_pdbx_validate_rmsd_bond.auth_seq_id_1             320 
_pdbx_validate_rmsd_bond.PDB_ins_code_1            ? 
_pdbx_validate_rmsd_bond.label_alt_id_1            ? 
_pdbx_validate_rmsd_bond.auth_atom_id_2            NE2 
_pdbx_validate_rmsd_bond.auth_asym_id_2            A 
_pdbx_validate_rmsd_bond.auth_comp_id_2            GLN 
_pdbx_validate_rmsd_bond.auth_seq_id_2             320 
_pdbx_validate_rmsd_bond.PDB_ins_code_2            ? 
_pdbx_validate_rmsd_bond.label_alt_id_2            ? 
_pdbx_validate_rmsd_bond.bond_value                1.533 
_pdbx_validate_rmsd_bond.bond_target_value         1.324 
_pdbx_validate_rmsd_bond.bond_deviation            0.209 
_pdbx_validate_rmsd_bond.bond_standard_deviation   0.025 
_pdbx_validate_rmsd_bond.linker_flag               N 
# 
_pdbx_validate_torsion.id              1 
_pdbx_validate_torsion.PDB_model_num   1 
_pdbx_validate_torsion.auth_comp_id    ASP 
_pdbx_validate_torsion.auth_asym_id    A 
_pdbx_validate_torsion.auth_seq_id     321 
_pdbx_validate_torsion.PDB_ins_code    ? 
_pdbx_validate_torsion.label_alt_id    ? 
_pdbx_validate_torsion.phi             -69.60 
_pdbx_validate_torsion.psi             0.99 
# 
loop_
_pdbx_unobs_or_zero_occ_residues.id 
_pdbx_unobs_or_zero_occ_residues.PDB_model_num 
_pdbx_unobs_or_zero_occ_residues.polymer_flag 
_pdbx_unobs_or_zero_occ_residues.occupancy_flag 
_pdbx_unobs_or_zero_occ_residues.auth_asym_id 
_pdbx_unobs_or_zero_occ_residues.auth_comp_id 
_pdbx_unobs_or_zero_occ_residues.auth_seq_id 
_pdbx_unobs_or_zero_occ_residues.PDB_ins_code 
_pdbx_unobs_or_zero_occ_residues.label_asym_id 
_pdbx_unobs_or_zero_occ_residues.label_comp_id 
_pdbx_unobs_or_zero_occ_residues.label_seq_id 
1 1 Y 1 A GLY 201 ? A GLY 1 
2 1 Y 1 A HIS 202 ? A HIS 2 
3 1 Y 1 A MET 203 ? A MET 3 
# 
loop_
_chem_comp_atom.comp_id 
_chem_comp_atom.atom_id 
_chem_comp_atom.type_symbol 
_chem_comp_atom.pdbx_aromatic_flag 
_chem_comp_atom.pdbx_stereo_config 
_chem_comp_atom.pdbx_ordinal 
ACY C    C N N 1   
ACY O    O N N 2   
ACY OXT  O N N 3   
ACY CH3  C N N 4   
ACY HXT  H N N 5   
ACY H1   H N N 6   
ACY H2   H N N 7   
ACY H3   H N N 8   
ALA N    N N N 9   
ALA CA   C N S 10  
ALA C    C N N 11  
ALA O    O N N 12  
ALA CB   C N N 13  
ALA OXT  O N N 14  
ALA H    H N N 15  
ALA H2   H N N 16  
ALA HA   H N N 17  
ALA HB1  H N N 18  
ALA HB2  H N N 19  
ALA HB3  H N N 20  
ALA HXT  H N N 21  
ARG N    N N N 22  
ARG CA   C N S 23  
ARG C    C N N 24  
ARG O    O N N 25  
ARG CB   C N N 26  
ARG CG   C N N 27  
ARG CD   C N N 28  
ARG NE   N N N 29  
ARG CZ   C N N 30  
ARG NH1  N N N 31  
ARG NH2  N N N 32  
ARG OXT  O N N 33  
ARG H    H N N 34  
ARG H2   H N N 35  
ARG HA   H N N 36  
ARG HB2  H N N 37  
ARG HB3  H N N 38  
ARG HG2  H N N 39  
ARG HG3  H N N 40  
ARG HD2  H N N 41  
ARG HD3  H N N 42  
ARG HE   H N N 43  
ARG HH11 H N N 44  
ARG HH12 H N N 45  
ARG HH21 H N N 46  
ARG HH22 H N N 47  
ARG HXT  H N N 48  
ASN N    N N N 49  
ASN CA   C N S 50  
ASN C    C N N 51  
ASN O    O N N 52  
ASN CB   C N N 53  
ASN CG   C N N 54  
ASN OD1  O N N 55  
ASN ND2  N N N 56  
ASN OXT  O N N 57  
ASN H    H N N 58  
ASN H2   H N N 59  
ASN HA   H N N 60  
ASN HB2  H N N 61  
ASN HB3  H N N 62  
ASN HD21 H N N 63  
ASN HD22 H N N 64  
ASN HXT  H N N 65  
ASP N    N N N 66  
ASP CA   C N S 67  
ASP C    C N N 68  
ASP O    O N N 69  
ASP CB   C N N 70  
ASP CG   C N N 71  
ASP OD1  O N N 72  
ASP OD2  O N N 73  
ASP OXT  O N N 74  
ASP H    H N N 75  
ASP H2   H N N 76  
ASP HA   H N N 77  
ASP HB2  H N N 78  
ASP HB3  H N N 79  
ASP HD2  H N N 80  
ASP HXT  H N N 81  
CYS N    N N N 82  
CYS CA   C N R 83  
CYS C    C N N 84  
CYS O    O N N 85  
CYS CB   C N N 86  
CYS SG   S N N 87  
CYS OXT  O N N 88  
CYS H    H N N 89  
CYS H2   H N N 90  
CYS HA   H N N 91  
CYS HB2  H N N 92  
CYS HB3  H N N 93  
CYS HG   H N N 94  
CYS HXT  H N N 95  
GLN N    N N N 96  
GLN CA   C N S 97  
GLN C    C N N 98  
GLN O    O N N 99  
GLN CB   C N N 100 
GLN CG   C N N 101 
GLN CD   C N N 102 
GLN OE1  O N N 103 
GLN NE2  N N N 104 
GLN OXT  O N N 105 
GLN H    H N N 106 
GLN H2   H N N 107 
GLN HA   H N N 108 
GLN HB2  H N N 109 
GLN HB3  H N N 110 
GLN HG2  H N N 111 
GLN HG3  H N N 112 
GLN HE21 H N N 113 
GLN HE22 H N N 114 
GLN HXT  H N N 115 
GLU N    N N N 116 
GLU CA   C N S 117 
GLU C    C N N 118 
GLU O    O N N 119 
GLU CB   C N N 120 
GLU CG   C N N 121 
GLU CD   C N N 122 
GLU OE1  O N N 123 
GLU OE2  O N N 124 
GLU OXT  O N N 125 
GLU H    H N N 126 
GLU H2   H N N 127 
GLU HA   H N N 128 
GLU HB2  H N N 129 
GLU HB3  H N N 130 
GLU HG2  H N N 131 
GLU HG3  H N N 132 
GLU HE2  H N N 133 
GLU HXT  H N N 134 
GLY N    N N N 135 
GLY CA   C N N 136 
GLY C    C N N 137 
GLY O    O N N 138 
GLY OXT  O N N 139 
GLY H    H N N 140 
GLY H2   H N N 141 
GLY HA2  H N N 142 
GLY HA3  H N N 143 
GLY HXT  H N N 144 
GOL C1   C N N 145 
GOL O1   O N N 146 
GOL C2   C N N 147 
GOL O2   O N N 148 
GOL C3   C N N 149 
GOL O3   O N N 150 
GOL H11  H N N 151 
GOL H12  H N N 152 
GOL HO1  H N N 153 
GOL H2   H N N 154 
GOL HO2  H N N 155 
GOL H31  H N N 156 
GOL H32  H N N 157 
GOL HO3  H N N 158 
HIS N    N N N 159 
HIS CA   C N S 160 
HIS C    C N N 161 
HIS O    O N N 162 
HIS CB   C N N 163 
HIS CG   C Y N 164 
HIS ND1  N Y N 165 
HIS CD2  C Y N 166 
HIS CE1  C Y N 167 
HIS NE2  N Y N 168 
HIS OXT  O N N 169 
HIS H    H N N 170 
HIS H2   H N N 171 
HIS HA   H N N 172 
HIS HB2  H N N 173 
HIS HB3  H N N 174 
HIS HD1  H N N 175 
HIS HD2  H N N 176 
HIS HE1  H N N 177 
HIS HE2  H N N 178 
HIS HXT  H N N 179 
HOH O    O N N 180 
HOH H1   H N N 181 
HOH H2   H N N 182 
ILE N    N N N 183 
ILE CA   C N S 184 
ILE C    C N N 185 
ILE O    O N N 186 
ILE CB   C N S 187 
ILE CG1  C N N 188 
ILE CG2  C N N 189 
ILE CD1  C N N 190 
ILE OXT  O N N 191 
ILE H    H N N 192 
ILE H2   H N N 193 
ILE HA   H N N 194 
ILE HB   H N N 195 
ILE HG12 H N N 196 
ILE HG13 H N N 197 
ILE HG21 H N N 198 
ILE HG22 H N N 199 
ILE HG23 H N N 200 
ILE HD11 H N N 201 
ILE HD12 H N N 202 
ILE HD13 H N N 203 
ILE HXT  H N N 204 
LEU N    N N N 205 
LEU CA   C N S 206 
LEU C    C N N 207 
LEU O    O N N 208 
LEU CB   C N N 209 
LEU CG   C N N 210 
LEU CD1  C N N 211 
LEU CD2  C N N 212 
LEU OXT  O N N 213 
LEU H    H N N 214 
LEU H2   H N N 215 
LEU HA   H N N 216 
LEU HB2  H N N 217 
LEU HB3  H N N 218 
LEU HG   H N N 219 
LEU HD11 H N N 220 
LEU HD12 H N N 221 
LEU HD13 H N N 222 
LEU HD21 H N N 223 
LEU HD22 H N N 224 
LEU HD23 H N N 225 
LEU HXT  H N N 226 
LYS N    N N N 227 
LYS CA   C N S 228 
LYS C    C N N 229 
LYS O    O N N 230 
LYS CB   C N N 231 
LYS CG   C N N 232 
LYS CD   C N N 233 
LYS CE   C N N 234 
LYS NZ   N N N 235 
LYS OXT  O N N 236 
LYS H    H N N 237 
LYS H2   H N N 238 
LYS HA   H N N 239 
LYS HB2  H N N 240 
LYS HB3  H N N 241 
LYS HG2  H N N 242 
LYS HG3  H N N 243 
LYS HD2  H N N 244 
LYS HD3  H N N 245 
LYS HE2  H N N 246 
LYS HE3  H N N 247 
LYS HZ1  H N N 248 
LYS HZ2  H N N 249 
LYS HZ3  H N N 250 
LYS HXT  H N N 251 
MET N    N N N 252 
MET CA   C N S 253 
MET C    C N N 254 
MET O    O N N 255 
MET CB   C N N 256 
MET CG   C N N 257 
MET SD   S N N 258 
MET CE   C N N 259 
MET OXT  O N N 260 
MET H    H N N 261 
MET H2   H N N 262 
MET HA   H N N 263 
MET HB2  H N N 264 
MET HB3  H N N 265 
MET HG2  H N N 266 
MET HG3  H N N 267 
MET HE1  H N N 268 
MET HE2  H N N 269 
MET HE3  H N N 270 
MET HXT  H N N 271 
PHE N    N N N 272 
PHE CA   C N S 273 
PHE C    C N N 274 
PHE O    O N N 275 
PHE CB   C N N 276 
PHE CG   C Y N 277 
PHE CD1  C Y N 278 
PHE CD2  C Y N 279 
PHE CE1  C Y N 280 
PHE CE2  C Y N 281 
PHE CZ   C Y N 282 
PHE OXT  O N N 283 
PHE H    H N N 284 
PHE H2   H N N 285 
PHE HA   H N N 286 
PHE HB2  H N N 287 
PHE HB3  H N N 288 
PHE HD1  H N N 289 
PHE HD2  H N N 290 
PHE HE1  H N N 291 
PHE HE2  H N N 292 
PHE HZ   H N N 293 
PHE HXT  H N N 294 
PRO N    N N N 295 
PRO CA   C N S 296 
PRO C    C N N 297 
PRO O    O N N 298 
PRO CB   C N N 299 
PRO CG   C N N 300 
PRO CD   C N N 301 
PRO OXT  O N N 302 
PRO H    H N N 303 
PRO HA   H N N 304 
PRO HB2  H N N 305 
PRO HB3  H N N 306 
PRO HG2  H N N 307 
PRO HG3  H N N 308 
PRO HD2  H N N 309 
PRO HD3  H N N 310 
PRO HXT  H N N 311 
SER N    N N N 312 
SER CA   C N S 313 
SER C    C N N 314 
SER O    O N N 315 
SER CB   C N N 316 
SER OG   O N N 317 
SER OXT  O N N 318 
SER H    H N N 319 
SER H2   H N N 320 
SER HA   H N N 321 
SER HB2  H N N 322 
SER HB3  H N N 323 
SER HG   H N N 324 
SER HXT  H N N 325 
THR N    N N N 326 
THR CA   C N S 327 
THR C    C N N 328 
THR O    O N N 329 
THR CB   C N R 330 
THR OG1  O N N 331 
THR CG2  C N N 332 
THR OXT  O N N 333 
THR H    H N N 334 
THR H2   H N N 335 
THR HA   H N N 336 
THR HB   H N N 337 
THR HG1  H N N 338 
THR HG21 H N N 339 
THR HG22 H N N 340 
THR HG23 H N N 341 
THR HXT  H N N 342 
TRP N    N N N 343 
TRP CA   C N S 344 
TRP C    C N N 345 
TRP O    O N N 346 
TRP CB   C N N 347 
TRP CG   C Y N 348 
TRP CD1  C Y N 349 
TRP CD2  C Y N 350 
TRP NE1  N Y N 351 
TRP CE2  C Y N 352 
TRP CE3  C Y N 353 
TRP CZ2  C Y N 354 
TRP CZ3  C Y N 355 
TRP CH2  C Y N 356 
TRP OXT  O N N 357 
TRP H    H N N 358 
TRP H2   H N N 359 
TRP HA   H N N 360 
TRP HB2  H N N 361 
TRP HB3  H N N 362 
TRP HD1  H N N 363 
TRP HE1  H N N 364 
TRP HE3  H N N 365 
TRP HZ2  H N N 366 
TRP HZ3  H N N 367 
TRP HH2  H N N 368 
TRP HXT  H N N 369 
TYR N    N N N 370 
TYR CA   C N S 371 
TYR C    C N N 372 
TYR O    O N N 373 
TYR CB   C N N 374 
TYR CG   C Y N 375 
TYR CD1  C Y N 376 
TYR CD2  C Y N 377 
TYR CE1  C Y N 378 
TYR CE2  C Y N 379 
TYR CZ   C Y N 380 
TYR OH   O N N 381 
TYR OXT  O N N 382 
TYR H    H N N 383 
TYR H2   H N N 384 
TYR HA   H N N 385 
TYR HB2  H N N 386 
TYR HB3  H N N 387 
TYR HD1  H N N 388 
TYR HD2  H N N 389 
TYR HE1  H N N 390 
TYR HE2  H N N 391 
TYR HH   H N N 392 
TYR HXT  H N N 393 
VAL N    N N N 394 
VAL CA   C N S 395 
VAL C    C N N 396 
VAL O    O N N 397 
VAL CB   C N N 398 
VAL CG1  C N N 399 
VAL CG2  C N N 400 
VAL OXT  O N N 401 
VAL H    H N N 402 
VAL H2   H N N 403 
VAL HA   H N N 404 
VAL HB   H N N 405 
VAL HG11 H N N 406 
VAL HG12 H N N 407 
VAL HG13 H N N 408 
VAL HG21 H N N 409 
VAL HG22 H N N 410 
VAL HG23 H N N 411 
VAL HXT  H N N 412 
# 
loop_
_chem_comp_bond.comp_id 
_chem_comp_bond.atom_id_1 
_chem_comp_bond.atom_id_2 
_chem_comp_bond.value_order 
_chem_comp_bond.pdbx_aromatic_flag 
_chem_comp_bond.pdbx_stereo_config 
_chem_comp_bond.pdbx_ordinal 
ACY C   O    doub N N 1   
ACY C   OXT  sing N N 2   
ACY C   CH3  sing N N 3   
ACY OXT HXT  sing N N 4   
ACY CH3 H1   sing N N 5   
ACY CH3 H2   sing N N 6   
ACY CH3 H3   sing N N 7   
ALA N   CA   sing N N 8   
ALA N   H    sing N N 9   
ALA N   H2   sing N N 10  
ALA CA  C    sing N N 11  
ALA CA  CB   sing N N 12  
ALA CA  HA   sing N N 13  
ALA C   O    doub N N 14  
ALA C   OXT  sing N N 15  
ALA CB  HB1  sing N N 16  
ALA CB  HB2  sing N N 17  
ALA CB  HB3  sing N N 18  
ALA OXT HXT  sing N N 19  
ARG N   CA   sing N N 20  
ARG N   H    sing N N 21  
ARG N   H2   sing N N 22  
ARG CA  C    sing N N 23  
ARG CA  CB   sing N N 24  
ARG CA  HA   sing N N 25  
ARG C   O    doub N N 26  
ARG C   OXT  sing N N 27  
ARG CB  CG   sing N N 28  
ARG CB  HB2  sing N N 29  
ARG CB  HB3  sing N N 30  
ARG CG  CD   sing N N 31  
ARG CG  HG2  sing N N 32  
ARG CG  HG3  sing N N 33  
ARG CD  NE   sing N N 34  
ARG CD  HD2  sing N N 35  
ARG CD  HD3  sing N N 36  
ARG NE  CZ   sing N N 37  
ARG NE  HE   sing N N 38  
ARG CZ  NH1  sing N N 39  
ARG CZ  NH2  doub N N 40  
ARG NH1 HH11 sing N N 41  
ARG NH1 HH12 sing N N 42  
ARG NH2 HH21 sing N N 43  
ARG NH2 HH22 sing N N 44  
ARG OXT HXT  sing N N 45  
ASN N   CA   sing N N 46  
ASN N   H    sing N N 47  
ASN N   H2   sing N N 48  
ASN CA  C    sing N N 49  
ASN CA  CB   sing N N 50  
ASN CA  HA   sing N N 51  
ASN C   O    doub N N 52  
ASN C   OXT  sing N N 53  
ASN CB  CG   sing N N 54  
ASN CB  HB2  sing N N 55  
ASN CB  HB3  sing N N 56  
ASN CG  OD1  doub N N 57  
ASN CG  ND2  sing N N 58  
ASN ND2 HD21 sing N N 59  
ASN ND2 HD22 sing N N 60  
ASN OXT HXT  sing N N 61  
ASP N   CA   sing N N 62  
ASP N   H    sing N N 63  
ASP N   H2   sing N N 64  
ASP CA  C    sing N N 65  
ASP CA  CB   sing N N 66  
ASP CA  HA   sing N N 67  
ASP C   O    doub N N 68  
ASP C   OXT  sing N N 69  
ASP CB  CG   sing N N 70  
ASP CB  HB2  sing N N 71  
ASP CB  HB3  sing N N 72  
ASP CG  OD1  doub N N 73  
ASP CG  OD2  sing N N 74  
ASP OD2 HD2  sing N N 75  
ASP OXT HXT  sing N N 76  
CYS N   CA   sing N N 77  
CYS N   H    sing N N 78  
CYS N   H2   sing N N 79  
CYS CA  C    sing N N 80  
CYS CA  CB   sing N N 81  
CYS CA  HA   sing N N 82  
CYS C   O    doub N N 83  
CYS C   OXT  sing N N 84  
CYS CB  SG   sing N N 85  
CYS CB  HB2  sing N N 86  
CYS CB  HB3  sing N N 87  
CYS SG  HG   sing N N 88  
CYS OXT HXT  sing N N 89  
GLN N   CA   sing N N 90  
GLN N   H    sing N N 91  
GLN N   H2   sing N N 92  
GLN CA  C    sing N N 93  
GLN CA  CB   sing N N 94  
GLN CA  HA   sing N N 95  
GLN C   O    doub N N 96  
GLN C   OXT  sing N N 97  
GLN CB  CG   sing N N 98  
GLN CB  HB2  sing N N 99  
GLN CB  HB3  sing N N 100 
GLN CG  CD   sing N N 101 
GLN CG  HG2  sing N N 102 
GLN CG  HG3  sing N N 103 
GLN CD  OE1  doub N N 104 
GLN CD  NE2  sing N N 105 
GLN NE2 HE21 sing N N 106 
GLN NE2 HE22 sing N N 107 
GLN OXT HXT  sing N N 108 
GLU N   CA   sing N N 109 
GLU N   H    sing N N 110 
GLU N   H2   sing N N 111 
GLU CA  C    sing N N 112 
GLU CA  CB   sing N N 113 
GLU CA  HA   sing N N 114 
GLU C   O    doub N N 115 
GLU C   OXT  sing N N 116 
GLU CB  CG   sing N N 117 
GLU CB  HB2  sing N N 118 
GLU CB  HB3  sing N N 119 
GLU CG  CD   sing N N 120 
GLU CG  HG2  sing N N 121 
GLU CG  HG3  sing N N 122 
GLU CD  OE1  doub N N 123 
GLU CD  OE2  sing N N 124 
GLU OE2 HE2  sing N N 125 
GLU OXT HXT  sing N N 126 
GLY N   CA   sing N N 127 
GLY N   H    sing N N 128 
GLY N   H2   sing N N 129 
GLY CA  C    sing N N 130 
GLY CA  HA2  sing N N 131 
GLY CA  HA3  sing N N 132 
GLY C   O    doub N N 133 
GLY C   OXT  sing N N 134 
GLY OXT HXT  sing N N 135 
GOL C1  O1   sing N N 136 
GOL C1  C2   sing N N 137 
GOL C1  H11  sing N N 138 
GOL C1  H12  sing N N 139 
GOL O1  HO1  sing N N 140 
GOL C2  O2   sing N N 141 
GOL C2  C3   sing N N 142 
GOL C2  H2   sing N N 143 
GOL O2  HO2  sing N N 144 
GOL C3  O3   sing N N 145 
GOL C3  H31  sing N N 146 
GOL C3  H32  sing N N 147 
GOL O3  HO3  sing N N 148 
HIS N   CA   sing N N 149 
HIS N   H    sing N N 150 
HIS N   H2   sing N N 151 
HIS CA  C    sing N N 152 
HIS CA  CB   sing N N 153 
HIS CA  HA   sing N N 154 
HIS C   O    doub N N 155 
HIS C   OXT  sing N N 156 
HIS CB  CG   sing N N 157 
HIS CB  HB2  sing N N 158 
HIS CB  HB3  sing N N 159 
HIS CG  ND1  sing Y N 160 
HIS CG  CD2  doub Y N 161 
HIS ND1 CE1  doub Y N 162 
HIS ND1 HD1  sing N N 163 
HIS CD2 NE2  sing Y N 164 
HIS CD2 HD2  sing N N 165 
HIS CE1 NE2  sing Y N 166 
HIS CE1 HE1  sing N N 167 
HIS NE2 HE2  sing N N 168 
HIS OXT HXT  sing N N 169 
HOH O   H1   sing N N 170 
HOH O   H2   sing N N 171 
ILE N   CA   sing N N 172 
ILE N   H    sing N N 173 
ILE N   H2   sing N N 174 
ILE CA  C    sing N N 175 
ILE CA  CB   sing N N 176 
ILE CA  HA   sing N N 177 
ILE C   O    doub N N 178 
ILE C   OXT  sing N N 179 
ILE CB  CG1  sing N N 180 
ILE CB  CG2  sing N N 181 
ILE CB  HB   sing N N 182 
ILE CG1 CD1  sing N N 183 
ILE CG1 HG12 sing N N 184 
ILE CG1 HG13 sing N N 185 
ILE CG2 HG21 sing N N 186 
ILE CG2 HG22 sing N N 187 
ILE CG2 HG23 sing N N 188 
ILE CD1 HD11 sing N N 189 
ILE CD1 HD12 sing N N 190 
ILE CD1 HD13 sing N N 191 
ILE OXT HXT  sing N N 192 
LEU N   CA   sing N N 193 
LEU N   H    sing N N 194 
LEU N   H2   sing N N 195 
LEU CA  C    sing N N 196 
LEU CA  CB   sing N N 197 
LEU CA  HA   sing N N 198 
LEU C   O    doub N N 199 
LEU C   OXT  sing N N 200 
LEU CB  CG   sing N N 201 
LEU CB  HB2  sing N N 202 
LEU CB  HB3  sing N N 203 
LEU CG  CD1  sing N N 204 
LEU CG  CD2  sing N N 205 
LEU CG  HG   sing N N 206 
LEU CD1 HD11 sing N N 207 
LEU CD1 HD12 sing N N 208 
LEU CD1 HD13 sing N N 209 
LEU CD2 HD21 sing N N 210 
LEU CD2 HD22 sing N N 211 
LEU CD2 HD23 sing N N 212 
LEU OXT HXT  sing N N 213 
LYS N   CA   sing N N 214 
LYS N   H    sing N N 215 
LYS N   H2   sing N N 216 
LYS CA  C    sing N N 217 
LYS CA  CB   sing N N 218 
LYS CA  HA   sing N N 219 
LYS C   O    doub N N 220 
LYS C   OXT  sing N N 221 
LYS CB  CG   sing N N 222 
LYS CB  HB2  sing N N 223 
LYS CB  HB3  sing N N 224 
LYS CG  CD   sing N N 225 
LYS CG  HG2  sing N N 226 
LYS CG  HG3  sing N N 227 
LYS CD  CE   sing N N 228 
LYS CD  HD2  sing N N 229 
LYS CD  HD3  sing N N 230 
LYS CE  NZ   sing N N 231 
LYS CE  HE2  sing N N 232 
LYS CE  HE3  sing N N 233 
LYS NZ  HZ1  sing N N 234 
LYS NZ  HZ2  sing N N 235 
LYS NZ  HZ3  sing N N 236 
LYS OXT HXT  sing N N 237 
MET N   CA   sing N N 238 
MET N   H    sing N N 239 
MET N   H2   sing N N 240 
MET CA  C    sing N N 241 
MET CA  CB   sing N N 242 
MET CA  HA   sing N N 243 
MET C   O    doub N N 244 
MET C   OXT  sing N N 245 
MET CB  CG   sing N N 246 
MET CB  HB2  sing N N 247 
MET CB  HB3  sing N N 248 
MET CG  SD   sing N N 249 
MET CG  HG2  sing N N 250 
MET CG  HG3  sing N N 251 
MET SD  CE   sing N N 252 
MET CE  HE1  sing N N 253 
MET CE  HE2  sing N N 254 
MET CE  HE3  sing N N 255 
MET OXT HXT  sing N N 256 
PHE N   CA   sing N N 257 
PHE N   H    sing N N 258 
PHE N   H2   sing N N 259 
PHE CA  C    sing N N 260 
PHE CA  CB   sing N N 261 
PHE CA  HA   sing N N 262 
PHE C   O    doub N N 263 
PHE C   OXT  sing N N 264 
PHE CB  CG   sing N N 265 
PHE CB  HB2  sing N N 266 
PHE CB  HB3  sing N N 267 
PHE CG  CD1  doub Y N 268 
PHE CG  CD2  sing Y N 269 
PHE CD1 CE1  sing Y N 270 
PHE CD1 HD1  sing N N 271 
PHE CD2 CE2  doub Y N 272 
PHE CD2 HD2  sing N N 273 
PHE CE1 CZ   doub Y N 274 
PHE CE1 HE1  sing N N 275 
PHE CE2 CZ   sing Y N 276 
PHE CE2 HE2  sing N N 277 
PHE CZ  HZ   sing N N 278 
PHE OXT HXT  sing N N 279 
PRO N   CA   sing N N 280 
PRO N   CD   sing N N 281 
PRO N   H    sing N N 282 
PRO CA  C    sing N N 283 
PRO CA  CB   sing N N 284 
PRO CA  HA   sing N N 285 
PRO C   O    doub N N 286 
PRO C   OXT  sing N N 287 
PRO CB  CG   sing N N 288 
PRO CB  HB2  sing N N 289 
PRO CB  HB3  sing N N 290 
PRO CG  CD   sing N N 291 
PRO CG  HG2  sing N N 292 
PRO CG  HG3  sing N N 293 
PRO CD  HD2  sing N N 294 
PRO CD  HD3  sing N N 295 
PRO OXT HXT  sing N N 296 
SER N   CA   sing N N 297 
SER N   H    sing N N 298 
SER N   H2   sing N N 299 
SER CA  C    sing N N 300 
SER CA  CB   sing N N 301 
SER CA  HA   sing N N 302 
SER C   O    doub N N 303 
SER C   OXT  sing N N 304 
SER CB  OG   sing N N 305 
SER CB  HB2  sing N N 306 
SER CB  HB3  sing N N 307 
SER OG  HG   sing N N 308 
SER OXT HXT  sing N N 309 
THR N   CA   sing N N 310 
THR N   H    sing N N 311 
THR N   H2   sing N N 312 
THR CA  C    sing N N 313 
THR CA  CB   sing N N 314 
THR CA  HA   sing N N 315 
THR C   O    doub N N 316 
THR C   OXT  sing N N 317 
THR CB  OG1  sing N N 318 
THR CB  CG2  sing N N 319 
THR CB  HB   sing N N 320 
THR OG1 HG1  sing N N 321 
THR CG2 HG21 sing N N 322 
THR CG2 HG22 sing N N 323 
THR CG2 HG23 sing N N 324 
THR OXT HXT  sing N N 325 
TRP N   CA   sing N N 326 
TRP N   H    sing N N 327 
TRP N   H2   sing N N 328 
TRP CA  C    sing N N 329 
TRP CA  CB   sing N N 330 
TRP CA  HA   sing N N 331 
TRP C   O    doub N N 332 
TRP C   OXT  sing N N 333 
TRP CB  CG   sing N N 334 
TRP CB  HB2  sing N N 335 
TRP CB  HB3  sing N N 336 
TRP CG  CD1  doub Y N 337 
TRP CG  CD2  sing Y N 338 
TRP CD1 NE1  sing Y N 339 
TRP CD1 HD1  sing N N 340 
TRP CD2 CE2  doub Y N 341 
TRP CD2 CE3  sing Y N 342 
TRP NE1 CE2  sing Y N 343 
TRP NE1 HE1  sing N N 344 
TRP CE2 CZ2  sing Y N 345 
TRP CE3 CZ3  doub Y N 346 
TRP CE3 HE3  sing N N 347 
TRP CZ2 CH2  doub Y N 348 
TRP CZ2 HZ2  sing N N 349 
TRP CZ3 CH2  sing Y N 350 
TRP CZ3 HZ3  sing N N 351 
TRP CH2 HH2  sing N N 352 
TRP OXT HXT  sing N N 353 
TYR N   CA   sing N N 354 
TYR N   H    sing N N 355 
TYR N   H2   sing N N 356 
TYR CA  C    sing N N 357 
TYR CA  CB   sing N N 358 
TYR CA  HA   sing N N 359 
TYR C   O    doub N N 360 
TYR C   OXT  sing N N 361 
TYR CB  CG   sing N N 362 
TYR CB  HB2  sing N N 363 
TYR CB  HB3  sing N N 364 
TYR CG  CD1  doub Y N 365 
TYR CG  CD2  sing Y N 366 
TYR CD1 CE1  sing Y N 367 
TYR CD1 HD1  sing N N 368 
TYR CD2 CE2  doub Y N 369 
TYR CD2 HD2  sing N N 370 
TYR CE1 CZ   doub Y N 371 
TYR CE1 HE1  sing N N 372 
TYR CE2 CZ   sing Y N 373 
TYR CE2 HE2  sing N N 374 
TYR CZ  OH   sing N N 375 
TYR OH  HH   sing N N 376 
TYR OXT HXT  sing N N 377 
VAL N   CA   sing N N 378 
VAL N   H    sing N N 379 
VAL N   H2   sing N N 380 
VAL CA  C    sing N N 381 
VAL CA  CB   sing N N 382 
VAL CA  HA   sing N N 383 
VAL C   O    doub N N 384 
VAL C   OXT  sing N N 385 
VAL CB  CG1  sing N N 386 
VAL CB  CG2  sing N N 387 
VAL CB  HB   sing N N 388 
VAL CG1 HG11 sing N N 389 
VAL CG1 HG12 sing N N 390 
VAL CG1 HG13 sing N N 391 
VAL CG2 HG21 sing N N 392 
VAL CG2 HG22 sing N N 393 
VAL CG2 HG23 sing N N 394 
VAL OXT HXT  sing N N 395 
# 
loop_
_pdbx_entity_nonpoly.entity_id 
_pdbx_entity_nonpoly.name 
_pdbx_entity_nonpoly.comp_id 
2 'ACETIC ACID' ACY 
3 GLYCEROL      GOL 
4 water         HOH 
# 
_pdbx_initial_refinement_model.id               1 
_pdbx_initial_refinement_model.entity_id_list   ? 
_pdbx_initial_refinement_model.type             'experimental model' 
_pdbx_initial_refinement_model.source_name      PDB 
_pdbx_initial_refinement_model.accession_code   3FKE 
_pdbx_initial_refinement_model.details          'PDB ENTRY 3FKE' 
# 
